data_5IR3
# 
_entry.id   5IR3 
# 
_audit_conform.dict_name       mmcif_pdbx.dic 
_audit_conform.dict_version    5.398 
_audit_conform.dict_location   http://mmcif.pdb.org/dictionaries/ascii/mmcif_pdbx.dic 
# 
loop_
_database_2.database_id 
_database_2.database_code 
_database_2.pdbx_database_accession 
_database_2.pdbx_DOI 
PDB   5IR3         pdb_00005ir3 10.2210/pdb5ir3/pdb 
WWPDB D_1000211439 ?            ?                   
# 
loop_
_pdbx_audit_revision_history.ordinal 
_pdbx_audit_revision_history.data_content_type 
_pdbx_audit_revision_history.major_revision 
_pdbx_audit_revision_history.minor_revision 
_pdbx_audit_revision_history.revision_date 
1 'Structure model' 1 0 2017-06-14 
2 'Structure model' 1 1 2017-09-27 
3 'Structure model' 1 2 2017-11-22 
4 'Structure model' 1 3 2023-09-27 
5 'Structure model' 1 4 2024-11-06 
# 
_pdbx_audit_revision_details.ordinal             1 
_pdbx_audit_revision_details.revision_ordinal    1 
_pdbx_audit_revision_details.data_content_type   'Structure model' 
_pdbx_audit_revision_details.provider            repository 
_pdbx_audit_revision_details.type                'Initial release' 
_pdbx_audit_revision_details.description         ? 
_pdbx_audit_revision_details.details             ? 
# 
loop_
_pdbx_audit_revision_group.ordinal 
_pdbx_audit_revision_group.revision_ordinal 
_pdbx_audit_revision_group.data_content_type 
_pdbx_audit_revision_group.group 
1 2 'Structure model' 'Database references'    
2 3 'Structure model' 'Database references'    
3 4 'Structure model' 'Data collection'        
4 4 'Structure model' 'Database references'    
5 4 'Structure model' 'Refinement description' 
6 5 'Structure model' 'Structure summary'      
# 
loop_
_pdbx_audit_revision_category.ordinal 
_pdbx_audit_revision_category.revision_ordinal 
_pdbx_audit_revision_category.data_content_type 
_pdbx_audit_revision_category.category 
1 2 'Structure model' citation                      
2 2 'Structure model' citation_author               
3 3 'Structure model' citation                      
4 4 'Structure model' chem_comp_atom                
5 4 'Structure model' chem_comp_bond                
6 4 'Structure model' database_2                    
7 4 'Structure model' pdbx_initial_refinement_model 
8 5 'Structure model' pdbx_entry_details            
9 5 'Structure model' pdbx_modification_feature     
# 
loop_
_pdbx_audit_revision_item.ordinal 
_pdbx_audit_revision_item.revision_ordinal 
_pdbx_audit_revision_item.data_content_type 
_pdbx_audit_revision_item.item 
1  2 'Structure model' '_citation.country'                   
2  2 'Structure model' '_citation.journal_abbrev'            
3  2 'Structure model' '_citation.journal_id_CSD'            
4  2 'Structure model' '_citation.journal_id_ISSN'           
5  2 'Structure model' '_citation.pdbx_database_id_DOI'      
6  2 'Structure model' '_citation.pdbx_database_id_PubMed'   
7  2 'Structure model' '_citation.title'                     
8  2 'Structure model' '_citation.year'                      
9  3 'Structure model' '_citation.journal_volume'            
10 3 'Structure model' '_citation.page_first'                
11 3 'Structure model' '_citation.page_last'                 
12 4 'Structure model' '_database_2.pdbx_DOI'                
13 4 'Structure model' '_database_2.pdbx_database_accession' 
# 
_pdbx_database_status.status_code                     REL 
_pdbx_database_status.status_code_sf                  REL 
_pdbx_database_status.status_code_mr                  ? 
_pdbx_database_status.entry_id                        5IR3 
_pdbx_database_status.recvd_initial_deposition_date   2016-03-11 
_pdbx_database_status.SG_entry                        N 
_pdbx_database_status.deposit_site                    RCSB 
_pdbx_database_status.process_site                    RCSB 
_pdbx_database_status.status_code_cs                  ? 
_pdbx_database_status.methods_development_category    ? 
_pdbx_database_status.pdb_format_compatible           Y 
_pdbx_database_status.status_code_nmr_data            ? 
# 
loop_
_pdbx_database_related.db_name 
_pdbx_database_related.details 
_pdbx_database_related.db_id 
_pdbx_database_related.content_type 
PDB . 3BDX unspecified 
PDB . 3B5G unspecified 
PDB . 5C9K unspecified 
PDB . 2W0K unspecified 
# 
loop_
_audit_author.name 
_audit_author.pdbx_ordinal 
'Hernandez-Santoyo, A.' 1 
'Rodriguez-Romero, A.'  2 
# 
loop_
_citation.abstract 
_citation.abstract_id_CAS 
_citation.book_id_ISBN 
_citation.book_publisher 
_citation.book_publisher_city 
_citation.book_title 
_citation.coordinate_linkage 
_citation.country 
_citation.database_id_Medline 
_citation.details 
_citation.id 
_citation.journal_abbrev 
_citation.journal_id_ASTM 
_citation.journal_id_CSD 
_citation.journal_id_ISSN 
_citation.journal_full 
_citation.journal_issue 
_citation.journal_volume 
_citation.language 
_citation.page_first 
_citation.page_last 
_citation.title 
_citation.year 
_citation.database_id_CSD 
_citation.pdbx_database_id_DOI 
_citation.pdbx_database_id_PubMed 
_citation.unpublished_flag 
? ? ? ? ? ? ? UK ? ? primary 'FEBS J.'       ?      ?    1742-4658 ? ? 284 ? 3702 3717 
'Stabilizing an amyloidogenic lambda 6 light chain variable domain.'                                                           
2017 ? 10.1111/febs.14265   28898537 ? 
? ? ? ? ? ? ? UK ? ? 1       'J. Mol. Biol.' JMOBAK 0070 1089-8638 ? ? 396 ? 280  292  
'A single mutation at the sheet switch region results in conformational changes favoring lambda6 light-chain fibrillogenesis.' 
2010 ? 10.1016/J.JMB.2009.1 19941869 ? 
# 
loop_
_citation_author.citation_id 
_citation_author.name 
_citation_author.ordinal 
_citation_author.identifier_ORCID 
primary 'Luna-Martinez, O.D.'      1  ? 
primary 'Hernandez-Santoyo, A.'    2  ? 
primary 'Villalba-Velazquez, M.I.' 3  ? 
primary 'Sanchez-Alcala, R.'       4  ? 
primary 'Fernandez-Velasco, D.A.'  5  ? 
primary 'Becerril, B.'             6  ? 
1       'Hernandez-Santoyo, A.'    7  ? 
1       'Del Pozo-Yauner, L.'      8  ? 
1       'Fuentes-Silva, D.'        9  ? 
1       'Ortiz, E.'                10 ? 
1       'Rudino-Pinera, E.'        11 ? 
1       'Sanchez-Lopez, R.'        12 ? 
1       'Horjales, E.'             13 ? 
1       'Becerril, B.'             14 ? 
1       'Rodriguez-Romero, A.'     15 ? 
# 
loop_
_entity.id 
_entity.type 
_entity.src_method 
_entity.pdbx_description 
_entity.formula_weight 
_entity.pdbx_number_of_molecules 
_entity.pdbx_ec 
_entity.pdbx_mutation 
_entity.pdbx_fragment 
_entity.details 
1 polymer     man 'Ig lambda chain V-VI region AR' 11926.821 1   ? ? ? ? 
2 non-polymer syn 'ACETATE ION'                    59.044    1   ? ? ? ? 
3 water       nat water                            18.015    156 ? ? ? ? 
# 
_entity_poly.entity_id                      1 
_entity_poly.type                           'polypeptide(L)' 
_entity_poly.nstd_linkage                   no 
_entity_poly.nstd_monomer                   no 
_entity_poly.pdbx_seq_one_letter_code       
;DFMLTQPHSVSESPGKTVTFSCTGSGGSIADSFVQWYQQRPGSAPTTVIYDDNQRPSGVPDRFSGSIDDSANSASLTISG
LKTEDEADYYCQSYNSNHHVVFGGGTKVTVLG
;
_entity_poly.pdbx_seq_one_letter_code_can   
;DFMLTQPHSVSESPGKTVTFSCTGSGGSIADSFVQWYQQRPGSAPTTVIYDDNQRPSGVPDRFSGSIDDSANSASLTISG
LKTEDEADYYCQSYNSNHHVVFGGGTKVTVLG
;
_entity_poly.pdbx_strand_id                 A 
_entity_poly.pdbx_target_identifier         ? 
# 
loop_
_pdbx_entity_nonpoly.entity_id 
_pdbx_entity_nonpoly.name 
_pdbx_entity_nonpoly.comp_id 
2 'ACETATE ION' ACT 
3 water         HOH 
# 
loop_
_entity_poly_seq.entity_id 
_entity_poly_seq.num 
_entity_poly_seq.mon_id 
_entity_poly_seq.hetero 
1 1   ASP n 
1 2   PHE n 
1 3   MET n 
1 4   LEU n 
1 5   THR n 
1 6   GLN n 
1 7   PRO n 
1 8   HIS n 
1 9   SER n 
1 10  VAL n 
1 11  SER n 
1 12  GLU n 
1 13  SER n 
1 14  PRO n 
1 15  GLY n 
1 16  LYS n 
1 17  THR n 
1 18  VAL n 
1 19  THR n 
1 20  PHE n 
1 21  SER n 
1 22  CYS n 
1 23  THR n 
1 24  GLY n 
1 25  SER n 
1 26  GLY n 
1 27  GLY n 
1 28  SER n 
1 29  ILE n 
1 30  ALA n 
1 31  ASP n 
1 32  SER n 
1 33  PHE n 
1 34  VAL n 
1 35  GLN n 
1 36  TRP n 
1 37  TYR n 
1 38  GLN n 
1 39  GLN n 
1 40  ARG n 
1 41  PRO n 
1 42  GLY n 
1 43  SER n 
1 44  ALA n 
1 45  PRO n 
1 46  THR n 
1 47  THR n 
1 48  VAL n 
1 49  ILE n 
1 50  TYR n 
1 51  ASP n 
1 52  ASP n 
1 53  ASN n 
1 54  GLN n 
1 55  ARG n 
1 56  PRO n 
1 57  SER n 
1 58  GLY n 
1 59  VAL n 
1 60  PRO n 
1 61  ASP n 
1 62  ARG n 
1 63  PHE n 
1 64  SER n 
1 65  GLY n 
1 66  SER n 
1 67  ILE n 
1 68  ASP n 
1 69  ASP n 
1 70  SER n 
1 71  ALA n 
1 72  ASN n 
1 73  SER n 
1 74  ALA n 
1 75  SER n 
1 76  LEU n 
1 77  THR n 
1 78  ILE n 
1 79  SER n 
1 80  GLY n 
1 81  LEU n 
1 82  LYS n 
1 83  THR n 
1 84  GLU n 
1 85  ASP n 
1 86  GLU n 
1 87  ALA n 
1 88  ASP n 
1 89  TYR n 
1 90  TYR n 
1 91  CYS n 
1 92  GLN n 
1 93  SER n 
1 94  TYR n 
1 95  ASN n 
1 96  SER n 
1 97  ASN n 
1 98  HIS n 
1 99  HIS n 
1 100 VAL n 
1 101 VAL n 
1 102 PHE n 
1 103 GLY n 
1 104 GLY n 
1 105 GLY n 
1 106 THR n 
1 107 LYS n 
1 108 VAL n 
1 109 THR n 
1 110 VAL n 
1 111 LEU n 
1 112 GLY n 
# 
_entity_src_gen.entity_id                          1 
_entity_src_gen.pdbx_src_id                        1 
_entity_src_gen.pdbx_alt_source_flag               sample 
_entity_src_gen.pdbx_seq_type                      'Biological sequence' 
_entity_src_gen.pdbx_beg_seq_num                   1 
_entity_src_gen.pdbx_end_seq_num                   112 
_entity_src_gen.gene_src_common_name               Human 
_entity_src_gen.gene_src_genus                     ? 
_entity_src_gen.pdbx_gene_src_gene                 ? 
_entity_src_gen.gene_src_species                   ? 
_entity_src_gen.gene_src_strain                    ? 
_entity_src_gen.gene_src_tissue                    ? 
_entity_src_gen.gene_src_tissue_fraction           ? 
_entity_src_gen.gene_src_details                   ? 
_entity_src_gen.pdbx_gene_src_fragment             ? 
_entity_src_gen.pdbx_gene_src_scientific_name      'Homo sapiens' 
_entity_src_gen.pdbx_gene_src_ncbi_taxonomy_id     9606 
_entity_src_gen.pdbx_gene_src_variant              ? 
_entity_src_gen.pdbx_gene_src_cell_line            ? 
_entity_src_gen.pdbx_gene_src_atcc                 ? 
_entity_src_gen.pdbx_gene_src_organ                ? 
_entity_src_gen.pdbx_gene_src_organelle            ? 
_entity_src_gen.pdbx_gene_src_cell                 ? 
_entity_src_gen.pdbx_gene_src_cellular_location    ? 
_entity_src_gen.host_org_common_name               ? 
_entity_src_gen.pdbx_host_org_scientific_name      'Escherichia coli' 
_entity_src_gen.pdbx_host_org_ncbi_taxonomy_id     562 
_entity_src_gen.host_org_genus                     ? 
_entity_src_gen.pdbx_host_org_gene                 ? 
_entity_src_gen.pdbx_host_org_organ                ? 
_entity_src_gen.host_org_species                   ? 
_entity_src_gen.pdbx_host_org_tissue               ? 
_entity_src_gen.pdbx_host_org_tissue_fraction      ? 
_entity_src_gen.pdbx_host_org_strain               W3110 
_entity_src_gen.pdbx_host_org_variant              ? 
_entity_src_gen.pdbx_host_org_cell_line            ? 
_entity_src_gen.pdbx_host_org_atcc                 ? 
_entity_src_gen.pdbx_host_org_culture_collection   ? 
_entity_src_gen.pdbx_host_org_cell                 ? 
_entity_src_gen.pdbx_host_org_organelle            ? 
_entity_src_gen.pdbx_host_org_cellular_location    ? 
_entity_src_gen.pdbx_host_org_vector_type          plasmid 
_entity_src_gen.pdbx_host_org_vector               ? 
_entity_src_gen.host_org_details                   ? 
_entity_src_gen.expression_system_id               ? 
_entity_src_gen.plasmid_name                       PSYN1 
_entity_src_gen.plasmid_details                    ? 
_entity_src_gen.pdbx_description                   ? 
# 
loop_
_chem_comp.id 
_chem_comp.type 
_chem_comp.mon_nstd_flag 
_chem_comp.name 
_chem_comp.pdbx_synonyms 
_chem_comp.formula 
_chem_comp.formula_weight 
ACT non-polymer         . 'ACETATE ION'   ? 'C2 H3 O2 -1'    59.044  
ALA 'L-peptide linking' y ALANINE         ? 'C3 H7 N O2'     89.093  
ARG 'L-peptide linking' y ARGININE        ? 'C6 H15 N4 O2 1' 175.209 
ASN 'L-peptide linking' y ASPARAGINE      ? 'C4 H8 N2 O3'    132.118 
ASP 'L-peptide linking' y 'ASPARTIC ACID' ? 'C4 H7 N O4'     133.103 
CYS 'L-peptide linking' y CYSTEINE        ? 'C3 H7 N O2 S'   121.158 
GLN 'L-peptide linking' y GLUTAMINE       ? 'C5 H10 N2 O3'   146.144 
GLU 'L-peptide linking' y 'GLUTAMIC ACID' ? 'C5 H9 N O4'     147.129 
GLY 'peptide linking'   y GLYCINE         ? 'C2 H5 N O2'     75.067  
HIS 'L-peptide linking' y HISTIDINE       ? 'C6 H10 N3 O2 1' 156.162 
HOH non-polymer         . WATER           ? 'H2 O'           18.015  
ILE 'L-peptide linking' y ISOLEUCINE      ? 'C6 H13 N O2'    131.173 
LEU 'L-peptide linking' y LEUCINE         ? 'C6 H13 N O2'    131.173 
LYS 'L-peptide linking' y LYSINE          ? 'C6 H15 N2 O2 1' 147.195 
MET 'L-peptide linking' y METHIONINE      ? 'C5 H11 N O2 S'  149.211 
PHE 'L-peptide linking' y PHENYLALANINE   ? 'C9 H11 N O2'    165.189 
PRO 'L-peptide linking' y PROLINE         ? 'C5 H9 N O2'     115.130 
SER 'L-peptide linking' y SERINE          ? 'C3 H7 N O3'     105.093 
THR 'L-peptide linking' y THREONINE       ? 'C4 H9 N O3'     119.119 
TRP 'L-peptide linking' y TRYPTOPHAN      ? 'C11 H12 N2 O2'  204.225 
TYR 'L-peptide linking' y TYROSINE        ? 'C9 H11 N O3'    181.189 
VAL 'L-peptide linking' y VALINE          ? 'C5 H11 N O2'    117.146 
# 
loop_
_pdbx_poly_seq_scheme.asym_id 
_pdbx_poly_seq_scheme.entity_id 
_pdbx_poly_seq_scheme.seq_id 
_pdbx_poly_seq_scheme.mon_id 
_pdbx_poly_seq_scheme.ndb_seq_num 
_pdbx_poly_seq_scheme.pdb_seq_num 
_pdbx_poly_seq_scheme.auth_seq_num 
_pdbx_poly_seq_scheme.pdb_mon_id 
_pdbx_poly_seq_scheme.auth_mon_id 
_pdbx_poly_seq_scheme.pdb_strand_id 
_pdbx_poly_seq_scheme.pdb_ins_code 
_pdbx_poly_seq_scheme.hetero 
A 1 1   ASP 1   1   1   ASP ASP A . n 
A 1 2   PHE 2   2   2   PHE PHE A . n 
A 1 3   MET 3   3   3   MET MET A . n 
A 1 4   LEU 4   4   4   LEU LEU A . n 
A 1 5   THR 5   5   5   THR THR A . n 
A 1 6   GLN 6   6   6   GLN GLN A . n 
A 1 7   PRO 7   7   7   PRO PRO A . n 
A 1 8   HIS 8   8   8   HIS HIS A . n 
A 1 9   SER 9   9   9   SER SER A . n 
A 1 10  VAL 10  10  10  VAL VAL A . n 
A 1 11  SER 11  11  11  SER SER A . n 
A 1 12  GLU 12  12  12  GLU GLU A . n 
A 1 13  SER 13  13  13  SER SER A . n 
A 1 14  PRO 14  14  14  PRO PRO A . n 
A 1 15  GLY 15  15  15  GLY GLY A . n 
A 1 16  LYS 16  16  16  LYS LYS A . n 
A 1 17  THR 17  17  17  THR THR A . n 
A 1 18  VAL 18  18  18  VAL VAL A . n 
A 1 19  THR 19  19  19  THR THR A . n 
A 1 20  PHE 20  20  20  PHE PHE A . n 
A 1 21  SER 21  21  21  SER SER A . n 
A 1 22  CYS 22  22  22  CYS CYS A . n 
A 1 23  THR 23  23  23  THR THR A . n 
A 1 24  GLY 24  24  24  GLY GLY A . n 
A 1 25  SER 25  25  25  SER SER A . n 
A 1 26  GLY 26  26  26  GLY GLY A . n 
A 1 27  GLY 27  27  27  GLY GLY A . n 
A 1 28  SER 28  28  28  SER SER A . n 
A 1 29  ILE 29  29  29  ILE ILE A . n 
A 1 30  ALA 30  30  30  ALA ALA A . n 
A 1 31  ASP 31  31  31  ASP ASP A . n 
A 1 32  SER 32  32  32  SER SER A . n 
A 1 33  PHE 33  33  33  PHE PHE A . n 
A 1 34  VAL 34  34  34  VAL VAL A . n 
A 1 35  GLN 35  35  35  GLN GLN A . n 
A 1 36  TRP 36  36  36  TRP TRP A . n 
A 1 37  TYR 37  37  37  TYR TYR A . n 
A 1 38  GLN 38  38  38  GLN GLN A . n 
A 1 39  GLN 39  39  39  GLN GLN A . n 
A 1 40  ARG 40  40  40  ARG ARG A . n 
A 1 41  PRO 41  41  41  PRO PRO A . n 
A 1 42  GLY 42  42  42  GLY GLY A . n 
A 1 43  SER 43  43  43  SER SER A . n 
A 1 44  ALA 44  44  44  ALA ALA A . n 
A 1 45  PRO 45  45  45  PRO PRO A . n 
A 1 46  THR 46  46  46  THR THR A . n 
A 1 47  THR 47  47  47  THR THR A . n 
A 1 48  VAL 48  48  48  VAL VAL A . n 
A 1 49  ILE 49  49  49  ILE ILE A . n 
A 1 50  TYR 50  50  50  TYR TYR A . n 
A 1 51  ASP 51  51  51  ASP ASP A . n 
A 1 52  ASP 52  52  52  ASP ASP A . n 
A 1 53  ASN 53  53  53  ASN ASN A . n 
A 1 54  GLN 54  54  54  GLN GLN A . n 
A 1 55  ARG 55  55  55  ARG ARG A . n 
A 1 56  PRO 56  56  56  PRO PRO A . n 
A 1 57  SER 57  57  57  SER SER A . n 
A 1 58  GLY 58  58  58  GLY GLY A . n 
A 1 59  VAL 59  59  59  VAL VAL A . n 
A 1 60  PRO 60  60  60  PRO PRO A . n 
A 1 61  ASP 61  61  61  ASP ASP A . n 
A 1 62  ARG 62  62  62  ARG ARG A . n 
A 1 63  PHE 63  63  63  PHE PHE A . n 
A 1 64  SER 64  64  64  SER SER A . n 
A 1 65  GLY 65  65  65  GLY GLY A . n 
A 1 66  SER 66  66  66  SER SER A . n 
A 1 67  ILE 67  67  67  ILE ILE A . n 
A 1 68  ASP 68  68  68  ASP ASP A . n 
A 1 69  ASP 69  69  69  ASP ASP A . n 
A 1 70  SER 70  70  70  SER SER A . n 
A 1 71  ALA 71  71  71  ALA ALA A . n 
A 1 72  ASN 72  72  72  ASN ASN A . n 
A 1 73  SER 73  73  73  SER SER A . n 
A 1 74  ALA 74  74  74  ALA ALA A . n 
A 1 75  SER 75  75  75  SER SER A . n 
A 1 76  LEU 76  76  76  LEU LEU A . n 
A 1 77  THR 77  77  77  THR THR A . n 
A 1 78  ILE 78  78  78  ILE ILE A . n 
A 1 79  SER 79  79  79  SER SER A . n 
A 1 80  GLY 80  80  80  GLY GLY A . n 
A 1 81  LEU 81  81  81  LEU LEU A . n 
A 1 82  LYS 82  82  82  LYS LYS A . n 
A 1 83  THR 83  83  83  THR THR A . n 
A 1 84  GLU 84  84  84  GLU GLU A . n 
A 1 85  ASP 85  85  85  ASP ASP A . n 
A 1 86  GLU 86  86  86  GLU GLU A . n 
A 1 87  ALA 87  87  87  ALA ALA A . n 
A 1 88  ASP 88  88  88  ASP ASP A . n 
A 1 89  TYR 89  89  89  TYR TYR A . n 
A 1 90  TYR 90  90  90  TYR TYR A . n 
A 1 91  CYS 91  91  91  CYS CYS A . n 
A 1 92  GLN 92  92  92  GLN GLN A . n 
A 1 93  SER 93  93  93  SER SER A . n 
A 1 94  TYR 94  94  94  TYR TYR A . n 
A 1 95  ASN 95  95  95  ASN ASN A . n 
A 1 96  SER 96  96  96  SER SER A . n 
A 1 97  ASN 97  97  97  ASN ASN A . n 
A 1 98  HIS 98  98  98  HIS HIS A . n 
A 1 99  HIS 99  99  99  HIS HIS A . n 
A 1 100 VAL 100 100 100 VAL VAL A . n 
A 1 101 VAL 101 101 101 VAL VAL A . n 
A 1 102 PHE 102 102 102 PHE PHE A . n 
A 1 103 GLY 103 103 103 GLY GLY A . n 
A 1 104 GLY 104 104 104 GLY GLY A . n 
A 1 105 GLY 105 105 105 GLY GLY A . n 
A 1 106 THR 106 106 106 THR THR A . n 
A 1 107 LYS 107 107 107 LYS LYS A . n 
A 1 108 VAL 108 108 108 VAL VAL A . n 
A 1 109 THR 109 109 109 THR THR A . n 
A 1 110 VAL 110 110 110 VAL VAL A . n 
A 1 111 LEU 111 111 111 LEU LEU A . n 
A 1 112 GLY 112 112 ?   ?   ?   A . n 
# 
loop_
_pdbx_nonpoly_scheme.asym_id 
_pdbx_nonpoly_scheme.entity_id 
_pdbx_nonpoly_scheme.mon_id 
_pdbx_nonpoly_scheme.ndb_seq_num 
_pdbx_nonpoly_scheme.pdb_seq_num 
_pdbx_nonpoly_scheme.auth_seq_num 
_pdbx_nonpoly_scheme.pdb_mon_id 
_pdbx_nonpoly_scheme.auth_mon_id 
_pdbx_nonpoly_scheme.pdb_strand_id 
_pdbx_nonpoly_scheme.pdb_ins_code 
B 2 ACT 1   201 201 ACT ACT A . 
C 3 HOH 1   301 301 HOH HOH A . 
C 3 HOH 2   302 302 HOH HOH A . 
C 3 HOH 3   303 303 HOH HOH A . 
C 3 HOH 4   304 304 HOH HOH A . 
C 3 HOH 5   305 305 HOH HOH A . 
C 3 HOH 6   306 306 HOH HOH A . 
C 3 HOH 7   307 307 HOH HOH A . 
C 3 HOH 8   308 308 HOH HOH A . 
C 3 HOH 9   309 309 HOH HOH A . 
C 3 HOH 10  310 310 HOH HOH A . 
C 3 HOH 11  311 311 HOH HOH A . 
C 3 HOH 12  312 312 HOH HOH A . 
C 3 HOH 13  313 313 HOH HOH A . 
C 3 HOH 14  314 314 HOH HOH A . 
C 3 HOH 15  315 315 HOH HOH A . 
C 3 HOH 16  316 316 HOH HOH A . 
C 3 HOH 17  317 317 HOH HOH A . 
C 3 HOH 18  318 318 HOH HOH A . 
C 3 HOH 19  319 319 HOH HOH A . 
C 3 HOH 20  320 320 HOH HOH A . 
C 3 HOH 21  321 321 HOH HOH A . 
C 3 HOH 22  322 322 HOH HOH A . 
C 3 HOH 23  323 323 HOH HOH A . 
C 3 HOH 24  324 324 HOH HOH A . 
C 3 HOH 25  325 325 HOH HOH A . 
C 3 HOH 26  326 326 HOH HOH A . 
C 3 HOH 27  327 327 HOH HOH A . 
C 3 HOH 28  328 328 HOH HOH A . 
C 3 HOH 29  329 329 HOH HOH A . 
C 3 HOH 30  330 330 HOH HOH A . 
C 3 HOH 31  331 331 HOH HOH A . 
C 3 HOH 32  332 332 HOH HOH A . 
C 3 HOH 33  333 333 HOH HOH A . 
C 3 HOH 34  334 334 HOH HOH A . 
C 3 HOH 35  335 335 HOH HOH A . 
C 3 HOH 36  336 336 HOH HOH A . 
C 3 HOH 37  337 337 HOH HOH A . 
C 3 HOH 38  338 338 HOH HOH A . 
C 3 HOH 39  339 339 HOH HOH A . 
C 3 HOH 40  340 340 HOH HOH A . 
C 3 HOH 41  341 341 HOH HOH A . 
C 3 HOH 42  342 342 HOH HOH A . 
C 3 HOH 43  343 343 HOH HOH A . 
C 3 HOH 44  344 344 HOH HOH A . 
C 3 HOH 45  345 345 HOH HOH A . 
C 3 HOH 46  346 346 HOH HOH A . 
C 3 HOH 47  347 347 HOH HOH A . 
C 3 HOH 48  348 348 HOH HOH A . 
C 3 HOH 49  349 349 HOH HOH A . 
C 3 HOH 50  350 350 HOH HOH A . 
C 3 HOH 51  351 351 HOH HOH A . 
C 3 HOH 52  352 352 HOH HOH A . 
C 3 HOH 53  353 353 HOH HOH A . 
C 3 HOH 54  354 354 HOH HOH A . 
C 3 HOH 55  355 355 HOH HOH A . 
C 3 HOH 56  356 356 HOH HOH A . 
C 3 HOH 57  357 357 HOH HOH A . 
C 3 HOH 58  358 358 HOH HOH A . 
C 3 HOH 59  359 359 HOH HOH A . 
C 3 HOH 60  360 360 HOH HOH A . 
C 3 HOH 61  361 361 HOH HOH A . 
C 3 HOH 62  362 362 HOH HOH A . 
C 3 HOH 63  363 363 HOH HOH A . 
C 3 HOH 64  364 364 HOH HOH A . 
C 3 HOH 65  365 365 HOH HOH A . 
C 3 HOH 66  366 366 HOH HOH A . 
C 3 HOH 67  367 367 HOH HOH A . 
C 3 HOH 68  368 368 HOH HOH A . 
C 3 HOH 69  369 369 HOH HOH A . 
C 3 HOH 70  370 370 HOH HOH A . 
C 3 HOH 71  371 371 HOH HOH A . 
C 3 HOH 72  372 372 HOH HOH A . 
C 3 HOH 73  373 373 HOH HOH A . 
C 3 HOH 74  374 374 HOH HOH A . 
C 3 HOH 75  375 375 HOH HOH A . 
C 3 HOH 76  376 376 HOH HOH A . 
C 3 HOH 77  377 377 HOH HOH A . 
C 3 HOH 78  378 378 HOH HOH A . 
C 3 HOH 79  379 379 HOH HOH A . 
C 3 HOH 80  380 380 HOH HOH A . 
C 3 HOH 81  381 381 HOH HOH A . 
C 3 HOH 82  382 382 HOH HOH A . 
C 3 HOH 83  383 383 HOH HOH A . 
C 3 HOH 84  384 384 HOH HOH A . 
C 3 HOH 85  385 385 HOH HOH A . 
C 3 HOH 86  386 386 HOH HOH A . 
C 3 HOH 87  387 387 HOH HOH A . 
C 3 HOH 88  388 388 HOH HOH A . 
C 3 HOH 89  389 389 HOH HOH A . 
C 3 HOH 90  390 390 HOH HOH A . 
C 3 HOH 91  391 391 HOH HOH A . 
C 3 HOH 92  392 392 HOH HOH A . 
C 3 HOH 93  393 393 HOH HOH A . 
C 3 HOH 94  394 394 HOH HOH A . 
C 3 HOH 95  395 395 HOH HOH A . 
C 3 HOH 96  396 396 HOH HOH A . 
C 3 HOH 97  397 397 HOH HOH A . 
C 3 HOH 98  398 398 HOH HOH A . 
C 3 HOH 99  399 399 HOH HOH A . 
C 3 HOH 100 400 400 HOH HOH A . 
C 3 HOH 101 401 401 HOH HOH A . 
C 3 HOH 102 402 402 HOH HOH A . 
C 3 HOH 103 403 403 HOH HOH A . 
C 3 HOH 104 404 404 HOH HOH A . 
C 3 HOH 105 405 405 HOH HOH A . 
C 3 HOH 106 406 406 HOH HOH A . 
C 3 HOH 107 407 407 HOH HOH A . 
C 3 HOH 108 408 408 HOH HOH A . 
C 3 HOH 109 409 409 HOH HOH A . 
C 3 HOH 110 410 410 HOH HOH A . 
C 3 HOH 111 411 411 HOH HOH A . 
C 3 HOH 112 412 412 HOH HOH A . 
C 3 HOH 113 413 413 HOH HOH A . 
C 3 HOH 114 414 414 HOH HOH A . 
C 3 HOH 115 415 415 HOH HOH A . 
C 3 HOH 116 416 416 HOH HOH A . 
C 3 HOH 117 417 417 HOH HOH A . 
C 3 HOH 118 418 418 HOH HOH A . 
C 3 HOH 119 419 419 HOH HOH A . 
C 3 HOH 120 420 420 HOH HOH A . 
C 3 HOH 121 421 421 HOH HOH A . 
C 3 HOH 122 422 422 HOH HOH A . 
C 3 HOH 123 423 423 HOH HOH A . 
C 3 HOH 124 424 424 HOH HOH A . 
C 3 HOH 125 425 425 HOH HOH A . 
C 3 HOH 126 426 426 HOH HOH A . 
C 3 HOH 127 427 427 HOH HOH A . 
C 3 HOH 128 428 428 HOH HOH A . 
C 3 HOH 129 429 429 HOH HOH A . 
C 3 HOH 130 430 430 HOH HOH A . 
C 3 HOH 131 431 431 HOH HOH A . 
C 3 HOH 132 432 432 HOH HOH A . 
C 3 HOH 133 433 433 HOH HOH A . 
C 3 HOH 134 434 434 HOH HOH A . 
C 3 HOH 135 435 435 HOH HOH A . 
C 3 HOH 136 436 436 HOH HOH A . 
C 3 HOH 137 437 437 HOH HOH A . 
C 3 HOH 138 438 438 HOH HOH A . 
C 3 HOH 139 439 439 HOH HOH A . 
C 3 HOH 140 440 440 HOH HOH A . 
C 3 HOH 141 441 441 HOH HOH A . 
C 3 HOH 142 442 442 HOH HOH A . 
C 3 HOH 143 443 443 HOH HOH A . 
C 3 HOH 144 444 444 HOH HOH A . 
C 3 HOH 145 445 445 HOH HOH A . 
C 3 HOH 146 446 446 HOH HOH A . 
C 3 HOH 147 447 447 HOH HOH A . 
C 3 HOH 148 448 448 HOH HOH A . 
C 3 HOH 149 449 449 HOH HOH A . 
C 3 HOH 150 450 450 HOH HOH A . 
C 3 HOH 151 451 451 HOH HOH A . 
C 3 HOH 152 452 452 HOH HOH A . 
C 3 HOH 153 453 453 HOH HOH A . 
C 3 HOH 154 454 454 HOH HOH A . 
C 3 HOH 155 455 455 HOH HOH A . 
C 3 HOH 156 456 456 HOH HOH A . 
# 
loop_
_software.citation_id 
_software.classification 
_software.compiler_name 
_software.compiler_version 
_software.contact_author 
_software.contact_author_email 
_software.date 
_software.description 
_software.dependencies 
_software.hardware 
_software.language 
_software.location 
_software.mods 
_software.name 
_software.os 
_software.os_version 
_software.type 
_software.version 
_software.pdbx_ordinal 
? refinement       ? ? ? ? ? ? ? ? ? ? ? PHENIX ? ? ? '(DEV_2313)' 1 
? 'data reduction' ? ? ? ? ? ? ? ? ? ? ? XDS    ? ? ? .            2 
? 'data scaling'   ? ? ? ? ? ? ? ? ? ? ? SCALA  ? ? ? .            3 
? phasing          ? ? ? ? ? ? ? ? ? ? ? PHASER ? ? ? .            4 
# 
_cell.entry_id           5IR3 
_cell.length_a           71.121 
_cell.length_b           71.121 
_cell.length_c           96.453 
_cell.angle_alpha        90.00 
_cell.angle_beta         90.00 
_cell.angle_gamma        90.00 
_cell.Z_PDB              16 
_cell.pdbx_unique_axis   ? 
# 
_symmetry.entry_id                         5IR3 
_symmetry.space_group_name_H-M             'I 41 2 2' 
_symmetry.pdbx_full_space_group_name_H-M   ? 
_symmetry.cell_setting                     ? 
_symmetry.Int_Tables_number                98 
# 
_exptl.absorpt_coefficient_mu     ? 
_exptl.absorpt_correction_T_max   ? 
_exptl.absorpt_correction_T_min   ? 
_exptl.absorpt_correction_type    ? 
_exptl.absorpt_process_details    ? 
_exptl.entry_id                   5IR3 
_exptl.crystals_number            1 
_exptl.details                    ? 
_exptl.method                     'X-RAY DIFFRACTION' 
_exptl.method_details             ? 
# 
_exptl_crystal.colour                      ? 
_exptl_crystal.density_diffrn              ? 
_exptl_crystal.density_Matthews            2.43 
_exptl_crystal.density_method              ? 
_exptl_crystal.density_percent_sol         49.5 
_exptl_crystal.description                 ? 
_exptl_crystal.F_000                       ? 
_exptl_crystal.id                          1 
_exptl_crystal.preparation                 ? 
_exptl_crystal.size_max                    ? 
_exptl_crystal.size_mid                    ? 
_exptl_crystal.size_min                    ? 
_exptl_crystal.size_rad                    ? 
_exptl_crystal.colour_lustre               ? 
_exptl_crystal.colour_modifier             ? 
_exptl_crystal.colour_primary              ? 
_exptl_crystal.density_meas                ? 
_exptl_crystal.density_meas_esd            ? 
_exptl_crystal.density_meas_gt             ? 
_exptl_crystal.density_meas_lt             ? 
_exptl_crystal.density_meas_temp           ? 
_exptl_crystal.density_meas_temp_esd       ? 
_exptl_crystal.density_meas_temp_gt        ? 
_exptl_crystal.density_meas_temp_lt        ? 
_exptl_crystal.pdbx_crystal_image_url      ? 
_exptl_crystal.pdbx_crystal_image_format   ? 
_exptl_crystal.pdbx_mosaicity              ? 
_exptl_crystal.pdbx_mosaicity_esd          ? 
# 
_exptl_crystal_grow.apparatus       ? 
_exptl_crystal_grow.atmosphere      ? 
_exptl_crystal_grow.crystal_id      1 
_exptl_crystal_grow.details         ? 
_exptl_crystal_grow.method          'VAPOR DIFFUSION, HANGING DROP' 
_exptl_crystal_grow.method_ref      ? 
_exptl_crystal_grow.pH              7.0 
_exptl_crystal_grow.pressure        ? 
_exptl_crystal_grow.pressure_esd    ? 
_exptl_crystal_grow.seeding         ? 
_exptl_crystal_grow.seeding_ref     ? 
_exptl_crystal_grow.temp            291 
_exptl_crystal_grow.temp_details    ? 
_exptl_crystal_grow.temp_esd        ? 
_exptl_crystal_grow.time            ? 
_exptl_crystal_grow.pdbx_details    '0.1M Sodium cacodylate pH 6.5; 1.4M Sodium acetate' 
_exptl_crystal_grow.pdbx_pH_range   6.5-7.0 
# 
_diffrn.ambient_environment    ? 
_diffrn.ambient_temp           105 
_diffrn.ambient_temp_details   ? 
_diffrn.ambient_temp_esd       ? 
_diffrn.crystal_id             1 
_diffrn.crystal_support        ? 
_diffrn.crystal_treatment      ? 
_diffrn.details                ? 
_diffrn.id                     1 
_diffrn.ambient_pressure       ? 
_diffrn.ambient_pressure_esd   ? 
_diffrn.ambient_pressure_gt    ? 
_diffrn.ambient_pressure_lt    ? 
_diffrn.ambient_temp_gt        ? 
_diffrn.ambient_temp_lt        ? 
# 
_diffrn_detector.details                      ? 
_diffrn_detector.detector                     'IMAGE PLATE' 
_diffrn_detector.diffrn_id                    1 
_diffrn_detector.type                         'RIGAKU RAXIS IV++' 
_diffrn_detector.area_resol_mean              ? 
_diffrn_detector.dtime                        ? 
_diffrn_detector.pdbx_frames_total            ? 
_diffrn_detector.pdbx_collection_time_total   ? 
_diffrn_detector.pdbx_collection_date         2014-03-28 
# 
_diffrn_radiation.collimation                      ? 
_diffrn_radiation.diffrn_id                        1 
_diffrn_radiation.filter_edge                      ? 
_diffrn_radiation.inhomogeneity                    ? 
_diffrn_radiation.monochromator                    ? 
_diffrn_radiation.polarisn_norm                    ? 
_diffrn_radiation.polarisn_ratio                   ? 
_diffrn_radiation.probe                            ? 
_diffrn_radiation.type                             ? 
_diffrn_radiation.xray_symbol                      ? 
_diffrn_radiation.wavelength_id                    1 
_diffrn_radiation.pdbx_monochromatic_or_laue_m_l   M 
_diffrn_radiation.pdbx_wavelength_list             ? 
_diffrn_radiation.pdbx_wavelength                  ? 
_diffrn_radiation.pdbx_diffrn_protocol             'SINGLE WAVELENGTH' 
_diffrn_radiation.pdbx_analyzer                    ? 
_diffrn_radiation.pdbx_scattering_type             x-ray 
# 
_diffrn_radiation_wavelength.id           1 
_diffrn_radiation_wavelength.wavelength   1.54 
_diffrn_radiation_wavelength.wt           1.0 
# 
_diffrn_source.current                     ? 
_diffrn_source.details                     ? 
_diffrn_source.diffrn_id                   1 
_diffrn_source.power                       ? 
_diffrn_source.size                        ? 
_diffrn_source.source                      'ROTATING ANODE' 
_diffrn_source.target                      ? 
_diffrn_source.type                        'RIGAKU MICROMAX-007' 
_diffrn_source.voltage                     ? 
_diffrn_source.take-off_angle              ? 
_diffrn_source.pdbx_wavelength_list        1.54 
_diffrn_source.pdbx_wavelength             ? 
_diffrn_source.pdbx_synchrotron_beamline   ? 
_diffrn_source.pdbx_synchrotron_site       ? 
# 
_reflns.pdbx_diffrn_id               1 
_reflns.pdbx_ordinal                 1 
_reflns.entry_id                     5IR3 
_reflns.observed_criterion_sigma_I   ? 
_reflns.observed_criterion_sigma_F   ? 
_reflns.d_resolution_low             34.810 
_reflns.d_resolution_high            1.700 
_reflns.number_obs                   13830 
_reflns.number_all                   ? 
_reflns.percent_possible_obs         99.4 
_reflns.pdbx_Rmerge_I_obs            0.08900 
_reflns.pdbx_Rsym_value              ? 
_reflns.pdbx_netI_over_sigmaI        11.3000 
_reflns.B_iso_Wilson_estimate        12.20 
_reflns.pdbx_redundancy              4.300 
# 
_reflns_shell.pdbx_diffrn_id         1 
_reflns_shell.pdbx_ordinal           1 
_reflns_shell.d_res_high             1.70 
_reflns_shell.d_res_low              1.77 
_reflns_shell.percent_possible_all   99.4 
_reflns_shell.Rmerge_I_obs           0.48600 
_reflns_shell.pdbx_Rsym_value        ? 
_reflns_shell.meanI_over_sigI_obs    3.300 
_reflns_shell.pdbx_redundancy        4.30 
# 
_refine.pdbx_refine_id                           'X-RAY DIFFRACTION' 
_refine.entry_id                                 5IR3 
_refine.pdbx_diffrn_id                           1 
_refine.pdbx_TLS_residual_ADP_flag               ? 
_refine.ls_number_reflns_obs                     13829 
_refine.ls_number_reflns_all                     ? 
_refine.pdbx_ls_sigma_I                          ? 
_refine.pdbx_ls_sigma_F                          0.250 
_refine.pdbx_data_cutoff_high_absF               ? 
_refine.pdbx_data_cutoff_low_absF                ? 
_refine.pdbx_data_cutoff_high_rms_absF           ? 
_refine.ls_d_res_low                             34.81 
_refine.ls_d_res_high                            1.70 
_refine.ls_percent_reflns_obs                    99.1 
_refine.ls_R_factor_obs                          0.176 
_refine.ls_R_factor_all                          ? 
_refine.ls_R_factor_R_work                       0.174 
_refine.ls_R_factor_R_free                       0.207 
_refine.ls_R_factor_R_free_error                 ? 
_refine.ls_R_factor_R_free_error_details         ? 
_refine.ls_percent_reflns_R_free                 4.710 
_refine.ls_number_reflns_R_free                  651 
_refine.ls_number_parameters                     ? 
_refine.ls_number_restraints                     ? 
_refine.occupancy_min                            ? 
_refine.occupancy_max                            ? 
_refine.correlation_coeff_Fo_to_Fc               ? 
_refine.correlation_coeff_Fo_to_Fc_free          ? 
_refine.B_iso_mean                               ? 
_refine.aniso_B[1][1]                            ? 
_refine.aniso_B[2][2]                            ? 
_refine.aniso_B[3][3]                            ? 
_refine.aniso_B[1][2]                            ? 
_refine.aniso_B[1][3]                            ? 
_refine.aniso_B[2][3]                            ? 
_refine.solvent_model_details                    ? 
_refine.solvent_model_param_ksol                 ? 
_refine.solvent_model_param_bsol                 ? 
_refine.pdbx_solvent_vdw_probe_radii             1.11 
_refine.pdbx_solvent_ion_probe_radii             ? 
_refine.pdbx_solvent_shrinkage_radii             0.90 
_refine.pdbx_ls_cross_valid_method               THROUGHOUT 
_refine.details                                  ? 
_refine.pdbx_starting_model                      3B5G 
_refine.pdbx_method_to_determine_struct          'MOLECULAR REPLACEMENT' 
_refine.pdbx_isotropic_thermal_model             ? 
_refine.pdbx_stereochemistry_target_values       ? 
_refine.pdbx_stereochem_target_val_spec_case     ? 
_refine.pdbx_R_Free_selection_details            RANDOM 
_refine.pdbx_overall_ESU_R                       ? 
_refine.pdbx_overall_ESU_R_Free                  ? 
_refine.overall_SU_ML                            0.190 
_refine.pdbx_overall_phase_error                 20.790 
_refine.overall_SU_B                             ? 
_refine.overall_SU_R_Cruickshank_DPI             ? 
_refine.pdbx_overall_SU_R_free_Cruickshank_DPI   ? 
_refine.pdbx_overall_SU_R_Blow_DPI               ? 
_refine.pdbx_overall_SU_R_free_Blow_DPI          ? 
# 
_refine_hist.pdbx_refine_id                   'X-RAY DIFFRACTION' 
_refine_hist.cycle_id                         LAST 
_refine_hist.pdbx_number_atoms_protein        834 
_refine_hist.pdbx_number_atoms_nucleic_acid   0 
_refine_hist.pdbx_number_atoms_ligand         4 
_refine_hist.number_atoms_solvent             156 
_refine_hist.number_atoms_total               994 
_refine_hist.d_res_high                       1.70 
_refine_hist.d_res_low                        34.81 
# 
loop_
_refine_ls_restr.type 
_refine_ls_restr.dev_ideal 
_refine_ls_restr.dev_ideal_target 
_refine_ls_restr.weight 
_refine_ls_restr.number 
_refine_ls_restr.pdbx_refine_id 
_refine_ls_restr.pdbx_restraint_function 
f_bond_d           0.006  ? ? 918  'X-RAY DIFFRACTION' ? 
f_angle_d          0.971  ? ? 1267 'X-RAY DIFFRACTION' ? 
f_dihedral_angle_d 17.451 ? ? 340  'X-RAY DIFFRACTION' ? 
f_chiral_restr     0.098  ? ? 140  'X-RAY DIFFRACTION' ? 
f_plane_restr      0.006  ? ? 170  'X-RAY DIFFRACTION' ? 
# 
loop_
_refine_ls_shell.pdbx_refine_id 
_refine_ls_shell.pdbx_total_number_of_bins_used 
_refine_ls_shell.d_res_high 
_refine_ls_shell.d_res_low 
_refine_ls_shell.number_reflns_R_work 
_refine_ls_shell.R_factor_R_work 
_refine_ls_shell.percent_reflns_obs 
_refine_ls_shell.R_factor_R_free 
_refine_ls_shell.R_factor_R_free_error 
_refine_ls_shell.percent_reflns_R_free 
_refine_ls_shell.number_reflns_R_free 
_refine_ls_shell.number_reflns_all 
_refine_ls_shell.R_factor_all 
'X-RAY DIFFRACTION' . 1.7003 1.8316  2587 0.2413 100.00 0.2782 . . 135 . . 
'X-RAY DIFFRACTION' . 1.8316 2.0159  2598 0.1991 99.00  0.2217 . . 133 . . 
'X-RAY DIFFRACTION' . 2.0159 2.3076  2618 0.1746 100.00 0.2519 . . 128 . . 
'X-RAY DIFFRACTION' . 2.3076 2.9071  2656 0.1732 100.00 0.2079 . . 127 . . 
'X-RAY DIFFRACTION' . 2.9071 34.8153 2719 0.1528 97.00  0.1708 . . 128 . . 
# 
_struct.entry_id                     5IR3 
_struct.title                        
;Crystal structure of the recombinant highest fibrillogenic natural mutant (obtained from patient AR) derived from lambda 6 light chain variable domain
;
_struct.pdbx_model_details           ? 
_struct.pdbx_formula_weight          ? 
_struct.pdbx_formula_weight_method   ? 
_struct.pdbx_model_type_details      ? 
_struct.pdbx_CASP_flag               ? 
# 
_struct_keywords.entry_id        5IR3 
_struct_keywords.text            'BETA-SANDWICH, IMMUNOGLOBULIN, AL AMYLOIDOSIS, IMMUNE SYSTEM' 
_struct_keywords.pdbx_keywords   'IMMUNE SYSTEM' 
# 
loop_
_struct_asym.id 
_struct_asym.pdbx_blank_PDB_chainid_flag 
_struct_asym.pdbx_modified 
_struct_asym.entity_id 
_struct_asym.details 
A N N 1 ? 
B N N 2 ? 
C N N 3 ? 
# 
_struct_ref.id                         1 
_struct_ref.db_name                    UNP 
_struct_ref.db_code                    LV601_HUMAN 
_struct_ref.pdbx_db_accession          P01721 
_struct_ref.pdbx_db_isoform            ? 
_struct_ref.entity_id                  1 
_struct_ref.pdbx_seq_one_letter_code   
;DFMLTQPHSVSESPGKTVTFSCTGSGGSIADSFVQWYQQRPGSAPTTVIYDDNQRPSGVPDRFSGSIDDSANSASLTISG
LKTEDEADYYCQSYNSNHHVVFGGGTKVTVLG
;
_struct_ref.pdbx_align_begin           1 
# 
_struct_ref_seq.align_id                      1 
_struct_ref_seq.ref_id                        1 
_struct_ref_seq.pdbx_PDB_id_code              5IR3 
_struct_ref_seq.pdbx_strand_id                A 
_struct_ref_seq.seq_align_beg                 1 
_struct_ref_seq.pdbx_seq_align_beg_ins_code   ? 
_struct_ref_seq.seq_align_end                 112 
_struct_ref_seq.pdbx_seq_align_end_ins_code   ? 
_struct_ref_seq.pdbx_db_accession             P01721 
_struct_ref_seq.db_align_beg                  1 
_struct_ref_seq.pdbx_db_align_beg_ins_code    ? 
_struct_ref_seq.db_align_end                  112 
_struct_ref_seq.pdbx_db_align_end_ins_code    ? 
_struct_ref_seq.pdbx_auth_seq_align_beg       1 
_struct_ref_seq.pdbx_auth_seq_align_end       112 
# 
_pdbx_struct_assembly.id                   1 
_pdbx_struct_assembly.details              author_and_software_defined_assembly 
_pdbx_struct_assembly.method_details       PISA 
_pdbx_struct_assembly.oligomeric_details   monomeric 
_pdbx_struct_assembly.oligomeric_count     1 
# 
_pdbx_struct_assembly_gen.assembly_id       1 
_pdbx_struct_assembly_gen.oper_expression   1 
_pdbx_struct_assembly_gen.asym_id_list      A,B,C 
# 
_pdbx_struct_oper_list.id                   1 
_pdbx_struct_oper_list.type                 'identity operation' 
_pdbx_struct_oper_list.name                 1_555 
_pdbx_struct_oper_list.symmetry_operation   x,y,z 
_pdbx_struct_oper_list.matrix[1][1]         1.0000000000 
_pdbx_struct_oper_list.matrix[1][2]         0.0000000000 
_pdbx_struct_oper_list.matrix[1][3]         0.0000000000 
_pdbx_struct_oper_list.vector[1]            0.0000000000 
_pdbx_struct_oper_list.matrix[2][1]         0.0000000000 
_pdbx_struct_oper_list.matrix[2][2]         1.0000000000 
_pdbx_struct_oper_list.matrix[2][3]         0.0000000000 
_pdbx_struct_oper_list.vector[2]            0.0000000000 
_pdbx_struct_oper_list.matrix[3][1]         0.0000000000 
_pdbx_struct_oper_list.matrix[3][2]         0.0000000000 
_pdbx_struct_oper_list.matrix[3][3]         1.0000000000 
_pdbx_struct_oper_list.vector[3]            0.0000000000 
# 
loop_
_struct_conf.conf_type_id 
_struct_conf.id 
_struct_conf.pdbx_PDB_helix_id 
_struct_conf.beg_label_comp_id 
_struct_conf.beg_label_asym_id 
_struct_conf.beg_label_seq_id 
_struct_conf.pdbx_beg_PDB_ins_code 
_struct_conf.end_label_comp_id 
_struct_conf.end_label_asym_id 
_struct_conf.end_label_seq_id 
_struct_conf.pdbx_end_PDB_ins_code 
_struct_conf.beg_auth_comp_id 
_struct_conf.beg_auth_asym_id 
_struct_conf.beg_auth_seq_id 
_struct_conf.end_auth_comp_id 
_struct_conf.end_auth_asym_id 
_struct_conf.end_auth_seq_id 
_struct_conf.pdbx_PDB_helix_class 
_struct_conf.details 
_struct_conf.pdbx_PDB_helix_length 
HELX_P HELX_P1 AA1 SER A 28 ? SER A 32 ? SER A 28 SER A 32 5 ? 5 
HELX_P HELX_P2 AA2 LYS A 82 ? GLU A 86 ? LYS A 82 GLU A 86 5 ? 5 
# 
_struct_conf_type.id          HELX_P 
_struct_conf_type.criteria    ? 
_struct_conf_type.reference   ? 
# 
loop_
_struct_conn.id 
_struct_conn.conn_type_id 
_struct_conn.pdbx_leaving_atom_flag 
_struct_conn.pdbx_PDB_id 
_struct_conn.ptnr1_label_asym_id 
_struct_conn.ptnr1_label_comp_id 
_struct_conn.ptnr1_label_seq_id 
_struct_conn.ptnr1_label_atom_id 
_struct_conn.pdbx_ptnr1_label_alt_id 
_struct_conn.pdbx_ptnr1_PDB_ins_code 
_struct_conn.pdbx_ptnr1_standard_comp_id 
_struct_conn.ptnr1_symmetry 
_struct_conn.ptnr2_label_asym_id 
_struct_conn.ptnr2_label_comp_id 
_struct_conn.ptnr2_label_seq_id 
_struct_conn.ptnr2_label_atom_id 
_struct_conn.pdbx_ptnr2_label_alt_id 
_struct_conn.pdbx_ptnr2_PDB_ins_code 
_struct_conn.ptnr1_auth_asym_id 
_struct_conn.ptnr1_auth_comp_id 
_struct_conn.ptnr1_auth_seq_id 
_struct_conn.ptnr2_auth_asym_id 
_struct_conn.ptnr2_auth_comp_id 
_struct_conn.ptnr2_auth_seq_id 
_struct_conn.ptnr2_symmetry 
_struct_conn.pdbx_ptnr3_label_atom_id 
_struct_conn.pdbx_ptnr3_label_seq_id 
_struct_conn.pdbx_ptnr3_label_comp_id 
_struct_conn.pdbx_ptnr3_label_asym_id 
_struct_conn.pdbx_ptnr3_label_alt_id 
_struct_conn.pdbx_ptnr3_PDB_ins_code 
_struct_conn.details 
_struct_conn.pdbx_dist_value 
_struct_conn.pdbx_value_order 
_struct_conn.pdbx_role 
disulf1 disulf ? ? A CYS 22 SG A ? ? 1_555 A CYS 91 SG A ? A CYS 22 A CYS 91 1_555 ? ? ? ? ? ? ? 2.050 ? ? 
disulf2 disulf ? ? A CYS 22 SG B ? ? 1_555 A CYS 91 SG B ? A CYS 22 A CYS 91 1_555 ? ? ? ? ? ? ? 2.034 ? ? 
# 
_struct_conn_type.id          disulf 
_struct_conn_type.criteria    ? 
_struct_conn_type.reference   ? 
# 
loop_
_pdbx_modification_feature.ordinal 
_pdbx_modification_feature.label_comp_id 
_pdbx_modification_feature.label_asym_id 
_pdbx_modification_feature.label_seq_id 
_pdbx_modification_feature.label_alt_id 
_pdbx_modification_feature.modified_residue_label_comp_id 
_pdbx_modification_feature.modified_residue_label_asym_id 
_pdbx_modification_feature.modified_residue_label_seq_id 
_pdbx_modification_feature.modified_residue_label_alt_id 
_pdbx_modification_feature.auth_comp_id 
_pdbx_modification_feature.auth_asym_id 
_pdbx_modification_feature.auth_seq_id 
_pdbx_modification_feature.PDB_ins_code 
_pdbx_modification_feature.symmetry 
_pdbx_modification_feature.modified_residue_auth_comp_id 
_pdbx_modification_feature.modified_residue_auth_asym_id 
_pdbx_modification_feature.modified_residue_auth_seq_id 
_pdbx_modification_feature.modified_residue_PDB_ins_code 
_pdbx_modification_feature.modified_residue_symmetry 
_pdbx_modification_feature.comp_id_linking_atom 
_pdbx_modification_feature.modified_residue_id_linking_atom 
_pdbx_modification_feature.modified_residue_id 
_pdbx_modification_feature.ref_pcm_id 
_pdbx_modification_feature.ref_comp_id 
_pdbx_modification_feature.type 
_pdbx_modification_feature.category 
1 CYS A 22 A CYS A 91 A CYS A 22 ? 1_555 CYS A 91 ? 1_555 SG SG . . . None 'Disulfide bridge' 
2 CYS A 22 B CYS A 91 B CYS A 22 ? 1_555 CYS A 91 ? 1_555 SG SG . . . None 'Disulfide bridge' 
# 
loop_
_struct_sheet.id 
_struct_sheet.type 
_struct_sheet.number_strands 
_struct_sheet.details 
AA1 ? 4 ? 
AA2 ? 5 ? 
AA3 ? 4 ? 
# 
loop_
_struct_sheet_order.sheet_id 
_struct_sheet_order.range_id_1 
_struct_sheet_order.range_id_2 
_struct_sheet_order.offset 
_struct_sheet_order.sense 
AA1 1 2 ? anti-parallel 
AA1 2 3 ? anti-parallel 
AA1 3 4 ? anti-parallel 
AA2 1 2 ? parallel      
AA2 2 3 ? anti-parallel 
AA2 3 4 ? anti-parallel 
AA2 4 5 ? anti-parallel 
AA3 1 2 ? parallel      
AA3 2 3 ? anti-parallel 
AA3 3 4 ? anti-parallel 
# 
loop_
_struct_sheet_range.sheet_id 
_struct_sheet_range.id 
_struct_sheet_range.beg_label_comp_id 
_struct_sheet_range.beg_label_asym_id 
_struct_sheet_range.beg_label_seq_id 
_struct_sheet_range.pdbx_beg_PDB_ins_code 
_struct_sheet_range.end_label_comp_id 
_struct_sheet_range.end_label_asym_id 
_struct_sheet_range.end_label_seq_id 
_struct_sheet_range.pdbx_end_PDB_ins_code 
_struct_sheet_range.beg_auth_comp_id 
_struct_sheet_range.beg_auth_asym_id 
_struct_sheet_range.beg_auth_seq_id 
_struct_sheet_range.end_auth_comp_id 
_struct_sheet_range.end_auth_asym_id 
_struct_sheet_range.end_auth_seq_id 
AA1 1 MET A 3   ? THR A 5   ? MET A 3   THR A 5   
AA1 2 VAL A 18  ? SER A 25  ? VAL A 18  SER A 25  
AA1 3 SER A 73  ? ILE A 78  ? SER A 73  ILE A 78  
AA1 4 PHE A 63  ? ASP A 68  ? PHE A 63  ASP A 68  
AA2 1 SER A 9   ? GLU A 12  ? SER A 9   GLU A 12  
AA2 2 THR A 106 ? VAL A 110 ? THR A 106 VAL A 110 
AA2 3 ALA A 87  ? TYR A 94  ? ALA A 87  TYR A 94  
AA2 4 GLN A 35  ? GLN A 39  ? GLN A 35  GLN A 39  
AA2 5 THR A 46  ? ILE A 49  ? THR A 46  ILE A 49  
AA3 1 SER A 9   ? GLU A 12  ? SER A 9   GLU A 12  
AA3 2 THR A 106 ? VAL A 110 ? THR A 106 VAL A 110 
AA3 3 ALA A 87  ? TYR A 94  ? ALA A 87  TYR A 94  
AA3 4 VAL A 100 ? PHE A 102 ? VAL A 100 PHE A 102 
# 
loop_
_pdbx_struct_sheet_hbond.sheet_id 
_pdbx_struct_sheet_hbond.range_id_1 
_pdbx_struct_sheet_hbond.range_id_2 
_pdbx_struct_sheet_hbond.range_1_label_atom_id 
_pdbx_struct_sheet_hbond.range_1_label_comp_id 
_pdbx_struct_sheet_hbond.range_1_label_asym_id 
_pdbx_struct_sheet_hbond.range_1_label_seq_id 
_pdbx_struct_sheet_hbond.range_1_PDB_ins_code 
_pdbx_struct_sheet_hbond.range_1_auth_atom_id 
_pdbx_struct_sheet_hbond.range_1_auth_comp_id 
_pdbx_struct_sheet_hbond.range_1_auth_asym_id 
_pdbx_struct_sheet_hbond.range_1_auth_seq_id 
_pdbx_struct_sheet_hbond.range_2_label_atom_id 
_pdbx_struct_sheet_hbond.range_2_label_comp_id 
_pdbx_struct_sheet_hbond.range_2_label_asym_id 
_pdbx_struct_sheet_hbond.range_2_label_seq_id 
_pdbx_struct_sheet_hbond.range_2_PDB_ins_code 
_pdbx_struct_sheet_hbond.range_2_auth_atom_id 
_pdbx_struct_sheet_hbond.range_2_auth_comp_id 
_pdbx_struct_sheet_hbond.range_2_auth_asym_id 
_pdbx_struct_sheet_hbond.range_2_auth_seq_id 
AA1 1 2 N MET A 3   ? N MET A 3   O SER A 25  ? O SER A 25  
AA1 2 3 N VAL A 18  ? N VAL A 18  O ILE A 78  ? O ILE A 78  
AA1 3 4 O SER A 73  ? O SER A 73  N ASP A 68  ? N ASP A 68  
AA2 1 2 N VAL A 10  ? N VAL A 10  O THR A 109 ? O THR A 109 
AA2 2 3 O VAL A 108 ? O VAL A 108 N ALA A 87  ? N ALA A 87  
AA2 3 4 O GLN A 92  ? O GLN A 92  N GLN A 35  ? N GLN A 35  
AA2 4 5 N TRP A 36  ? N TRP A 36  O VAL A 48  ? O VAL A 48  
AA3 1 2 N VAL A 10  ? N VAL A 10  O THR A 109 ? O THR A 109 
AA3 2 3 O VAL A 108 ? O VAL A 108 N ALA A 87  ? N ALA A 87  
AA3 3 4 N SER A 93  ? N SER A 93  O VAL A 101 ? O VAL A 101 
# 
_struct_site.id                   AC1 
_struct_site.pdbx_evidence_code   Software 
_struct_site.pdbx_auth_asym_id    A 
_struct_site.pdbx_auth_comp_id    ACT 
_struct_site.pdbx_auth_seq_id     201 
_struct_site.pdbx_auth_ins_code   ? 
_struct_site.pdbx_num_residues    5 
_struct_site.details              'binding site for residue ACT A 201' 
# 
loop_
_struct_site_gen.id 
_struct_site_gen.site_id 
_struct_site_gen.pdbx_num_res 
_struct_site_gen.label_comp_id 
_struct_site_gen.label_asym_id 
_struct_site_gen.label_seq_id 
_struct_site_gen.pdbx_auth_ins_code 
_struct_site_gen.auth_comp_id 
_struct_site_gen.auth_asym_id 
_struct_site_gen.auth_seq_id 
_struct_site_gen.label_atom_id 
_struct_site_gen.label_alt_id 
_struct_site_gen.symmetry 
_struct_site_gen.details 
1 AC1 5 SER A 32 ? SER A 32  . ? 1_555 ? 
2 AC1 5 TYR A 94 ? TYR A 94  . ? 1_555 ? 
3 AC1 5 ASN A 95 ? ASN A 95  . ? 1_555 ? 
4 AC1 5 HIS A 98 ? HIS A 98  . ? 1_555 ? 
5 AC1 5 HOH C .  ? HOH A 331 . ? 1_555 ? 
# 
_pdbx_entry_details.entry_id                   5IR3 
_pdbx_entry_details.compound_details           ? 
_pdbx_entry_details.source_details             ? 
_pdbx_entry_details.nonpolymer_details         ? 
_pdbx_entry_details.sequence_details           ? 
_pdbx_entry_details.has_ligand_of_interest     ? 
_pdbx_entry_details.has_protein_modification   Y 
# 
loop_
_pdbx_validate_close_contact.id 
_pdbx_validate_close_contact.PDB_model_num 
_pdbx_validate_close_contact.auth_atom_id_1 
_pdbx_validate_close_contact.auth_asym_id_1 
_pdbx_validate_close_contact.auth_comp_id_1 
_pdbx_validate_close_contact.auth_seq_id_1 
_pdbx_validate_close_contact.PDB_ins_code_1 
_pdbx_validate_close_contact.label_alt_id_1 
_pdbx_validate_close_contact.auth_atom_id_2 
_pdbx_validate_close_contact.auth_asym_id_2 
_pdbx_validate_close_contact.auth_comp_id_2 
_pdbx_validate_close_contact.auth_seq_id_2 
_pdbx_validate_close_contact.PDB_ins_code_2 
_pdbx_validate_close_contact.label_alt_id_2 
_pdbx_validate_close_contact.dist 
1 1 O A HOH 435 ? ? O A HOH 438 ? ? 2.19 
2 1 O A HOH 304 ? ? O A HOH 344 ? ? 2.19 
# 
_pdbx_validate_rmsd_angle.id                         1 
_pdbx_validate_rmsd_angle.PDB_model_num              1 
_pdbx_validate_rmsd_angle.auth_atom_id_1             CA 
_pdbx_validate_rmsd_angle.auth_asym_id_1             A 
_pdbx_validate_rmsd_angle.auth_comp_id_1             CYS 
_pdbx_validate_rmsd_angle.auth_seq_id_1              22 
_pdbx_validate_rmsd_angle.PDB_ins_code_1             ? 
_pdbx_validate_rmsd_angle.label_alt_id_1             A 
_pdbx_validate_rmsd_angle.auth_atom_id_2             CB 
_pdbx_validate_rmsd_angle.auth_asym_id_2             A 
_pdbx_validate_rmsd_angle.auth_comp_id_2             CYS 
_pdbx_validate_rmsd_angle.auth_seq_id_2              22 
_pdbx_validate_rmsd_angle.PDB_ins_code_2             ? 
_pdbx_validate_rmsd_angle.label_alt_id_2             A 
_pdbx_validate_rmsd_angle.auth_atom_id_3             SG 
_pdbx_validate_rmsd_angle.auth_asym_id_3             A 
_pdbx_validate_rmsd_angle.auth_comp_id_3             CYS 
_pdbx_validate_rmsd_angle.auth_seq_id_3              22 
_pdbx_validate_rmsd_angle.PDB_ins_code_3             ? 
_pdbx_validate_rmsd_angle.label_alt_id_3             A 
_pdbx_validate_rmsd_angle.angle_value                121.23 
_pdbx_validate_rmsd_angle.angle_target_value         114.20 
_pdbx_validate_rmsd_angle.angle_deviation            7.03 
_pdbx_validate_rmsd_angle.angle_standard_deviation   1.10 
_pdbx_validate_rmsd_angle.linker_flag                N 
# 
loop_
_pdbx_validate_torsion.id 
_pdbx_validate_torsion.PDB_model_num 
_pdbx_validate_torsion.auth_comp_id 
_pdbx_validate_torsion.auth_asym_id 
_pdbx_validate_torsion.auth_seq_id 
_pdbx_validate_torsion.PDB_ins_code 
_pdbx_validate_torsion.label_alt_id 
_pdbx_validate_torsion.phi 
_pdbx_validate_torsion.psi 
1 1 ASP A 52 ? ? 77.17   -46.56  
2 1 ASN A 53 ? ? -150.95 14.42   
3 1 SER A 93 ? ? -151.79 -151.11 
# 
_pdbx_struct_special_symmetry.id              1 
_pdbx_struct_special_symmetry.PDB_model_num   1 
_pdbx_struct_special_symmetry.auth_asym_id    A 
_pdbx_struct_special_symmetry.auth_comp_id    HOH 
_pdbx_struct_special_symmetry.auth_seq_id     406 
_pdbx_struct_special_symmetry.PDB_ins_code    ? 
_pdbx_struct_special_symmetry.label_asym_id   C 
_pdbx_struct_special_symmetry.label_comp_id   HOH 
_pdbx_struct_special_symmetry.label_seq_id    . 
# 
_pdbx_unobs_or_zero_occ_residues.id               1 
_pdbx_unobs_or_zero_occ_residues.PDB_model_num    1 
_pdbx_unobs_or_zero_occ_residues.polymer_flag     Y 
_pdbx_unobs_or_zero_occ_residues.occupancy_flag   1 
_pdbx_unobs_or_zero_occ_residues.auth_asym_id     A 
_pdbx_unobs_or_zero_occ_residues.auth_comp_id     GLY 
_pdbx_unobs_or_zero_occ_residues.auth_seq_id      112 
_pdbx_unobs_or_zero_occ_residues.PDB_ins_code     ? 
_pdbx_unobs_or_zero_occ_residues.label_asym_id    A 
_pdbx_unobs_or_zero_occ_residues.label_comp_id    GLY 
_pdbx_unobs_or_zero_occ_residues.label_seq_id     112 
# 
loop_
_chem_comp_atom.comp_id 
_chem_comp_atom.atom_id 
_chem_comp_atom.type_symbol 
_chem_comp_atom.pdbx_aromatic_flag 
_chem_comp_atom.pdbx_stereo_config 
_chem_comp_atom.pdbx_ordinal 
ACT C    C N N 1   
ACT O    O N N 2   
ACT OXT  O N N 3   
ACT CH3  C N N 4   
ACT H1   H N N 5   
ACT H2   H N N 6   
ACT H3   H N N 7   
ALA N    N N N 8   
ALA CA   C N S 9   
ALA C    C N N 10  
ALA O    O N N 11  
ALA CB   C N N 12  
ALA OXT  O N N 13  
ALA H    H N N 14  
ALA H2   H N N 15  
ALA HA   H N N 16  
ALA HB1  H N N 17  
ALA HB2  H N N 18  
ALA HB3  H N N 19  
ALA HXT  H N N 20  
ARG N    N N N 21  
ARG CA   C N S 22  
ARG C    C N N 23  
ARG O    O N N 24  
ARG CB   C N N 25  
ARG CG   C N N 26  
ARG CD   C N N 27  
ARG NE   N N N 28  
ARG CZ   C N N 29  
ARG NH1  N N N 30  
ARG NH2  N N N 31  
ARG OXT  O N N 32  
ARG H    H N N 33  
ARG H2   H N N 34  
ARG HA   H N N 35  
ARG HB2  H N N 36  
ARG HB3  H N N 37  
ARG HG2  H N N 38  
ARG HG3  H N N 39  
ARG HD2  H N N 40  
ARG HD3  H N N 41  
ARG HE   H N N 42  
ARG HH11 H N N 43  
ARG HH12 H N N 44  
ARG HH21 H N N 45  
ARG HH22 H N N 46  
ARG HXT  H N N 47  
ASN N    N N N 48  
ASN CA   C N S 49  
ASN C    C N N 50  
ASN O    O N N 51  
ASN CB   C N N 52  
ASN CG   C N N 53  
ASN OD1  O N N 54  
ASN ND2  N N N 55  
ASN OXT  O N N 56  
ASN H    H N N 57  
ASN H2   H N N 58  
ASN HA   H N N 59  
ASN HB2  H N N 60  
ASN HB3  H N N 61  
ASN HD21 H N N 62  
ASN HD22 H N N 63  
ASN HXT  H N N 64  
ASP N    N N N 65  
ASP CA   C N S 66  
ASP C    C N N 67  
ASP O    O N N 68  
ASP CB   C N N 69  
ASP CG   C N N 70  
ASP OD1  O N N 71  
ASP OD2  O N N 72  
ASP OXT  O N N 73  
ASP H    H N N 74  
ASP H2   H N N 75  
ASP HA   H N N 76  
ASP HB2  H N N 77  
ASP HB3  H N N 78  
ASP HD2  H N N 79  
ASP HXT  H N N 80  
CYS N    N N N 81  
CYS CA   C N R 82  
CYS C    C N N 83  
CYS O    O N N 84  
CYS CB   C N N 85  
CYS SG   S N N 86  
CYS OXT  O N N 87  
CYS H    H N N 88  
CYS H2   H N N 89  
CYS HA   H N N 90  
CYS HB2  H N N 91  
CYS HB3  H N N 92  
CYS HG   H N N 93  
CYS HXT  H N N 94  
GLN N    N N N 95  
GLN CA   C N S 96  
GLN C    C N N 97  
GLN O    O N N 98  
GLN CB   C N N 99  
GLN CG   C N N 100 
GLN CD   C N N 101 
GLN OE1  O N N 102 
GLN NE2  N N N 103 
GLN OXT  O N N 104 
GLN H    H N N 105 
GLN H2   H N N 106 
GLN HA   H N N 107 
GLN HB2  H N N 108 
GLN HB3  H N N 109 
GLN HG2  H N N 110 
GLN HG3  H N N 111 
GLN HE21 H N N 112 
GLN HE22 H N N 113 
GLN HXT  H N N 114 
GLU N    N N N 115 
GLU CA   C N S 116 
GLU C    C N N 117 
GLU O    O N N 118 
GLU CB   C N N 119 
GLU CG   C N N 120 
GLU CD   C N N 121 
GLU OE1  O N N 122 
GLU OE2  O N N 123 
GLU OXT  O N N 124 
GLU H    H N N 125 
GLU H2   H N N 126 
GLU HA   H N N 127 
GLU HB2  H N N 128 
GLU HB3  H N N 129 
GLU HG2  H N N 130 
GLU HG3  H N N 131 
GLU HE2  H N N 132 
GLU HXT  H N N 133 
GLY N    N N N 134 
GLY CA   C N N 135 
GLY C    C N N 136 
GLY O    O N N 137 
GLY OXT  O N N 138 
GLY H    H N N 139 
GLY H2   H N N 140 
GLY HA2  H N N 141 
GLY HA3  H N N 142 
GLY HXT  H N N 143 
HIS N    N N N 144 
HIS CA   C N S 145 
HIS C    C N N 146 
HIS O    O N N 147 
HIS CB   C N N 148 
HIS CG   C Y N 149 
HIS ND1  N Y N 150 
HIS CD2  C Y N 151 
HIS CE1  C Y N 152 
HIS NE2  N Y N 153 
HIS OXT  O N N 154 
HIS H    H N N 155 
HIS H2   H N N 156 
HIS HA   H N N 157 
HIS HB2  H N N 158 
HIS HB3  H N N 159 
HIS HD1  H N N 160 
HIS HD2  H N N 161 
HIS HE1  H N N 162 
HIS HE2  H N N 163 
HIS HXT  H N N 164 
HOH O    O N N 165 
HOH H1   H N N 166 
HOH H2   H N N 167 
ILE N    N N N 168 
ILE CA   C N S 169 
ILE C    C N N 170 
ILE O    O N N 171 
ILE CB   C N S 172 
ILE CG1  C N N 173 
ILE CG2  C N N 174 
ILE CD1  C N N 175 
ILE OXT  O N N 176 
ILE H    H N N 177 
ILE H2   H N N 178 
ILE HA   H N N 179 
ILE HB   H N N 180 
ILE HG12 H N N 181 
ILE HG13 H N N 182 
ILE HG21 H N N 183 
ILE HG22 H N N 184 
ILE HG23 H N N 185 
ILE HD11 H N N 186 
ILE HD12 H N N 187 
ILE HD13 H N N 188 
ILE HXT  H N N 189 
LEU N    N N N 190 
LEU CA   C N S 191 
LEU C    C N N 192 
LEU O    O N N 193 
LEU CB   C N N 194 
LEU CG   C N N 195 
LEU CD1  C N N 196 
LEU CD2  C N N 197 
LEU OXT  O N N 198 
LEU H    H N N 199 
LEU H2   H N N 200 
LEU HA   H N N 201 
LEU HB2  H N N 202 
LEU HB3  H N N 203 
LEU HG   H N N 204 
LEU HD11 H N N 205 
LEU HD12 H N N 206 
LEU HD13 H N N 207 
LEU HD21 H N N 208 
LEU HD22 H N N 209 
LEU HD23 H N N 210 
LEU HXT  H N N 211 
LYS N    N N N 212 
LYS CA   C N S 213 
LYS C    C N N 214 
LYS O    O N N 215 
LYS CB   C N N 216 
LYS CG   C N N 217 
LYS CD   C N N 218 
LYS CE   C N N 219 
LYS NZ   N N N 220 
LYS OXT  O N N 221 
LYS H    H N N 222 
LYS H2   H N N 223 
LYS HA   H N N 224 
LYS HB2  H N N 225 
LYS HB3  H N N 226 
LYS HG2  H N N 227 
LYS HG3  H N N 228 
LYS HD2  H N N 229 
LYS HD3  H N N 230 
LYS HE2  H N N 231 
LYS HE3  H N N 232 
LYS HZ1  H N N 233 
LYS HZ2  H N N 234 
LYS HZ3  H N N 235 
LYS HXT  H N N 236 
MET N    N N N 237 
MET CA   C N S 238 
MET C    C N N 239 
MET O    O N N 240 
MET CB   C N N 241 
MET CG   C N N 242 
MET SD   S N N 243 
MET CE   C N N 244 
MET OXT  O N N 245 
MET H    H N N 246 
MET H2   H N N 247 
MET HA   H N N 248 
MET HB2  H N N 249 
MET HB3  H N N 250 
MET HG2  H N N 251 
MET HG3  H N N 252 
MET HE1  H N N 253 
MET HE2  H N N 254 
MET HE3  H N N 255 
MET HXT  H N N 256 
PHE N    N N N 257 
PHE CA   C N S 258 
PHE C    C N N 259 
PHE O    O N N 260 
PHE CB   C N N 261 
PHE CG   C Y N 262 
PHE CD1  C Y N 263 
PHE CD2  C Y N 264 
PHE CE1  C Y N 265 
PHE CE2  C Y N 266 
PHE CZ   C Y N 267 
PHE OXT  O N N 268 
PHE H    H N N 269 
PHE H2   H N N 270 
PHE HA   H N N 271 
PHE HB2  H N N 272 
PHE HB3  H N N 273 
PHE HD1  H N N 274 
PHE HD2  H N N 275 
PHE HE1  H N N 276 
PHE HE2  H N N 277 
PHE HZ   H N N 278 
PHE HXT  H N N 279 
PRO N    N N N 280 
PRO CA   C N S 281 
PRO C    C N N 282 
PRO O    O N N 283 
PRO CB   C N N 284 
PRO CG   C N N 285 
PRO CD   C N N 286 
PRO OXT  O N N 287 
PRO H    H N N 288 
PRO HA   H N N 289 
PRO HB2  H N N 290 
PRO HB3  H N N 291 
PRO HG2  H N N 292 
PRO HG3  H N N 293 
PRO HD2  H N N 294 
PRO HD3  H N N 295 
PRO HXT  H N N 296 
SER N    N N N 297 
SER CA   C N S 298 
SER C    C N N 299 
SER O    O N N 300 
SER CB   C N N 301 
SER OG   O N N 302 
SER OXT  O N N 303 
SER H    H N N 304 
SER H2   H N N 305 
SER HA   H N N 306 
SER HB2  H N N 307 
SER HB3  H N N 308 
SER HG   H N N 309 
SER HXT  H N N 310 
THR N    N N N 311 
THR CA   C N S 312 
THR C    C N N 313 
THR O    O N N 314 
THR CB   C N R 315 
THR OG1  O N N 316 
THR CG2  C N N 317 
THR OXT  O N N 318 
THR H    H N N 319 
THR H2   H N N 320 
THR HA   H N N 321 
THR HB   H N N 322 
THR HG1  H N N 323 
THR HG21 H N N 324 
THR HG22 H N N 325 
THR HG23 H N N 326 
THR HXT  H N N 327 
TRP N    N N N 328 
TRP CA   C N S 329 
TRP C    C N N 330 
TRP O    O N N 331 
TRP CB   C N N 332 
TRP CG   C Y N 333 
TRP CD1  C Y N 334 
TRP CD2  C Y N 335 
TRP NE1  N Y N 336 
TRP CE2  C Y N 337 
TRP CE3  C Y N 338 
TRP CZ2  C Y N 339 
TRP CZ3  C Y N 340 
TRP CH2  C Y N 341 
TRP OXT  O N N 342 
TRP H    H N N 343 
TRP H2   H N N 344 
TRP HA   H N N 345 
TRP HB2  H N N 346 
TRP HB3  H N N 347 
TRP HD1  H N N 348 
TRP HE1  H N N 349 
TRP HE3  H N N 350 
TRP HZ2  H N N 351 
TRP HZ3  H N N 352 
TRP HH2  H N N 353 
TRP HXT  H N N 354 
TYR N    N N N 355 
TYR CA   C N S 356 
TYR C    C N N 357 
TYR O    O N N 358 
TYR CB   C N N 359 
TYR CG   C Y N 360 
TYR CD1  C Y N 361 
TYR CD2  C Y N 362 
TYR CE1  C Y N 363 
TYR CE2  C Y N 364 
TYR CZ   C Y N 365 
TYR OH   O N N 366 
TYR OXT  O N N 367 
TYR H    H N N 368 
TYR H2   H N N 369 
TYR HA   H N N 370 
TYR HB2  H N N 371 
TYR HB3  H N N 372 
TYR HD1  H N N 373 
TYR HD2  H N N 374 
TYR HE1  H N N 375 
TYR HE2  H N N 376 
TYR HH   H N N 377 
TYR HXT  H N N 378 
VAL N    N N N 379 
VAL CA   C N S 380 
VAL C    C N N 381 
VAL O    O N N 382 
VAL CB   C N N 383 
VAL CG1  C N N 384 
VAL CG2  C N N 385 
VAL OXT  O N N 386 
VAL H    H N N 387 
VAL H2   H N N 388 
VAL HA   H N N 389 
VAL HB   H N N 390 
VAL HG11 H N N 391 
VAL HG12 H N N 392 
VAL HG13 H N N 393 
VAL HG21 H N N 394 
VAL HG22 H N N 395 
VAL HG23 H N N 396 
VAL HXT  H N N 397 
# 
loop_
_chem_comp_bond.comp_id 
_chem_comp_bond.atom_id_1 
_chem_comp_bond.atom_id_2 
_chem_comp_bond.value_order 
_chem_comp_bond.pdbx_aromatic_flag 
_chem_comp_bond.pdbx_stereo_config 
_chem_comp_bond.pdbx_ordinal 
ACT C   O    doub N N 1   
ACT C   OXT  sing N N 2   
ACT C   CH3  sing N N 3   
ACT CH3 H1   sing N N 4   
ACT CH3 H2   sing N N 5   
ACT CH3 H3   sing N N 6   
ALA N   CA   sing N N 7   
ALA N   H    sing N N 8   
ALA N   H2   sing N N 9   
ALA CA  C    sing N N 10  
ALA CA  CB   sing N N 11  
ALA CA  HA   sing N N 12  
ALA C   O    doub N N 13  
ALA C   OXT  sing N N 14  
ALA CB  HB1  sing N N 15  
ALA CB  HB2  sing N N 16  
ALA CB  HB3  sing N N 17  
ALA OXT HXT  sing N N 18  
ARG N   CA   sing N N 19  
ARG N   H    sing N N 20  
ARG N   H2   sing N N 21  
ARG CA  C    sing N N 22  
ARG CA  CB   sing N N 23  
ARG CA  HA   sing N N 24  
ARG C   O    doub N N 25  
ARG C   OXT  sing N N 26  
ARG CB  CG   sing N N 27  
ARG CB  HB2  sing N N 28  
ARG CB  HB3  sing N N 29  
ARG CG  CD   sing N N 30  
ARG CG  HG2  sing N N 31  
ARG CG  HG3  sing N N 32  
ARG CD  NE   sing N N 33  
ARG CD  HD2  sing N N 34  
ARG CD  HD3  sing N N 35  
ARG NE  CZ   sing N N 36  
ARG NE  HE   sing N N 37  
ARG CZ  NH1  sing N N 38  
ARG CZ  NH2  doub N N 39  
ARG NH1 HH11 sing N N 40  
ARG NH1 HH12 sing N N 41  
ARG NH2 HH21 sing N N 42  
ARG NH2 HH22 sing N N 43  
ARG OXT HXT  sing N N 44  
ASN N   CA   sing N N 45  
ASN N   H    sing N N 46  
ASN N   H2   sing N N 47  
ASN CA  C    sing N N 48  
ASN CA  CB   sing N N 49  
ASN CA  HA   sing N N 50  
ASN C   O    doub N N 51  
ASN C   OXT  sing N N 52  
ASN CB  CG   sing N N 53  
ASN CB  HB2  sing N N 54  
ASN CB  HB3  sing N N 55  
ASN CG  OD1  doub N N 56  
ASN CG  ND2  sing N N 57  
ASN ND2 HD21 sing N N 58  
ASN ND2 HD22 sing N N 59  
ASN OXT HXT  sing N N 60  
ASP N   CA   sing N N 61  
ASP N   H    sing N N 62  
ASP N   H2   sing N N 63  
ASP CA  C    sing N N 64  
ASP CA  CB   sing N N 65  
ASP CA  HA   sing N N 66  
ASP C   O    doub N N 67  
ASP C   OXT  sing N N 68  
ASP CB  CG   sing N N 69  
ASP CB  HB2  sing N N 70  
ASP CB  HB3  sing N N 71  
ASP CG  OD1  doub N N 72  
ASP CG  OD2  sing N N 73  
ASP OD2 HD2  sing N N 74  
ASP OXT HXT  sing N N 75  
CYS N   CA   sing N N 76  
CYS N   H    sing N N 77  
CYS N   H2   sing N N 78  
CYS CA  C    sing N N 79  
CYS CA  CB   sing N N 80  
CYS CA  HA   sing N N 81  
CYS C   O    doub N N 82  
CYS C   OXT  sing N N 83  
CYS CB  SG   sing N N 84  
CYS CB  HB2  sing N N 85  
CYS CB  HB3  sing N N 86  
CYS SG  HG   sing N N 87  
CYS OXT HXT  sing N N 88  
GLN N   CA   sing N N 89  
GLN N   H    sing N N 90  
GLN N   H2   sing N N 91  
GLN CA  C    sing N N 92  
GLN CA  CB   sing N N 93  
GLN CA  HA   sing N N 94  
GLN C   O    doub N N 95  
GLN C   OXT  sing N N 96  
GLN CB  CG   sing N N 97  
GLN CB  HB2  sing N N 98  
GLN CB  HB3  sing N N 99  
GLN CG  CD   sing N N 100 
GLN CG  HG2  sing N N 101 
GLN CG  HG3  sing N N 102 
GLN CD  OE1  doub N N 103 
GLN CD  NE2  sing N N 104 
GLN NE2 HE21 sing N N 105 
GLN NE2 HE22 sing N N 106 
GLN OXT HXT  sing N N 107 
GLU N   CA   sing N N 108 
GLU N   H    sing N N 109 
GLU N   H2   sing N N 110 
GLU CA  C    sing N N 111 
GLU CA  CB   sing N N 112 
GLU CA  HA   sing N N 113 
GLU C   O    doub N N 114 
GLU C   OXT  sing N N 115 
GLU CB  CG   sing N N 116 
GLU CB  HB2  sing N N 117 
GLU CB  HB3  sing N N 118 
GLU CG  CD   sing N N 119 
GLU CG  HG2  sing N N 120 
GLU CG  HG3  sing N N 121 
GLU CD  OE1  doub N N 122 
GLU CD  OE2  sing N N 123 
GLU OE2 HE2  sing N N 124 
GLU OXT HXT  sing N N 125 
GLY N   CA   sing N N 126 
GLY N   H    sing N N 127 
GLY N   H2   sing N N 128 
GLY CA  C    sing N N 129 
GLY CA  HA2  sing N N 130 
GLY CA  HA3  sing N N 131 
GLY C   O    doub N N 132 
GLY C   OXT  sing N N 133 
GLY OXT HXT  sing N N 134 
HIS N   CA   sing N N 135 
HIS N   H    sing N N 136 
HIS N   H2   sing N N 137 
HIS CA  C    sing N N 138 
HIS CA  CB   sing N N 139 
HIS CA  HA   sing N N 140 
HIS C   O    doub N N 141 
HIS C   OXT  sing N N 142 
HIS CB  CG   sing N N 143 
HIS CB  HB2  sing N N 144 
HIS CB  HB3  sing N N 145 
HIS CG  ND1  sing Y N 146 
HIS CG  CD2  doub Y N 147 
HIS ND1 CE1  doub Y N 148 
HIS ND1 HD1  sing N N 149 
HIS CD2 NE2  sing Y N 150 
HIS CD2 HD2  sing N N 151 
HIS CE1 NE2  sing Y N 152 
HIS CE1 HE1  sing N N 153 
HIS NE2 HE2  sing N N 154 
HIS OXT HXT  sing N N 155 
HOH O   H1   sing N N 156 
HOH O   H2   sing N N 157 
ILE N   CA   sing N N 158 
ILE N   H    sing N N 159 
ILE N   H2   sing N N 160 
ILE CA  C    sing N N 161 
ILE CA  CB   sing N N 162 
ILE CA  HA   sing N N 163 
ILE C   O    doub N N 164 
ILE C   OXT  sing N N 165 
ILE CB  CG1  sing N N 166 
ILE CB  CG2  sing N N 167 
ILE CB  HB   sing N N 168 
ILE CG1 CD1  sing N N 169 
ILE CG1 HG12 sing N N 170 
ILE CG1 HG13 sing N N 171 
ILE CG2 HG21 sing N N 172 
ILE CG2 HG22 sing N N 173 
ILE CG2 HG23 sing N N 174 
ILE CD1 HD11 sing N N 175 
ILE CD1 HD12 sing N N 176 
ILE CD1 HD13 sing N N 177 
ILE OXT HXT  sing N N 178 
LEU N   CA   sing N N 179 
LEU N   H    sing N N 180 
LEU N   H2   sing N N 181 
LEU CA  C    sing N N 182 
LEU CA  CB   sing N N 183 
LEU CA  HA   sing N N 184 
LEU C   O    doub N N 185 
LEU C   OXT  sing N N 186 
LEU CB  CG   sing N N 187 
LEU CB  HB2  sing N N 188 
LEU CB  HB3  sing N N 189 
LEU CG  CD1  sing N N 190 
LEU CG  CD2  sing N N 191 
LEU CG  HG   sing N N 192 
LEU CD1 HD11 sing N N 193 
LEU CD1 HD12 sing N N 194 
LEU CD1 HD13 sing N N 195 
LEU CD2 HD21 sing N N 196 
LEU CD2 HD22 sing N N 197 
LEU CD2 HD23 sing N N 198 
LEU OXT HXT  sing N N 199 
LYS N   CA   sing N N 200 
LYS N   H    sing N N 201 
LYS N   H2   sing N N 202 
LYS CA  C    sing N N 203 
LYS CA  CB   sing N N 204 
LYS CA  HA   sing N N 205 
LYS C   O    doub N N 206 
LYS C   OXT  sing N N 207 
LYS CB  CG   sing N N 208 
LYS CB  HB2  sing N N 209 
LYS CB  HB3  sing N N 210 
LYS CG  CD   sing N N 211 
LYS CG  HG2  sing N N 212 
LYS CG  HG3  sing N N 213 
LYS CD  CE   sing N N 214 
LYS CD  HD2  sing N N 215 
LYS CD  HD3  sing N N 216 
LYS CE  NZ   sing N N 217 
LYS CE  HE2  sing N N 218 
LYS CE  HE3  sing N N 219 
LYS NZ  HZ1  sing N N 220 
LYS NZ  HZ2  sing N N 221 
LYS NZ  HZ3  sing N N 222 
LYS OXT HXT  sing N N 223 
MET N   CA   sing N N 224 
MET N   H    sing N N 225 
MET N   H2   sing N N 226 
MET CA  C    sing N N 227 
MET CA  CB   sing N N 228 
MET CA  HA   sing N N 229 
MET C   O    doub N N 230 
MET C   OXT  sing N N 231 
MET CB  CG   sing N N 232 
MET CB  HB2  sing N N 233 
MET CB  HB3  sing N N 234 
MET CG  SD   sing N N 235 
MET CG  HG2  sing N N 236 
MET CG  HG3  sing N N 237 
MET SD  CE   sing N N 238 
MET CE  HE1  sing N N 239 
MET CE  HE2  sing N N 240 
MET CE  HE3  sing N N 241 
MET OXT HXT  sing N N 242 
PHE N   CA   sing N N 243 
PHE N   H    sing N N 244 
PHE N   H2   sing N N 245 
PHE CA  C    sing N N 246 
PHE CA  CB   sing N N 247 
PHE CA  HA   sing N N 248 
PHE C   O    doub N N 249 
PHE C   OXT  sing N N 250 
PHE CB  CG   sing N N 251 
PHE CB  HB2  sing N N 252 
PHE CB  HB3  sing N N 253 
PHE CG  CD1  doub Y N 254 
PHE CG  CD2  sing Y N 255 
PHE CD1 CE1  sing Y N 256 
PHE CD1 HD1  sing N N 257 
PHE CD2 CE2  doub Y N 258 
PHE CD2 HD2  sing N N 259 
PHE CE1 CZ   doub Y N 260 
PHE CE1 HE1  sing N N 261 
PHE CE2 CZ   sing Y N 262 
PHE CE2 HE2  sing N N 263 
PHE CZ  HZ   sing N N 264 
PHE OXT HXT  sing N N 265 
PRO N   CA   sing N N 266 
PRO N   CD   sing N N 267 
PRO N   H    sing N N 268 
PRO CA  C    sing N N 269 
PRO CA  CB   sing N N 270 
PRO CA  HA   sing N N 271 
PRO C   O    doub N N 272 
PRO C   OXT  sing N N 273 
PRO CB  CG   sing N N 274 
PRO CB  HB2  sing N N 275 
PRO CB  HB3  sing N N 276 
PRO CG  CD   sing N N 277 
PRO CG  HG2  sing N N 278 
PRO CG  HG3  sing N N 279 
PRO CD  HD2  sing N N 280 
PRO CD  HD3  sing N N 281 
PRO OXT HXT  sing N N 282 
SER N   CA   sing N N 283 
SER N   H    sing N N 284 
SER N   H2   sing N N 285 
SER CA  C    sing N N 286 
SER CA  CB   sing N N 287 
SER CA  HA   sing N N 288 
SER C   O    doub N N 289 
SER C   OXT  sing N N 290 
SER CB  OG   sing N N 291 
SER CB  HB2  sing N N 292 
SER CB  HB3  sing N N 293 
SER OG  HG   sing N N 294 
SER OXT HXT  sing N N 295 
THR N   CA   sing N N 296 
THR N   H    sing N N 297 
THR N   H2   sing N N 298 
THR CA  C    sing N N 299 
THR CA  CB   sing N N 300 
THR CA  HA   sing N N 301 
THR C   O    doub N N 302 
THR C   OXT  sing N N 303 
THR CB  OG1  sing N N 304 
THR CB  CG2  sing N N 305 
THR CB  HB   sing N N 306 
THR OG1 HG1  sing N N 307 
THR CG2 HG21 sing N N 308 
THR CG2 HG22 sing N N 309 
THR CG2 HG23 sing N N 310 
THR OXT HXT  sing N N 311 
TRP N   CA   sing N N 312 
TRP N   H    sing N N 313 
TRP N   H2   sing N N 314 
TRP CA  C    sing N N 315 
TRP CA  CB   sing N N 316 
TRP CA  HA   sing N N 317 
TRP C   O    doub N N 318 
TRP C   OXT  sing N N 319 
TRP CB  CG   sing N N 320 
TRP CB  HB2  sing N N 321 
TRP CB  HB3  sing N N 322 
TRP CG  CD1  doub Y N 323 
TRP CG  CD2  sing Y N 324 
TRP CD1 NE1  sing Y N 325 
TRP CD1 HD1  sing N N 326 
TRP CD2 CE2  doub Y N 327 
TRP CD2 CE3  sing Y N 328 
TRP NE1 CE2  sing Y N 329 
TRP NE1 HE1  sing N N 330 
TRP CE2 CZ2  sing Y N 331 
TRP CE3 CZ3  doub Y N 332 
TRP CE3 HE3  sing N N 333 
TRP CZ2 CH2  doub Y N 334 
TRP CZ2 HZ2  sing N N 335 
TRP CZ3 CH2  sing Y N 336 
TRP CZ3 HZ3  sing N N 337 
TRP CH2 HH2  sing N N 338 
TRP OXT HXT  sing N N 339 
TYR N   CA   sing N N 340 
TYR N   H    sing N N 341 
TYR N   H2   sing N N 342 
TYR CA  C    sing N N 343 
TYR CA  CB   sing N N 344 
TYR CA  HA   sing N N 345 
TYR C   O    doub N N 346 
TYR C   OXT  sing N N 347 
TYR CB  CG   sing N N 348 
TYR CB  HB2  sing N N 349 
TYR CB  HB3  sing N N 350 
TYR CG  CD1  doub Y N 351 
TYR CG  CD2  sing Y N 352 
TYR CD1 CE1  sing Y N 353 
TYR CD1 HD1  sing N N 354 
TYR CD2 CE2  doub Y N 355 
TYR CD2 HD2  sing N N 356 
TYR CE1 CZ   doub Y N 357 
TYR CE1 HE1  sing N N 358 
TYR CE2 CZ   sing Y N 359 
TYR CE2 HE2  sing N N 360 
TYR CZ  OH   sing N N 361 
TYR OH  HH   sing N N 362 
TYR OXT HXT  sing N N 363 
VAL N   CA   sing N N 364 
VAL N   H    sing N N 365 
VAL N   H2   sing N N 366 
VAL CA  C    sing N N 367 
VAL CA  CB   sing N N 368 
VAL CA  HA   sing N N 369 
VAL C   O    doub N N 370 
VAL C   OXT  sing N N 371 
VAL CB  CG1  sing N N 372 
VAL CB  CG2  sing N N 373 
VAL CB  HB   sing N N 374 
VAL CG1 HG11 sing N N 375 
VAL CG1 HG12 sing N N 376 
VAL CG1 HG13 sing N N 377 
VAL CG2 HG21 sing N N 378 
VAL CG2 HG22 sing N N 379 
VAL CG2 HG23 sing N N 380 
VAL OXT HXT  sing N N 381 
# 
_pdbx_initial_refinement_model.id               1 
_pdbx_initial_refinement_model.entity_id_list   ? 
_pdbx_initial_refinement_model.type             'experimental model' 
_pdbx_initial_refinement_model.source_name      PDB 
_pdbx_initial_refinement_model.accession_code   3B5G 
_pdbx_initial_refinement_model.details          ? 
# 
_atom_sites.entry_id                    5IR3 
_atom_sites.fract_transf_matrix[1][1]   -0.01225585 
_atom_sites.fract_transf_matrix[1][2]   -0.00635791 
_atom_sites.fract_transf_matrix[1][3]   -0.00266135 
_atom_sites.fract_transf_matrix[2][1]   0.00209370 
_atom_sites.fract_transf_matrix[2][2]   -0.00860694 
_atom_sites.fract_transf_matrix[2][3]   0.01092010 
_atom_sites.fract_transf_matrix[3][1]   -0.00484205 
_atom_sites.fract_transf_matrix[3][2]   0.00672612 
_atom_sites.fract_transf_matrix[3][3]   0.00622971 
_atom_sites.fract_transf_vector[1]      0.130375 
_atom_sites.fract_transf_vector[2]      0.364295 
_atom_sites.fract_transf_vector[3]      -0.041614 
# 
loop_
_atom_type.symbol 
C 
N 
O 
S 
# 
loop_
_atom_site.group_PDB 
_atom_site.id 
_atom_site.type_symbol 
_atom_site.label_atom_id 
_atom_site.label_alt_id 
_atom_site.label_comp_id 
_atom_site.label_asym_id 
_atom_site.label_entity_id 
_atom_site.label_seq_id 
_atom_site.pdbx_PDB_ins_code 
_atom_site.Cartn_x 
_atom_site.Cartn_y 
_atom_site.Cartn_z 
_atom_site.occupancy 
_atom_site.B_iso_or_equiv 
_atom_site.pdbx_formal_charge 
_atom_site.auth_seq_id 
_atom_site.auth_comp_id 
_atom_site.auth_asym_id 
_atom_site.auth_atom_id 
_atom_site.pdbx_PDB_model_num 
ATOM   1    N N   . ASP A 1 1   ? -17.756 -9.323  7.782   1.00 28.43 ?  1   ASP A N   1 
ATOM   2    C CA  . ASP A 1 1   ? -16.581 -9.750  7.031   1.00 35.25 ?  1   ASP A CA  1 
ATOM   3    C C   . ASP A 1 1   ? -15.448 -8.752  7.221   1.00 27.31 ?  1   ASP A C   1 
ATOM   4    O O   . ASP A 1 1   ? -15.693 -7.568  7.438   1.00 33.92 ?  1   ASP A O   1 
ATOM   5    C CB  . ASP A 1 1   ? -16.913 -9.850  5.546   1.00 39.51 ?  1   ASP A CB  1 
ATOM   6    C CG  . ASP A 1 1   ? -18.153 -10.682 5.281   1.00 58.14 ?  1   ASP A CG  1 
ATOM   7    O OD1 . ASP A 1 1   ? -18.854 -11.045 6.254   1.00 46.99 ?  1   ASP A OD1 1 
ATOM   8    O OD2 . ASP A 1 1   ? -18.430 -10.964 4.094   1.00 63.30 -1 1   ASP A OD2 1 
ATOM   9    N N   . PHE A 1 2   ? -14.211 -9.228  7.127   1.00 17.99 ?  2   PHE A N   1 
ATOM   10   C CA  . PHE A 1 2   ? -13.052 -8.344  7.237   1.00 21.22 ?  2   PHE A CA  1 
ATOM   11   C C   . PHE A 1 2   ? -12.804 -7.646  5.904   1.00 19.28 ?  2   PHE A C   1 
ATOM   12   O O   . PHE A 1 2   ? -12.725 -8.296  4.858   1.00 18.15 ?  2   PHE A O   1 
ATOM   13   C CB  . PHE A 1 2   ? -11.823 -9.158  7.640   1.00 16.86 ?  2   PHE A CB  1 
ATOM   14   C CG  . PHE A 1 2   ? -10.585 -8.333  7.832   1.00 16.17 ?  2   PHE A CG  1 
ATOM   15   C CD1 . PHE A 1 2   ? -10.565 -7.295  8.753   1.00 17.27 ?  2   PHE A CD1 1 
ATOM   16   C CD2 . PHE A 1 2   ? -9.439  -8.603  7.103   1.00 16.87 ?  2   PHE A CD2 1 
ATOM   17   C CE1 . PHE A 1 2   ? -9.417  -6.532  8.942   1.00 14.37 ?  2   PHE A CE1 1 
ATOM   18   C CE2 . PHE A 1 2   ? -8.288  -7.848  7.284   1.00 17.82 ?  2   PHE A CE2 1 
ATOM   19   C CZ  . PHE A 1 2   ? -8.276  -6.812  8.201   1.00 17.03 ?  2   PHE A CZ  1 
ATOM   20   N N   . MET A 1 3   ? -12.693 -6.321  5.936   1.00 13.77 ?  3   MET A N   1 
ATOM   21   C CA  . MET A 1 3   ? -12.456 -5.538  4.737   1.00 18.85 ?  3   MET A CA  1 
ATOM   22   C C   . MET A 1 3   ? -11.336 -4.541  4.997   1.00 13.58 ?  3   MET A C   1 
ATOM   23   O O   . MET A 1 3   ? -11.022 -4.207  6.143   1.00 15.30 ?  3   MET A O   1 
ATOM   24   C CB  . MET A 1 3   ? -13.708 -4.777  4.271   1.00 23.54 ?  3   MET A CB  1 
ATOM   25   C CG  . MET A 1 3   ? -14.959 -5.629  4.157   1.00 38.84 ?  3   MET A CG  1 
ATOM   26   S SD  . MET A 1 3   ? -16.266 -4.746  3.290   1.00 50.44 ?  3   MET A SD  1 
ATOM   27   C CE  . MET A 1 3   ? -16.047 -3.088  3.944   1.00 32.86 ?  3   MET A CE  1 
ATOM   28   N N   . LEU A 1 4   ? -10.738 -4.068  3.909   1.00 11.82 ?  4   LEU A N   1 
ATOM   29   C CA  . LEU A 1 4   ? -9.671  -3.077  3.960   1.00 8.23  ?  4   LEU A CA  1 
ATOM   30   C C   . LEU A 1 4   ? -10.121 -1.853  3.174   1.00 11.77 ?  4   LEU A C   1 
ATOM   31   O O   . LEU A 1 4   ? -10.416 -1.951  1.979   1.00 12.42 ?  4   LEU A O   1 
ATOM   32   C CB  . LEU A 1 4   ? -8.376  -3.669  3.382   1.00 7.61  ?  4   LEU A CB  1 
ATOM   33   C CG  . LEU A 1 4   ? -7.738  -4.766  4.241   1.00 9.18  ?  4   LEU A CG  1 
ATOM   34   C CD1 . LEU A 1 4   ? -6.576  -5.462  3.500   1.00 11.25 ?  4   LEU A CD1 1 
ATOM   35   C CD2 . LEU A 1 4   ? -7.253  -4.196  5.565   1.00 11.37 ?  4   LEU A CD2 1 
ATOM   36   N N   . THR A 1 5   ? -10.185 -0.706  3.850   1.00 12.55 ?  5   THR A N   1 
ATOM   37   C CA  . THR A 1 5   ? -10.650 0.542   3.264   1.00 11.81 ?  5   THR A CA  1 
ATOM   38   C C   . THR A 1 5   ? -9.453  1.395   2.871   1.00 12.63 ?  5   THR A C   1 
ATOM   39   O O   . THR A 1 5   ? -8.631  1.752   3.724   1.00 16.04 ?  5   THR A O   1 
ATOM   40   C CB  . THR A 1 5   ? -11.533 1.276   4.275   1.00 14.48 ?  5   THR A CB  1 
ATOM   41   O OG1 . THR A 1 5   ? -12.487 0.351   4.826   1.00 20.05 ?  5   THR A OG1 1 
ATOM   42   C CG2 . THR A 1 5   ? -12.269 2.400   3.590   1.00 18.48 ?  5   THR A CG2 1 
ATOM   43   N N   . GLN A 1 6   ? -9.367  1.735   1.587   1.00 11.78 ?  6   GLN A N   1 
ATOM   44   C CA  . GLN A 1 6   ? -8.240  2.450   1.022   1.00 11.62 ?  6   GLN A CA  1 
ATOM   45   C C   . GLN A 1 6   ? -8.736  3.652   0.220   1.00 11.84 ?  6   GLN A C   1 
ATOM   46   O O   . GLN A 1 6   ? -9.718  3.522   -0.520  1.00 16.30 ?  6   GLN A O   1 
ATOM   47   C CB  . GLN A 1 6   ? -7.516  1.464   0.083   1.00 17.51 ?  6   GLN A CB  1 
ATOM   48   C CG  . GLN A 1 6   ? -6.125  1.868   -0.230  1.00 9.80  ?  6   GLN A CG  1 
ATOM   49   C CD  . GLN A 1 6   ? -5.349  0.841   -1.073  1.00 7.61  ?  6   GLN A CD  1 
ATOM   50   O OE1 . GLN A 1 6   ? -5.706  -0.348  -1.172  1.00 9.21  ?  6   GLN A OE1 1 
ATOM   51   N NE2 . GLN A 1 6   ? -4.290  1.314   -1.680  1.00 10.04 ?  6   GLN A NE2 1 
ATOM   52   N N   . PRO A 1 7   ? -8.098  4.823   0.334   1.00 11.55 ?  7   PRO A N   1 
ATOM   53   C CA  . PRO A 1 7   ? -8.505  5.968   -0.496  1.00 12.99 ?  7   PRO A CA  1 
ATOM   54   C C   . PRO A 1 7   ? -8.090  5.728   -1.941  1.00 15.76 ?  7   PRO A C   1 
ATOM   55   O O   . PRO A 1 7   ? -7.202  4.928   -2.224  1.00 12.67 ?  7   PRO A O   1 
ATOM   56   C CB  . PRO A 1 7   ? -7.735  7.142   0.105   1.00 11.72 ?  7   PRO A CB  1 
ATOM   57   C CG  . PRO A 1 7   ? -6.472  6.483   0.675   1.00 15.46 ?  7   PRO A CG  1 
ATOM   58   C CD  . PRO A 1 7   ? -6.932  5.142   1.185   1.00 12.34 ?  7   PRO A CD  1 
ATOM   59   N N   A HIS A 1 8   ? -8.721  6.409   -2.882  0.51 20.31 ?  8   HIS A N   1 
ATOM   60   N N   B HIS A 1 8   ? -8.756  6.485   -2.839  0.49 20.19 ?  8   HIS A N   1 
ATOM   61   C CA  A HIS A 1 8   ? -8.427  5.973   -4.245  0.51 14.79 ?  8   HIS A CA  1 
ATOM   62   C CA  B HIS A 1 8   ? -8.691  6.293   -4.292  0.49 16.99 ?  8   HIS A CA  1 
ATOM   63   C C   A HIS A 1 8   ? -7.434  6.839   -5.022  0.51 13.52 ?  8   HIS A C   1 
ATOM   64   C C   B HIS A 1 8   ? -7.384  6.780   -4.872  0.49 13.51 ?  8   HIS A C   1 
ATOM   65   O O   A HIS A 1 8   ? -7.016  6.416   -6.105  0.51 11.43 ?  8   HIS A O   1 
ATOM   66   O O   B HIS A 1 8   ? -6.771  6.103   -5.705  0.49 13.93 ?  8   HIS A O   1 
ATOM   67   C CB  A HIS A 1 8   ? -9.702  5.674   -5.047  0.51 16.12 ?  8   HIS A CB  1 
ATOM   68   C CB  B HIS A 1 8   ? -9.744  7.146   -5.010  0.49 11.46 ?  8   HIS A CB  1 
ATOM   69   C CG  A HIS A 1 8   ? -10.779 6.674   -4.827  0.51 11.02 ?  8   HIS A CG  1 
ATOM   70   C CG  B HIS A 1 8   ? -11.092 7.151   -4.378  0.49 10.93 ?  8   HIS A CG  1 
ATOM   71   N ND1 A HIS A 1 8   ? -10.742 7.928   -5.393  0.51 12.23 ?  8   HIS A ND1 1 
ATOM   72   N ND1 B HIS A 1 8   ? -11.757 6.002   -4.016  0.49 14.26 ?  8   HIS A ND1 1 
ATOM   73   C CD2 A HIS A 1 8   ? -11.902 6.628   -4.074  0.51 13.89 ?  8   HIS A CD2 1 
ATOM   74   C CD2 B HIS A 1 8   ? -11.923 8.179   -4.094  0.49 8.69  ?  8   HIS A CD2 1 
ATOM   75   C CE1 A HIS A 1 8   ? -11.809 8.605   -5.011  0.51 12.12 ?  8   HIS A CE1 1 
ATOM   76   C CE1 B HIS A 1 8   ? -12.929 6.329   -3.504  0.49 10.14 ?  8   HIS A CE1 1 
ATOM   77   N NE2 A HIS A 1 8   ? -12.526 7.841   -4.207  0.51 10.48 ?  8   HIS A NE2 1 
ATOM   78   N NE2 B HIS A 1 8   ? -13.058 7.641   -3.546  0.49 16.66 ?  8   HIS A NE2 1 
ATOM   79   N N   . SER A 1 9   ? -7.004  8.001   -4.520  1.00 13.91 ?  9   SER A N   1 
ATOM   80   C CA  . SER A 1 9   ? -6.011  8.759   -5.269  1.00 15.27 ?  9   SER A CA  1 
ATOM   81   C C   . SER A 1 9   ? -5.189  9.661   -4.369  1.00 24.32 ?  9   SER A C   1 
ATOM   82   O O   . SER A 1 9   ? -5.698  10.231  -3.401  1.00 25.51 ?  9   SER A O   1 
ATOM   83   C CB  . SER A 1 9   ? -6.648  9.617   -6.376  1.00 18.47 ?  9   SER A CB  1 
ATOM   84   O OG  . SER A 1 9   ? -7.695  8.916   -7.027  1.00 28.80 ?  9   SER A OG  1 
ATOM   85   N N   . VAL A 1 10  ? -3.911  9.780   -4.719  1.00 13.56 ?  10  VAL A N   1 
ATOM   86   C CA  . VAL A 1 10  ? -3.006  10.794  -4.210  1.00 14.41 ?  10  VAL A CA  1 
ATOM   87   C C   . VAL A 1 10  ? -2.217  11.322  -5.402  1.00 28.88 ?  10  VAL A C   1 
ATOM   88   O O   . VAL A 1 10  ? -2.091  10.658  -6.436  1.00 24.23 ?  10  VAL A O   1 
ATOM   89   C CB  . VAL A 1 10  ? -2.048  10.246  -3.126  1.00 18.09 ?  10  VAL A CB  1 
ATOM   90   C CG1 . VAL A 1 10  ? -2.833  9.717   -1.932  1.00 17.48 ?  10  VAL A CG1 1 
ATOM   91   C CG2 . VAL A 1 10  ? -1.167  9.154   -3.704  1.00 16.53 ?  10  VAL A CG2 1 
ATOM   92   N N   . SER A 1 11  ? -1.688  12.534  -5.251  1.00 25.51 ?  11  SER A N   1 
ATOM   93   C CA  . SER A 1 11  ? -0.895  13.166  -6.295  1.00 26.50 ?  11  SER A CA  1 
ATOM   94   C C   . SER A 1 11  ? 0.142   14.089  -5.671  1.00 34.38 ?  11  SER A C   1 
ATOM   95   O O   . SER A 1 11  ? -0.144  14.782  -4.692  1.00 35.04 ?  11  SER A O   1 
ATOM   96   C CB  . SER A 1 11  ? -1.783  13.940  -7.282  1.00 35.35 ?  11  SER A CB  1 
ATOM   97   O OG  . SER A 1 11  ? -2.712  14.778  -6.607  1.00 35.36 ?  11  SER A OG  1 
ATOM   98   N N   . GLU A 1 12  ? 1.352   14.081  -6.232  1.00 23.78 ?  12  GLU A N   1 
ATOM   99   C CA  . GLU A 1 12  ? 2.408   15.003  -5.828  1.00 27.91 ?  12  GLU A CA  1 
ATOM   100  C C   . GLU A 1 12  ? 3.387   15.205  -6.974  1.00 32.26 ?  12  GLU A C   1 
ATOM   101  O O   . GLU A 1 12  ? 3.394   14.464  -7.961  1.00 29.79 ?  12  GLU A O   1 
ATOM   102  C CB  . GLU A 1 12  ? 3.201   14.524  -4.603  1.00 20.90 ?  12  GLU A CB  1 
ATOM   103  C CG  . GLU A 1 12  ? 2.707   15.068  -3.273  1.00 34.68 ?  12  GLU A CG  1 
ATOM   104  C CD  . GLU A 1 12  ? 2.900   16.562  -3.129  1.00 39.89 ?  12  GLU A CD  1 
ATOM   105  O OE1 . GLU A 1 12  ? 3.764   17.141  -3.832  1.00 35.37 ?  12  GLU A OE1 1 
ATOM   106  O OE2 . GLU A 1 12  ? 2.179   17.157  -2.300  1.00 47.39 -1 12  GLU A OE2 1 
ATOM   107  N N   . SER A 1 13  ? 4.237   16.209  -6.805  1.00 31.27 ?  13  SER A N   1 
ATOM   108  C CA  . SER A 1 13  ? 5.306   16.503  -7.734  1.00 31.76 ?  13  SER A CA  1 
ATOM   109  C C   . SER A 1 13  ? 6.486   15.587  -7.459  1.00 30.87 ?  13  SER A C   1 
ATOM   110  O O   . SER A 1 13  ? 6.608   15.025  -6.366  1.00 22.01 ?  13  SER A O   1 
ATOM   111  C CB  . SER A 1 13  ? 5.766   17.945  -7.545  1.00 29.65 ?  13  SER A CB  1 
ATOM   112  O OG  . SER A 1 13  ? 4.660   18.823  -7.489  1.00 42.88 ?  13  SER A OG  1 
ATOM   113  N N   . PRO A 1 14  ? 7.371   15.421  -8.437  1.00 30.22 ?  14  PRO A N   1 
ATOM   114  C CA  . PRO A 1 14  ? 8.585   14.634  -8.208  1.00 26.75 ?  14  PRO A CA  1 
ATOM   115  C C   . PRO A 1 14  ? 9.371   15.147  -7.011  1.00 36.01 ?  14  PRO A C   1 
ATOM   116  O O   . PRO A 1 14  ? 9.414   16.348  -6.734  1.00 25.25 ?  14  PRO A O   1 
ATOM   117  C CB  . PRO A 1 14  ? 9.367   14.820  -9.510  1.00 31.49 ?  14  PRO A CB  1 
ATOM   118  C CG  . PRO A 1 14  ? 8.301   14.996  -10.533 1.00 25.83 ?  14  PRO A CG  1 
ATOM   119  C CD  . PRO A 1 14  ? 7.207   15.779  -9.857  1.00 26.78 ?  14  PRO A CD  1 
ATOM   120  N N   . GLY A 1 15  ? 9.990   14.212  -6.293  1.00 24.81 ?  15  GLY A N   1 
ATOM   121  C CA  . GLY A 1 15  ? 10.815  14.525  -5.157  1.00 27.26 ?  15  GLY A CA  1 
ATOM   122  C C   . GLY A 1 15  ? 10.072  14.631  -3.843  1.00 18.36 ?  15  GLY A C   1 
ATOM   123  O O   . GLY A 1 15  ? 10.709  14.570  -2.784  1.00 24.83 ?  15  GLY A O   1 
ATOM   124  N N   . LYS A 1 16  ? 8.752   14.778  -3.876  1.00 18.09 ?  16  LYS A N   1 
ATOM   125  C CA  . LYS A 1 16  ? 7.971   14.908  -2.656  1.00 24.26 ?  16  LYS A CA  1 
ATOM   126  C C   . LYS A 1 16  ? 7.607   13.535  -2.095  1.00 27.93 ?  16  LYS A C   1 
ATOM   127  O O   . LYS A 1 16  ? 7.987   12.489  -2.629  1.00 20.13 ?  16  LYS A O   1 
ATOM   128  C CB  . LYS A 1 16  ? 6.718   15.738  -2.918  1.00 29.37 ?  16  LYS A CB  1 
ATOM   129  C CG  . LYS A 1 16  ? 7.018   17.033  -3.627  1.00 33.07 ?  16  LYS A CG  1 
ATOM   130  C CD  . LYS A 1 16  ? 8.033   17.840  -2.846  1.00 29.71 ?  16  LYS A CD  1 
ATOM   131  C CE  . LYS A 1 16  ? 7.330   18.859  -1.987  1.00 55.08 ?  16  LYS A CE  1 
ATOM   132  N NZ  . LYS A 1 16  ? 6.347   19.619  -2.811  1.00 56.35 ?  16  LYS A NZ  1 
ATOM   133  N N   . THR A 1 17  ? 6.836   13.540  -1.012  1.00 19.61 ?  17  THR A N   1 
ATOM   134  C CA  . THR A 1 17  ? 6.447   12.327  -0.312  1.00 14.67 ?  17  THR A CA  1 
ATOM   135  C C   . THR A 1 17  ? 4.929   12.211  -0.306  1.00 25.45 ?  17  THR A C   1 
ATOM   136  O O   . THR A 1 17  ? 4.218   13.199  -0.086  1.00 20.97 ?  17  THR A O   1 
ATOM   137  C CB  . THR A 1 17  ? 7.004   12.343  1.119   1.00 15.78 ?  17  THR A CB  1 
ATOM   138  O OG1 . THR A 1 17  ? 8.439   12.329  1.067   1.00 18.66 ?  17  THR A OG1 1 
ATOM   139  C CG2 . THR A 1 17  ? 6.520   11.123  1.909   1.00 18.32 ?  17  THR A CG2 1 
ATOM   140  N N   . VAL A 1 18  ? 4.440   11.005  -0.581  1.00 17.06 ?  18  VAL A N   1 
ATOM   141  C CA  . VAL A 1 18  ? 3.029   10.681  -0.461  1.00 17.14 ?  18  VAL A CA  1 
ATOM   142  C C   . VAL A 1 18  ? 2.894   9.516   0.503   1.00 15.54 ?  18  VAL A C   1 
ATOM   143  O O   . VAL A 1 18  ? 3.790   8.672   0.632   1.00 14.43 ?  18  VAL A O   1 
ATOM   144  C CB  . VAL A 1 18  ? 2.350   10.335  -1.805  1.00 17.09 ?  18  VAL A CB  1 
ATOM   145  C CG1 . VAL A 1 18  ? 2.431   11.501  -2.770  1.00 21.24 ?  18  VAL A CG1 1 
ATOM   146  C CG2 . VAL A 1 18  ? 2.988   9.101   -2.418  1.00 14.15 ?  18  VAL A CG2 1 
ATOM   147  N N   . THR A 1 19  ? 1.771   9.496   1.209   1.00 16.96 ?  19  THR A N   1 
ATOM   148  C CA  A THR A 1 19  ? 1.423   8.366   2.043   0.69 15.43 ?  19  THR A CA  1 
ATOM   149  C CA  B THR A 1 19  ? 1.414   8.394   2.090   0.31 15.41 ?  19  THR A CA  1 
ATOM   150  C C   . THR A 1 19  ? -0.075  8.133   1.943   1.00 15.63 ?  19  THR A C   1 
ATOM   151  O O   . THR A 1 19  ? -0.859  9.061   1.743   1.00 17.89 ?  19  THR A O   1 
ATOM   152  C CB  A THR A 1 19  ? 1.907   8.563   3.492   0.69 15.76 ?  19  THR A CB  1 
ATOM   153  C CB  B THR A 1 19  ? 1.678   8.703   3.575   0.31 15.71 ?  19  THR A CB  1 
ATOM   154  O OG1 A THR A 1 19  ? 1.429   7.491   4.308   0.69 11.90 ?  19  THR A OG1 1 
ATOM   155  O OG1 B THR A 1 19  ? 0.672   9.600   4.059   0.31 21.27 ?  19  THR A OG1 1 
ATOM   156  C CG2 A THR A 1 19  ? 1.423   9.887   4.046   0.69 21.63 ?  19  THR A CG2 1 
ATOM   157  C CG2 B THR A 1 19  ? 3.039   9.338   3.777   0.31 9.23  ?  19  THR A CG2 1 
ATOM   158  N N   . PHE A 1 20  ? -0.464  6.868   2.039   1.00 8.77  ?  20  PHE A N   1 
ATOM   159  C CA  . PHE A 1 20  ? -1.880  6.544   2.021   1.00 9.64  ?  20  PHE A CA  1 
ATOM   160  C C   . PHE A 1 20  ? -2.075  5.306   2.868   1.00 11.69 ?  20  PHE A C   1 
ATOM   161  O O   . PHE A 1 20  ? -1.150  4.505   3.036   1.00 12.01 ?  20  PHE A O   1 
ATOM   162  C CB  . PHE A 1 20  ? -2.440  6.379   0.605   1.00 11.13 ?  20  PHE A CB  1 
ATOM   163  C CG  . PHE A 1 20  ? -1.526  5.650   -0.324  1.00 9.69  ?  20  PHE A CG  1 
ATOM   164  C CD1 . PHE A 1 20  ? -1.656  4.275   -0.515  1.00 12.04 ?  20  PHE A CD1 1 
ATOM   165  C CD2 . PHE A 1 20  ? -0.536  6.331   -1.007  1.00 9.54  ?  20  PHE A CD2 1 
ATOM   166  C CE1 . PHE A 1 20  ? -0.800  3.586   -1.384  1.00 12.39 ?  20  PHE A CE1 1 
ATOM   167  C CE2 . PHE A 1 20  ? 0.331   5.647   -1.876  1.00 13.79 ?  20  PHE A CE2 1 
ATOM   168  C CZ  . PHE A 1 20  ? 0.185   4.276   -2.062  1.00 10.07 ?  20  PHE A CZ  1 
ATOM   169  N N   . SER A 1 21  ? -3.281  5.152   3.403   1.00 11.64 ?  21  SER A N   1 
ATOM   170  C CA  A SER A 1 21  ? -3.503  4.119   4.393   0.58 15.34 ?  21  SER A CA  1 
ATOM   171  C CA  B SER A 1 21  ? -3.563  4.164   4.429   0.42 15.38 ?  21  SER A CA  1 
ATOM   172  C C   . SER A 1 21  ? -4.538  3.100   3.939   1.00 15.11 ?  21  SER A C   1 
ATOM   173  O O   . SER A 1 21  ? -5.219  3.249   2.921   1.00 20.78 ?  21  SER A O   1 
ATOM   174  C CB  A SER A 1 21  ? -3.874  4.716   5.756   0.58 12.96 ?  21  SER A CB  1 
ATOM   175  C CB  B SER A 1 21  ? -4.135  4.844   5.678   0.42 13.86 ?  21  SER A CB  1 
ATOM   176  O OG  A SER A 1 21  ? -2.777  5.434   6.282   0.58 17.68 ?  21  SER A OG  1 
ATOM   177  O OG  B SER A 1 21  ? -5.383  5.457   5.390   0.42 12.42 ?  21  SER A OG  1 
ATOM   178  N N   . CYS A 1 22  ? -4.599  2.038   4.721   1.00 12.10 ?  22  CYS A N   1 
ATOM   179  C CA  A CYS A 1 22  ? -5.464  0.885   4.518   0.47 10.38 ?  22  CYS A CA  1 
ATOM   180  C CA  B CYS A 1 22  ? -5.529  0.937   4.516   0.53 10.35 ?  22  CYS A CA  1 
ATOM   181  C C   . CYS A 1 22  ? -6.065  0.605   5.894   1.00 13.23 ?  22  CYS A C   1 
ATOM   182  O O   . CYS A 1 22  ? -5.324  0.202   6.792   1.00 14.01 ?  22  CYS A O   1 
ATOM   183  C CB  A CYS A 1 22  ? -4.523  -0.248  4.107   0.47 19.92 ?  22  CYS A CB  1 
ATOM   184  C CB  B CYS A 1 22  ? -4.866  -0.282  3.878   0.53 21.48 ?  22  CYS A CB  1 
ATOM   185  S SG  A CYS A 1 22  ? -5.144  -1.855  3.697   0.47 17.79 ?  22  CYS A SG  1 
ATOM   186  S SG  B CYS A 1 22  ? -5.392  -0.494  2.177   0.53 13.37 ?  22  CYS A SG  1 
ATOM   187  N N   . THR A 1 23  ? -7.363  0.831   6.088   1.00 10.27 ?  23  THR A N   1 
ATOM   188  C CA  . THR A 1 23  ? -7.959  0.705   7.416   1.00 9.11  ?  23  THR A CA  1 
ATOM   189  C C   . THR A 1 23  ? -8.791  -0.568  7.510   1.00 14.64 ?  23  THR A C   1 
ATOM   190  O O   . THR A 1 23  ? -9.621  -0.841  6.634   1.00 12.11 ?  23  THR A O   1 
ATOM   191  C CB  . THR A 1 23  ? -8.821  1.926   7.771   1.00 12.65 ?  23  THR A CB  1 
ATOM   192  O OG1 . THR A 1 23  ? -8.049  3.130   7.616   1.00 15.31 ?  23  THR A OG1 1 
ATOM   193  C CG2 . THR A 1 23  ? -9.274  1.821   9.214   1.00 13.54 ?  23  THR A CG2 1 
ATOM   194  N N   . GLY A 1 24  ? -8.563  -1.340  8.568   1.00 10.60 ?  24  GLY A N   1 
ATOM   195  C CA  . GLY A 1 24  ? -9.332  -2.556  8.774   1.00 9.60  ?  24  GLY A CA  1 
ATOM   196  C C   . GLY A 1 24  ? -10.758 -2.253  9.206   1.00 16.41 ?  24  GLY A C   1 
ATOM   197  O O   . GLY A 1 24  ? -11.015 -1.345  9.997   1.00 14.43 ?  24  GLY A O   1 
ATOM   198  N N   . SER A 1 25  ? -11.690 -3.034  8.666   1.00 13.55 ?  25  SER A N   1 
ATOM   199  C CA  . SER A 1 25  ? -13.104 -2.987  9.016   1.00 15.25 ?  25  SER A CA  1 
ATOM   200  C C   . SER A 1 25  ? -13.554 -4.410  9.290   1.00 22.04 ?  25  SER A C   1 
ATOM   201  O O   . SER A 1 25  ? -13.317 -5.298  8.467   1.00 18.49 ?  25  SER A O   1 
ATOM   202  C CB  . SER A 1 25  ? -13.916 -2.424  7.846   1.00 20.60 ?  25  SER A CB  1 
ATOM   203  O OG  . SER A 1 25  ? -15.304 -2.474  8.127   1.00 36.07 ?  25  SER A OG  1 
ATOM   204  N N   . GLY A 1 26  ? -14.195 -4.635  10.437  1.00 18.05 ?  26  GLY A N   1 
ATOM   205  C CA  . GLY A 1 26  ? -14.611 -5.982  10.780  1.00 17.52 ?  26  GLY A CA  1 
ATOM   206  C C   . GLY A 1 26  ? -13.506 -6.880  11.281  1.00 19.04 ?  26  GLY A C   1 
ATOM   207  O O   . GLY A 1 26  ? -13.641 -8.105  11.226  1.00 24.82 ?  26  GLY A O   1 
ATOM   208  N N   . GLY A 1 27  ? -12.411 -6.308  11.761  1.00 18.48 ?  27  GLY A N   1 
ATOM   209  C CA  . GLY A 1 27  ? -11.307 -7.084  12.285  1.00 18.01 ?  27  GLY A CA  1 
ATOM   210  C C   . GLY A 1 27  ? -10.152 -6.160  12.588  1.00 17.98 ?  27  GLY A C   1 
ATOM   211  O O   . GLY A 1 27  ? -10.154 -4.984  12.213  1.00 17.00 ?  27  GLY A O   1 
ATOM   212  N N   . SER A 1 28  ? -9.154  -6.712  13.271  1.00 14.99 ?  28  SER A N   1 
ATOM   213  C CA  . SER A 1 28  ? -7.981  -5.941  13.666  1.00 17.79 ?  28  SER A CA  1 
ATOM   214  C C   . SER A 1 28  ? -6.884  -6.093  12.621  1.00 13.41 ?  28  SER A C   1 
ATOM   215  O O   . SER A 1 28  ? -6.512  -7.215  12.276  1.00 13.74 ?  28  SER A O   1 
ATOM   216  C CB  . SER A 1 28  ? -7.448  -6.420  15.016  1.00 21.93 ?  28  SER A CB  1 
ATOM   217  O OG  . SER A 1 28  ? -6.235  -5.748  15.328  1.00 28.12 ?  28  SER A OG  1 
ATOM   218  N N   . ILE A 1 29  ? -6.366  -4.959  12.143  1.00 15.02 ?  29  ILE A N   1 
ATOM   219  C CA  . ILE A 1 29  ? -5.273  -4.938  11.167  1.00 12.87 ?  29  ILE A CA  1 
ATOM   220  C C   . ILE A 1 29  ? -4.058  -5.719  11.663  1.00 15.96 ?  29  ILE A C   1 
ATOM   221  O O   . ILE A 1 29  ? -3.290  -6.265  10.861  1.00 16.06 ?  29  ILE A O   1 
ATOM   222  C CB  . ILE A 1 29  ? -4.912  -3.468  10.850  1.00 13.06 ?  29  ILE A CB  1 
ATOM   223  C CG1 . ILE A 1 29  ? -4.073  -3.355  9.580   1.00 17.45 ?  29  ILE A CG1 1 
ATOM   224  C CG2 . ILE A 1 29  ? -4.135  -2.841  12.000  1.00 18.96 ?  29  ILE A CG2 1 
ATOM   225  C CD1 . ILE A 1 29  ? -4.873  -3.515  8.309   1.00 14.18 ?  29  ILE A CD1 1 
ATOM   226  N N   . ALA A 1 30  ? -3.847  -5.778  12.979  1.00 15.35 ?  30  ALA A N   1 
ATOM   227  C CA  . ALA A 1 30  ? -2.627  -6.371  13.518  1.00 18.16 ?  30  ALA A CA  1 
ATOM   228  C C   . ALA A 1 30  ? -2.657  -7.895  13.563  1.00 16.63 ?  30  ALA A C   1 
ATOM   229  O O   . ALA A 1 30  ? -1.622  -8.511  13.834  1.00 15.90 ?  30  ALA A O   1 
ATOM   230  C CB  . ALA A 1 30  ? -2.353  -5.828  14.922  1.00 17.95 ?  30  ALA A CB  1 
ATOM   231  N N   . ASP A 1 31  ? -3.801  -8.523  13.297  1.00 12.38 ?  31  ASP A N   1 
ATOM   232  C CA  . ASP A 1 31  ? -3.890  -9.973  13.414  1.00 16.34 ?  31  ASP A CA  1 
ATOM   233  C C   . ASP A 1 31  ? -3.217  -10.716 12.264  1.00 14.26 ?  31  ASP A C   1 
ATOM   234  O O   . ASP A 1 31  ? -2.899  -11.901 12.415  1.00 15.90 ?  31  ASP A O   1 
ATOM   235  C CB  . ASP A 1 31  ? -5.353  -10.394 13.492  1.00 12.49 ?  31  ASP A CB  1 
ATOM   236  C CG  . ASP A 1 31  ? -5.956  -10.145 14.858  1.00 29.53 ?  31  ASP A CG  1 
ATOM   237  O OD1 . ASP A 1 31  ? -5.194  -9.836  15.799  1.00 27.58 ?  31  ASP A OD1 1 
ATOM   238  O OD2 . ASP A 1 31  ? -7.188  -10.272 14.986  1.00 26.88 -1 31  ASP A OD2 1 
ATOM   239  N N   . SER A 1 32  ? -3.005  -10.056 11.131  1.00 11.43 ?  32  SER A N   1 
ATOM   240  C CA  . SER A 1 32  ? -2.452  -10.687 9.943   1.00 9.92  ?  32  SER A CA  1 
ATOM   241  C C   . SER A 1 32  ? -1.466  -9.729  9.288   1.00 9.91  ?  32  SER A C   1 
ATOM   242  O O   . SER A 1 32  ? -1.584  -8.508  9.416   1.00 11.16 ?  32  SER A O   1 
ATOM   243  C CB  . SER A 1 32  ? -3.573  -11.030 8.947   1.00 16.18 ?  32  SER A CB  1 
ATOM   244  O OG  . SER A 1 32  ? -4.447  -12.026 9.469   1.00 18.04 ?  32  SER A OG  1 
ATOM   245  N N   . PHE A 1 33  ? -0.496  -10.295 8.577   1.00 10.88 ?  33  PHE A N   1 
ATOM   246  C CA  . PHE A 1 33  ? 0.480   -9.488  7.852   1.00 9.58  ?  33  PHE A CA  1 
ATOM   247  C C   . PHE A 1 33  ? -0.170  -8.732  6.699   1.00 9.59  ?  33  PHE A C   1 
ATOM   248  O O   . PHE A 1 33  ? -1.051  -9.257  6.007   1.00 11.70 ?  33  PHE A O   1 
ATOM   249  C CB  . PHE A 1 33  ? 1.562   -10.398 7.284   1.00 12.99 ?  33  PHE A CB  1 
ATOM   250  C CG  . PHE A 1 33  ? 2.606   -10.784 8.276   1.00 15.09 ?  33  PHE A CG  1 
ATOM   251  C CD1 . PHE A 1 33  ? 3.219   -9.823  9.061   1.00 14.77 ?  33  PHE A CD1 1 
ATOM   252  C CD2 . PHE A 1 33  ? 2.990   -12.114 8.411   1.00 15.60 ?  33  PHE A CD2 1 
ATOM   253  C CE1 . PHE A 1 33  ? 4.204   -10.181 9.969   1.00 17.06 ?  33  PHE A CE1 1 
ATOM   254  C CE2 . PHE A 1 33  ? 3.973   -12.481 9.323   1.00 17.09 ?  33  PHE A CE2 1 
ATOM   255  C CZ  . PHE A 1 33  ? 4.578   -11.512 10.096  1.00 17.31 ?  33  PHE A CZ  1 
ATOM   256  N N   . VAL A 1 34  ? 0.291   -7.501  6.473   1.00 9.13  ?  34  VAL A N   1 
ATOM   257  C CA  . VAL A 1 34  ? -0.190  -6.650  5.386   1.00 9.21  ?  34  VAL A CA  1 
ATOM   258  C C   . VAL A 1 34  ? 0.880   -6.552  4.299   1.00 11.93 ?  34  VAL A C   1 
ATOM   259  O O   . VAL A 1 34  ? 2.062   -6.315  4.589   1.00 8.04  ?  34  VAL A O   1 
ATOM   260  C CB  . VAL A 1 34  ? -0.580  -5.253  5.894   1.00 8.53  ?  34  VAL A CB  1 
ATOM   261  C CG1 . VAL A 1 34  ? -1.000  -4.358  4.723   1.00 8.77  ?  34  VAL A CG1 1 
ATOM   262  C CG2 . VAL A 1 34  ? -1.705  -5.373  6.947   1.00 9.69  ?  34  VAL A CG2 1 
ATOM   263  N N   . GLN A 1 35  ? 0.450   -6.708  3.050   1.00 8.45  ?  35  GLN A N   1 
ATOM   264  C CA  . GLN A 1 35  ? 1.289   -6.594  1.868   1.00 8.49  ?  35  GLN A CA  1 
ATOM   265  C C   . GLN A 1 35  ? 0.825   -5.394  1.051   1.00 5.96  ?  35  GLN A C   1 
ATOM   266  O O   . GLN A 1 35  ? -0.341  -4.993  1.113   1.00 8.54  ?  35  GLN A O   1 
ATOM   267  C CB  . GLN A 1 35  ? 1.157   -7.851  0.990   1.00 9.10  ?  35  GLN A CB  1 
ATOM   268  C CG  . GLN A 1 35  ? 1.813   -9.126  1.549   1.00 8.26  ?  35  GLN A CG  1 
ATOM   269  C CD  . GLN A 1 35  ? 1.347   -9.483  2.944   1.00 15.11 ?  35  GLN A CD  1 
ATOM   270  O OE1 . GLN A 1 35  ? 2.134   -9.465  3.890   1.00 10.84 ?  35  GLN A OE1 1 
ATOM   271  N NE2 . GLN A 1 35  ? 0.062   -9.809  3.084   1.00 13.78 ?  35  GLN A NE2 1 
ATOM   272  N N   . TRP A 1 36  ? 1.738   -4.828  0.262   1.00 7.42  ?  36  TRP A N   1 
ATOM   273  C CA  . TRP A 1 36  ? 1.394   -3.772  -0.679  1.00 7.56  ?  36  TRP A CA  1 
ATOM   274  C C   . TRP A 1 36  ? 1.939   -4.141  -2.048  1.00 6.94  ?  36  TRP A C   1 
ATOM   275  O O   . TRP A 1 36  ? 3.097   -4.563  -2.165  1.00 8.30  ?  36  TRP A O   1 
ATOM   276  C CB  . TRP A 1 36  ? 2.000   -2.434  -0.272  1.00 5.30  ?  36  TRP A CB  1 
ATOM   277  C CG  . TRP A 1 36  ? 1.421   -1.897  1.005   1.00 7.61  ?  36  TRP A CG  1 
ATOM   278  C CD1 . TRP A 1 36  ? 1.817   -2.196  2.282   1.00 6.52  ?  36  TRP A CD1 1 
ATOM   279  C CD2 . TRP A 1 36  ? 0.340   -0.965  1.122   1.00 6.86  ?  36  TRP A CD2 1 
ATOM   280  N NE1 . TRP A 1 36  ? 1.046   -1.485  3.192   1.00 7.82  ?  36  TRP A NE1 1 
ATOM   281  C CE2 . TRP A 1 36  ? 0.132   -0.731  2.497   1.00 8.42  ?  36  TRP A CE2 1 
ATOM   282  C CE3 . TRP A 1 36  ? -0.462  -0.290  0.194   1.00 8.35  ?  36  TRP A CE3 1 
ATOM   283  C CZ2 . TRP A 1 36  ? -0.855  0.150   2.968   1.00 10.47 ?  36  TRP A CZ2 1 
ATOM   284  C CZ3 . TRP A 1 36  ? -1.447  0.585   0.666   1.00 9.36  ?  36  TRP A CZ3 1 
ATOM   285  C CH2 . TRP A 1 36  ? -1.626  0.795   2.039   1.00 8.36  ?  36  TRP A CH2 1 
ATOM   286  N N   . TYR A 1 37  ? 1.111   -3.975  -3.075  1.00 5.66  ?  37  TYR A N   1 
ATOM   287  C CA  . TYR A 1 37  ? 1.509   -4.284  -4.445  1.00 4.63  ?  37  TYR A CA  1 
ATOM   288  C C   . TYR A 1 37  ? 1.461   -3.029  -5.299  1.00 6.05  ?  37  TYR A C   1 
ATOM   289  O O   . TYR A 1 37  ? 0.578   -2.187  -5.127  1.00 9.09  ?  37  TYR A O   1 
ATOM   290  C CB  . TYR A 1 37  ? 0.603   -5.360  -5.085  1.00 7.30  ?  37  TYR A CB  1 
ATOM   291  C CG  . TYR A 1 37  ? 0.572   -6.602  -4.250  1.00 5.52  ?  37  TYR A CG  1 
ATOM   292  C CD1 . TYR A 1 37  ? 1.607   -7.535  -4.325  1.00 11.13 ?  37  TYR A CD1 1 
ATOM   293  C CD2 . TYR A 1 37  ? -0.455  -6.827  -3.352  1.00 7.64  ?  37  TYR A CD2 1 
ATOM   294  C CE1 . TYR A 1 37  ? 1.608   -8.655  -3.530  1.00 8.63  ?  37  TYR A CE1 1 
ATOM   295  C CE2 . TYR A 1 37  ? -0.467  -7.954  -2.545  1.00 8.48  ?  37  TYR A CE2 1 
ATOM   296  C CZ  . TYR A 1 37  ? 0.566   -8.863  -2.637  1.00 10.40 ?  37  TYR A CZ  1 
ATOM   297  O OH  . TYR A 1 37  ? 0.548   -9.973  -1.823  1.00 9.24  ?  37  TYR A OH  1 
ATOM   298  N N   . GLN A 1 38  ? 2.401   -2.926  -6.232  1.00 6.18  ?  38  GLN A N   1 
ATOM   299  C CA  . GLN A 1 38  ? 2.321   -1.941  -7.300  1.00 7.44  ?  38  GLN A CA  1 
ATOM   300  C C   . GLN A 1 38  ? 1.801   -2.664  -8.533  1.00 8.15  ?  38  GLN A C   1 
ATOM   301  O O   . GLN A 1 38  ? 2.140   -3.825  -8.763  1.00 8.85  ?  38  GLN A O   1 
ATOM   302  C CB  . GLN A 1 38  ? 3.713   -1.396  -7.613  1.00 7.02  ?  38  GLN A CB  1 
ATOM   303  C CG  . GLN A 1 38  ? 3.749   -0.360  -8.727  1.00 9.44  ?  38  GLN A CG  1 
ATOM   304  C CD  . GLN A 1 38  ? 5.176   -0.022  -9.117  1.00 13.38 ?  38  GLN A CD  1 
ATOM   305  O OE1 . GLN A 1 38  ? 5.876   -0.853  -9.703  1.00 11.59 ?  38  GLN A OE1 1 
ATOM   306  N NE2 . GLN A 1 38  ? 5.634   1.175   -8.752  1.00 10.80 ?  38  GLN A NE2 1 
ATOM   307  N N   . GLN A 1 39  ? 0.974   -1.986  -9.325  1.00 9.71  ?  39  GLN A N   1 
ATOM   308  C CA  A GLN A 1 39  ? 0.432   -2.611  -10.523 0.41 7.15  ?  39  GLN A CA  1 
ATOM   309  C CA  B GLN A 1 39  ? 0.425   -2.612  -10.519 0.59 7.07  ?  39  GLN A CA  1 
ATOM   310  C C   . GLN A 1 39  ? 0.329   -1.596  -11.645 1.00 9.07  ?  39  GLN A C   1 
ATOM   311  O O   . GLN A 1 39  ? -0.219  -0.501  -11.466 1.00 10.65 ?  39  GLN A O   1 
ATOM   312  C CB  A GLN A 1 39  ? -0.938  -3.250  -10.285 0.41 9.90  ?  39  GLN A CB  1 
ATOM   313  C CB  B GLN A 1 39  ? -0.940  -3.251  -10.231 0.59 9.88  ?  39  GLN A CB  1 
ATOM   314  C CG  A GLN A 1 39  ? -1.419  -4.020  -11.512 0.41 10.65 ?  39  GLN A CG  1 
ATOM   315  C CG  B GLN A 1 39  ? -1.351  -4.307  -11.259 0.59 10.55 ?  39  GLN A CG  1 
ATOM   316  C CD  A GLN A 1 39  ? -2.850  -4.487  -11.406 0.41 11.45 ?  39  GLN A CD  1 
ATOM   317  C CD  B GLN A 1 39  ? -2.500  -5.182  -10.793 0.59 9.11  ?  39  GLN A CD  1 
ATOM   318  O OE1 A GLN A 1 39  ? -3.662  -3.889  -10.704 0.41 9.01  ?  39  GLN A OE1 1 
ATOM   319  O OE1 B GLN A 1 39  ? -3.079  -4.963  -9.722  0.59 10.80 ?  39  GLN A OE1 1 
ATOM   320  N NE2 A GLN A 1 39  ? -3.174  -5.557  -12.127 0.41 8.45  ?  39  GLN A NE2 1 
ATOM   321  N NE2 B GLN A 1 39  ? -2.843  -6.182  -11.604 0.59 9.39  ?  39  GLN A NE2 1 
ATOM   322  N N   . ARG A 1 40  ? 0.842   -1.957  -12.768 1.00 10.94 ?  40  ARG A N   1 
ATOM   323  C CA  . ARG A 1 40  ? 0.799   -1.134  -13.959 1.00 15.22 ?  40  ARG A CA  1 
ATOM   324  C C   . ARG A 1 40  ? -0.275  -1.667  -14.891 1.00 14.86 ?  40  ARG A C   1 
ATOM   325  O O   . ARG A 1 40  ? -0.731  -2.803  -14.732 1.00 11.33 ?  40  ARG A O   1 
ATOM   326  C CB  . ARG A 1 40  ? 2.172   -1.170  -14.629 1.00 15.40 ?  40  ARG A CB  1 
ATOM   327  C CG  . ARG A 1 40  ? 3.292   -0.867  -13.622 1.00 20.91 ?  40  ARG A CG  1 
ATOM   328  C CD  . ARG A 1 40  ? 4.545   -0.405  -14.313 1.00 21.60 ?  40  ARG A CD  1 
ATOM   329  N NE  . ARG A 1 40  ? 5.623   -0.073  -13.386 1.00 15.47 ?  40  ARG A NE  1 
ATOM   330  C CZ  . ARG A 1 40  ? 5.833   1.132   -12.864 1.00 14.70 ?  40  ARG A CZ  1 
ATOM   331  N NH1 . ARG A 1 40  ? 5.016   2.145   -13.153 1.00 16.22 ?  40  ARG A NH1 1 
ATOM   332  N NH2 . ARG A 1 40  ? 6.864   1.321   -12.047 1.00 13.06 ?  40  ARG A NH2 1 
ATOM   333  N N   . PRO A 1 41  ? -0.741  -0.866  -15.850 1.00 14.70 ?  41  PRO A N   1 
ATOM   334  C CA  . PRO A 1 41  ? -1.941  -1.261  -16.598 1.00 16.35 ?  41  PRO A CA  1 
ATOM   335  C C   . PRO A 1 41  ? -1.726  -2.570  -17.343 1.00 12.53 ?  41  PRO A C   1 
ATOM   336  O O   . PRO A 1 41  ? -0.705  -2.771  -18.009 1.00 17.37 ?  41  PRO A O   1 
ATOM   337  C CB  . PRO A 1 41  ? -2.173  -0.082  -17.550 1.00 19.23 ?  41  PRO A CB  1 
ATOM   338  C CG  . PRO A 1 41  ? -1.557  1.090   -16.840 1.00 20.44 ?  41  PRO A CG  1 
ATOM   339  C CD  . PRO A 1 41  ? -0.336  0.518   -16.149 1.00 19.26 ?  41  PRO A CD  1 
ATOM   340  N N   . GLY A 1 42  ? -2.689  -3.473  -17.189 1.00 12.42 ?  42  GLY A N   1 
ATOM   341  C CA  . GLY A 1 42  ? -2.687  -4.749  -17.871 1.00 14.38 ?  42  GLY A CA  1 
ATOM   342  C C   . GLY A 1 42  ? -1.605  -5.708  -17.436 1.00 12.30 ?  42  GLY A C   1 
ATOM   343  O O   . GLY A 1 42  ? -1.365  -6.689  -18.142 1.00 9.04  ?  42  GLY A O   1 
ATOM   344  N N   . SER A 1 43  ? -0.949  -5.461  -16.298 1.00 12.18 ?  43  SER A N   1 
ATOM   345  C CA  . SER A 1 43  ? 0.170   -6.275  -15.845 1.00 11.22 ?  43  SER A CA  1 
ATOM   346  C C   . SER A 1 43  ? -0.102  -6.818  -14.447 1.00 8.41  ?  43  SER A C   1 
ATOM   347  O O   . SER A 1 43  ? -0.855  -6.230  -13.667 1.00 10.36 ?  43  SER A O   1 
ATOM   348  C CB  . SER A 1 43  ? 1.457   -5.446  -15.813 1.00 14.14 ?  43  SER A CB  1 
ATOM   349  O OG  . SER A 1 43  ? 1.684   -4.848  -17.077 1.00 22.62 ?  43  SER A OG  1 
ATOM   350  N N   . ALA A 1 44  ? 0.555   -7.936  -14.127 1.00 8.63  ?  44  ALA A N   1 
ATOM   351  C CA  . ALA A 1 44  ? 0.408   -8.555  -12.819 1.00 9.54  ?  44  ALA A CA  1 
ATOM   352  C C   . ALA A 1 44  ? 0.958   -7.641  -11.721 1.00 11.88 ?  44  ALA A C   1 
ATOM   353  O O   . ALA A 1 44  ? 1.944   -6.939  -11.931 1.00 10.68 ?  44  ALA A O   1 
ATOM   354  C CB  . ALA A 1 44  ? 1.162   -9.885  -12.769 1.00 11.39 ?  44  ALA A CB  1 
ATOM   355  N N   . PRO A 1 45  ? 0.349   -7.665  -10.537 1.00 9.50  ?  45  PRO A N   1 
ATOM   356  C CA  . PRO A 1 45  ? 0.888   -6.887  -9.409  1.00 10.76 ?  45  PRO A CA  1 
ATOM   357  C C   . PRO A 1 45  ? 2.277   -7.380  -9.036  1.00 14.22 ?  45  PRO A C   1 
ATOM   358  O O   . PRO A 1 45  ? 2.589   -8.567  -9.166  1.00 12.58 ?  45  PRO A O   1 
ATOM   359  C CB  . PRO A 1 45  ? -0.091  -7.177  -8.265  1.00 11.95 ?  45  PRO A CB  1 
ATOM   360  C CG  . PRO A 1 45  ? -1.252  -7.945  -8.867  1.00 17.73 ?  45  PRO A CG  1 
ATOM   361  C CD  . PRO A 1 45  ? -0.773  -8.536  -10.150 1.00 7.73  ?  45  PRO A CD  1 
ATOM   362  N N   . THR A 1 46  ? 3.108   -6.464  -8.539  1.00 9.54  ?  46  THR A N   1 
ATOM   363  C CA  . THR A 1 46  ? 4.412   -6.832  -8.001  1.00 11.12 ?  46  THR A CA  1 
ATOM   364  C C   . THR A 1 46  ? 4.513   -6.347  -6.564  1.00 7.88  ?  46  THR A C   1 
ATOM   365  O O   . THR A 1 46  ? 4.013   -5.269  -6.228  1.00 7.61  ?  46  THR A O   1 
ATOM   366  C CB  . THR A 1 46  ? 5.552   -6.238  -8.825  1.00 18.79 ?  46  THR A CB  1 
ATOM   367  O OG1 . THR A 1 46  ? 5.487   -4.813  -8.776  1.00 15.12 ?  46  THR A OG1 1 
ATOM   368  C CG2 . THR A 1 46  ? 5.459   -6.691  -10.279 1.00 17.57 ?  46  THR A CG2 1 
ATOM   369  N N   . THR A 1 47  ? 5.166   -7.143  -5.725  1.00 8.15  ?  47  THR A N   1 
ATOM   370  C CA  . THR A 1 47  ? 5.244   -6.816  -4.308  1.00 7.81  ?  47  THR A CA  1 
ATOM   371  C C   . THR A 1 47  ? 6.182   -5.639  -4.090  1.00 10.66 ?  47  THR A C   1 
ATOM   372  O O   . THR A 1 47  ? 7.312   -5.630  -4.589  1.00 6.89  ?  47  THR A O   1 
ATOM   373  C CB  . THR A 1 47  ? 5.775   -8.022  -3.537  1.00 8.66  ?  47  THR A CB  1 
ATOM   374  O OG1 . THR A 1 47  ? 4.912   -9.142  -3.762  1.00 12.02 ?  47  THR A OG1 1 
ATOM   375  C CG2 . THR A 1 47  ? 5.860   -7.729  -2.029  1.00 7.77  ?  47  THR A CG2 1 
ATOM   376  N N   . VAL A 1 48  ? 5.708   -4.647  -3.346  1.00 9.46  ?  48  VAL A N   1 
ATOM   377  C CA  A VAL A 1 48  ? 6.532   -3.562  -2.831  0.35 8.14  ?  48  VAL A CA  1 
ATOM   378  C CA  B VAL A 1 48  ? 6.603   -3.623  -2.843  0.65 8.17  ?  48  VAL A CA  1 
ATOM   379  C C   . VAL A 1 48  ? 6.841   -3.748  -1.347  1.00 8.26  ?  48  VAL A C   1 
ATOM   380  O O   . VAL A 1 48  ? 7.943   -3.428  -0.887  1.00 8.47  ?  48  VAL A O   1 
ATOM   381  C CB  A VAL A 1 48  ? 5.800   -2.230  -3.091  0.35 9.36  ?  48  VAL A CB  1 
ATOM   382  C CB  B VAL A 1 48  ? 6.259   -2.173  -3.240  0.65 9.44  ?  48  VAL A CB  1 
ATOM   383  C CG1 A VAL A 1 48  ? 6.564   -1.074  -2.503  0.35 7.24  ?  48  VAL A CG1 1 
ATOM   384  C CG1 B VAL A 1 48  ? 6.322   -2.007  -4.771  0.65 10.27 ?  48  VAL A CG1 1 
ATOM   385  C CG2 A VAL A 1 48  ? 5.571   -2.034  -4.589  0.35 10.86 ?  48  VAL A CG2 1 
ATOM   386  C CG2 B VAL A 1 48  ? 4.907   -1.779  -2.689  0.65 9.22  ?  48  VAL A CG2 1 
ATOM   387  N N   . ILE A 1 49  ? 5.864   -4.240  -0.583  1.00 6.17  ?  49  ILE A N   1 
ATOM   388  C CA  . ILE A 1 49  ? 6.009   -4.493  0.851   1.00 6.70  ?  49  ILE A CA  1 
ATOM   389  C C   . ILE A 1 49  ? 5.320   -5.812  1.176   1.00 9.03  ?  49  ILE A C   1 
ATOM   390  O O   . ILE A 1 49  ? 4.212   -6.076  0.698   1.00 7.83  ?  49  ILE A O   1 
ATOM   391  C CB  . ILE A 1 49  ? 5.359   -3.370  1.696   1.00 7.48  ?  49  ILE A CB  1 
ATOM   392  C CG1 . ILE A 1 49  ? 6.107   -2.045  1.562   1.00 8.28  ?  49  ILE A CG1 1 
ATOM   393  C CG2 . ILE A 1 49  ? 5.217   -3.818  3.157   1.00 7.89  ?  49  ILE A CG2 1 
ATOM   394  C CD1 . ILE A 1 49  ? 7.520   -2.038  2.190   1.00 10.30 ?  49  ILE A CD1 1 
ATOM   395  N N   . TYR A 1 50  ? 5.960   -6.636  2.008   1.00 6.93  ?  50  TYR A N   1 
ATOM   396  C CA  . TYR A 1 50  ? 5.321   -7.820  2.564   1.00 5.95  ?  50  TYR A CA  1 
ATOM   397  C C   . TYR A 1 50  ? 5.592   -7.858  4.066   1.00 7.51  ?  50  TYR A C   1 
ATOM   398  O O   . TYR A 1 50  ? 6.491   -7.183  4.570   1.00 7.22  ?  50  TYR A O   1 
ATOM   399  C CB  . TYR A 1 50  ? 5.779   -9.128  1.867   1.00 7.98  ?  50  TYR A CB  1 
ATOM   400  C CG  . TYR A 1 50  ? 7.246   -9.437  2.112   1.00 6.76  ?  50  TYR A CG  1 
ATOM   401  C CD1 . TYR A 1 50  ? 7.628   -10.303 3.121   1.00 12.16 ?  50  TYR A CD1 1 
ATOM   402  C CD2 . TYR A 1 50  ? 8.231   -8.824  1.361   1.00 8.61  ?  50  TYR A CD2 1 
ATOM   403  C CE1 . TYR A 1 50  ? 8.964   -10.567 3.374   1.00 11.10 ?  50  TYR A CE1 1 
ATOM   404  C CE2 . TYR A 1 50  ? 9.569   -9.077  1.608   1.00 10.61 ?  50  TYR A CE2 1 
ATOM   405  C CZ  . TYR A 1 50  ? 9.926   -9.953  2.620   1.00 11.15 ?  50  TYR A CZ  1 
ATOM   406  O OH  . TYR A 1 50  ? 11.265  -10.212 2.863   1.00 14.41 ?  50  TYR A OH  1 
ATOM   407  N N   . ASP A 1 51  ? 4.775   -8.624  4.786   1.00 9.08  ?  51  ASP A N   1 
ATOM   408  C CA  . ASP A 1 51  ? 4.949   -8.773  6.230   1.00 9.84  ?  51  ASP A CA  1 
ATOM   409  C C   . ASP A 1 51  ? 5.026   -7.413  6.927   1.00 10.31 ?  51  ASP A C   1 
ATOM   410  O O   . ASP A 1 51  ? 5.950   -7.140  7.705   1.00 8.68  ?  51  ASP A O   1 
ATOM   411  C CB  . ASP A 1 51  ? 6.187   -9.613  6.552   1.00 13.37 ?  51  ASP A CB  1 
ATOM   412  C CG  . ASP A 1 51  ? 6.033   -11.063 6.154   1.00 16.01 ?  51  ASP A CG  1 
ATOM   413  O OD1 . ASP A 1 51  ? 4.924   -11.453 5.719   1.00 15.10 ?  51  ASP A OD1 1 
ATOM   414  O OD2 . ASP A 1 51  ? 7.036   -11.804 6.281   1.00 12.93 -1 51  ASP A OD2 1 
ATOM   415  N N   . ASP A 1 52  ? 4.070   -6.540  6.583   1.00 9.64  ?  52  ASP A N   1 
ATOM   416  C CA  . ASP A 1 52  ? 3.872   -5.217  7.182   1.00 10.91 ?  52  ASP A CA  1 
ATOM   417  C C   . ASP A 1 52  ? 4.860   -4.167  6.693   1.00 10.11 ?  52  ASP A C   1 
ATOM   418  O O   . ASP A 1 52  ? 4.462   -3.037  6.375   1.00 9.00  ?  52  ASP A O   1 
ATOM   419  C CB  . ASP A 1 52  ? 3.905   -5.242  8.716   1.00 10.02 ?  52  ASP A CB  1 
ATOM   420  C CG  . ASP A 1 52  ? 2.806   -6.085  9.321   1.00 13.64 ?  52  ASP A CG  1 
ATOM   421  O OD1 . ASP A 1 52  ? 1.791   -6.331  8.637   1.00 12.58 ?  52  ASP A OD1 1 
ATOM   422  O OD2 . ASP A 1 52  ? 2.958   -6.476  10.507  1.00 13.99 -1 52  ASP A OD2 1 
ATOM   423  N N   . ASN A 1 53  ? 6.150   -4.513  6.657   1.00 6.88  ?  53  ASN A N   1 
ATOM   424  C CA  . ASN A 1 53  ? 7.138   -3.472  6.389   1.00 6.44  ?  53  ASN A CA  1 
ATOM   425  C C   . ASN A 1 53  ? 8.399   -3.973  5.694   1.00 8.39  ?  53  ASN A C   1 
ATOM   426  O O   . ASN A 1 53  ? 9.383   -3.224  5.661   1.00 7.86  ?  53  ASN A O   1 
ATOM   427  C CB  . ASN A 1 53  ? 7.511   -2.718  7.679   1.00 7.20  ?  53  ASN A CB  1 
ATOM   428  C CG  . ASN A 1 53  ? 8.112   -3.628  8.740   1.00 9.96  ?  53  ASN A CG  1 
ATOM   429  O OD1 . ASN A 1 53  ? 8.350   -4.811  8.502   1.00 9.71  ?  53  ASN A OD1 1 
ATOM   430  N ND2 . ASN A 1 53  ? 8.396   -3.061  9.912   1.00 12.33 ?  53  ASN A ND2 1 
ATOM   431  N N   . GLN A 1 54  ? 8.412   -5.182  5.131   1.00 7.22  ?  54  GLN A N   1 
ATOM   432  C CA  . GLN A 1 54  ? 9.615   -5.732  4.509   1.00 8.34  ?  54  GLN A CA  1 
ATOM   433  C C   . GLN A 1 54  ? 9.608   -5.460  3.009   1.00 9.00  ?  54  GLN A C   1 
ATOM   434  O O   . GLN A 1 54  ? 8.584   -5.642  2.341   1.00 10.13 ?  54  GLN A O   1 
ATOM   435  C CB  . GLN A 1 54  ? 9.686   -7.245  4.754   1.00 7.59  ?  54  GLN A CB  1 
ATOM   436  C CG  . GLN A 1 54  ? 9.726   -7.612  6.233   1.00 6.44  ?  54  GLN A CG  1 
ATOM   437  C CD  . GLN A 1 54  ? 10.964  -7.069  6.908   1.00 5.94  ?  54  GLN A CD  1 
ATOM   438  O OE1 . GLN A 1 54  ? 12.082  -7.509  6.620   1.00 8.49  ?  54  GLN A OE1 1 
ATOM   439  N NE2 . GLN A 1 54  ? 10.775  -6.115  7.819   1.00 8.05  ?  54  GLN A NE2 1 
ATOM   440  N N   . ARG A 1 55  ? 10.784  -5.030  2.468   1.00 9.26  ?  55  ARG A N   1 
ATOM   441  C CA  . ARG A 1 55  ? 10.918  -4.838  1.022   1.00 7.62  ?  55  ARG A CA  1 
ATOM   442  C C   . ARG A 1 55  ? 11.569  -6.057  0.397   1.00 10.81 ?  55  ARG A C   1 
ATOM   443  O O   . ARG A 1 55  ? 12.590  -6.543  0.913   1.00 11.00 ?  55  ARG A O   1 
ATOM   444  C CB  . ARG A 1 55  ? 11.774  -3.604  0.718   1.00 7.60  ?  55  ARG A CB  1 
ATOM   445  C CG  . ARG A 1 55  ? 11.042  -2.275  0.895   1.00 9.89  ?  55  ARG A CG  1 
ATOM   446  C CD  . ARG A 1 55  ? 11.944  -1.102  0.537   1.00 10.93 ?  55  ARG A CD  1 
ATOM   447  N NE  . ARG A 1 55  ? 13.083  -1.018  1.455   1.00 13.27 ?  55  ARG A NE  1 
ATOM   448  C CZ  . ARG A 1 55  ? 13.039  -0.436  2.647   1.00 14.25 ?  55  ARG A CZ  1 
ATOM   449  N NH1 . ARG A 1 55  ? 11.915  0.129   3.083   1.00 16.36 ?  55  ARG A NH1 1 
ATOM   450  N NH2 . ARG A 1 55  ? 14.129  -0.419  3.414   1.00 22.69 ?  55  ARG A NH2 1 
ATOM   451  N N   . PRO A 1 56  ? 11.004  -6.596  -0.680  1.00 7.71  ?  56  PRO A N   1 
ATOM   452  C CA  . PRO A 1 56  ? 11.716  -7.609  -1.460  1.00 9.10  ?  56  PRO A CA  1 
ATOM   453  C C   . PRO A 1 56  ? 12.990  -7.016  -2.046  1.00 12.37 ?  56  PRO A C   1 
ATOM   454  O O   . PRO A 1 56  ? 13.143  -5.799  -2.151  1.00 9.55  ?  56  PRO A O   1 
ATOM   455  C CB  . PRO A 1 56  ? 10.727  -7.948  -2.589  1.00 16.25 ?  56  PRO A CB  1 
ATOM   456  C CG  . PRO A 1 56  ? 9.405   -7.437  -2.144  1.00 14.37 ?  56  PRO A CG  1 
ATOM   457  C CD  . PRO A 1 56  ? 9.667   -6.286  -1.229  1.00 9.62  ?  56  PRO A CD  1 
ATOM   458  N N   . SER A 1 57  ? 13.894  -7.899  -2.466  1.00 13.64 ?  57  SER A N   1 
ATOM   459  C CA  . SER A 1 57  ? 15.100  -7.465  -3.160  1.00 18.75 ?  57  SER A CA  1 
ATOM   460  C C   . SER A 1 57  ? 14.730  -6.667  -4.403  1.00 14.20 ?  57  SER A C   1 
ATOM   461  O O   . SER A 1 57  ? 13.851  -7.066  -5.170  1.00 17.41 ?  57  SER A O   1 
ATOM   462  C CB  . SER A 1 57  ? 15.935  -8.682  -3.555  1.00 23.99 ?  57  SER A CB  1 
ATOM   463  O OG  . SER A 1 57  ? 16.979  -8.299  -4.434  1.00 38.26 ?  57  SER A OG  1 
ATOM   464  N N   . GLY A 1 58  ? 15.381  -5.516  -4.581  1.00 15.93 ?  58  GLY A N   1 
ATOM   465  C CA  . GLY A 1 58  ? 15.176  -4.686  -5.750  1.00 18.35 ?  58  GLY A CA  1 
ATOM   466  C C   . GLY A 1 58  ? 14.188  -3.548  -5.570  1.00 16.41 ?  58  GLY A C   1 
ATOM   467  O O   . GLY A 1 58  ? 14.186  -2.621  -6.392  1.00 16.99 ?  58  GLY A O   1 
ATOM   468  N N   . VAL A 1 59  ? 13.353  -3.583  -4.533  1.00 9.23  ?  59  VAL A N   1 
ATOM   469  C CA  . VAL A 1 59  ? 12.423  -2.478  -4.279  1.00 9.29  ?  59  VAL A CA  1 
ATOM   470  C C   . VAL A 1 59  ? 13.196  -1.332  -3.626  1.00 11.03 ?  59  VAL A C   1 
ATOM   471  O O   . VAL A 1 59  ? 13.876  -1.554  -2.615  1.00 13.27 ?  59  VAL A O   1 
ATOM   472  C CB  . VAL A 1 59  ? 11.265  -2.950  -3.392  1.00 8.10  ?  59  VAL A CB  1 
ATOM   473  C CG1 . VAL A 1 59  ? 10.374  -1.780  -2.969  1.00 9.24  ?  59  VAL A CG1 1 
ATOM   474  C CG2 . VAL A 1 59  ? 10.429  -3.972  -4.146  1.00 10.56 ?  59  VAL A CG2 1 
ATOM   475  N N   . PRO A 1 60  ? 13.127  -0.115  -4.169  1.00 13.74 ?  60  PRO A N   1 
ATOM   476  C CA  . PRO A 1 60  ? 13.929  0.990   -3.620  1.00 12.48 ?  60  PRO A CA  1 
ATOM   477  C C   . PRO A 1 60  ? 13.517  1.329   -2.197  1.00 16.70 ?  60  PRO A C   1 
ATOM   478  O O   . PRO A 1 60  ? 12.351  1.206   -1.817  1.00 9.65  ?  60  PRO A O   1 
ATOM   479  C CB  . PRO A 1 60  ? 13.612  2.164   -4.557  1.00 18.44 ?  60  PRO A CB  1 
ATOM   480  C CG  . PRO A 1 60  ? 12.995  1.556   -5.776  1.00 25.51 ?  60  PRO A CG  1 
ATOM   481  C CD  . PRO A 1 60  ? 12.313  0.303   -5.321  1.00 16.67 ?  60  PRO A CD  1 
ATOM   482  N N   . ASP A 1 61  ? 14.487  1.814   -1.414  1.00 14.13 ?  61  ASP A N   1 
ATOM   483  C CA  . ASP A 1 61  ? 14.165  2.103   -0.022  1.00 11.08 ?  61  ASP A CA  1 
ATOM   484  C C   . ASP A 1 61  ? 13.280  3.328   0.159   1.00 12.70 ?  61  ASP A C   1 
ATOM   485  O O   . ASP A 1 61  ? 12.922  3.629   1.300   1.00 14.55 ?  61  ASP A O   1 
ATOM   486  C CB  . ASP A 1 61  ? 15.404  2.134   0.877   1.00 19.85 ?  61  ASP A CB  1 
ATOM   487  C CG  . ASP A 1 61  ? 16.446  3.106   0.415   1.00 26.32 ?  61  ASP A CG  1 
ATOM   488  O OD1 . ASP A 1 61  ? 16.079  4.159   -0.155  1.00 21.94 ?  61  ASP A OD1 1 
ATOM   489  O OD2 . ASP A 1 61  ? 17.643  2.811   0.645   1.00 21.83 -1 61  ASP A OD2 1 
ATOM   490  N N   . ARG A 1 62  ? 12.901  4.024   -0.917  1.00 13.80 ?  62  ARG A N   1 
ATOM   491  C CA  A ARG A 1 62  ? 11.927  5.098   -0.777  0.65 12.63 ?  62  ARG A CA  1 
ATOM   492  C CA  B ARG A 1 62  ? 11.920  5.098   -0.807  0.35 12.73 ?  62  ARG A CA  1 
ATOM   493  C C   . ARG A 1 62  ? 10.508  4.587   -0.524  1.00 13.63 ?  62  ARG A C   1 
ATOM   494  O O   . ARG A 1 62  ? 9.627   5.393   -0.190  1.00 12.61 ?  62  ARG A O   1 
ATOM   495  C CB  A ARG A 1 62  ? 11.989  6.055   -1.974  0.65 18.90 ?  62  ARG A CB  1 
ATOM   496  C CB  B ARG A 1 62  ? 11.948  5.973   -2.064  0.35 18.80 ?  62  ARG A CB  1 
ATOM   497  C CG  A ARG A 1 62  ? 11.673  5.438   -3.324  0.65 19.73 ?  62  ARG A CG  1 
ATOM   498  C CG  B ARG A 1 62  ? 11.071  5.493   -3.214  0.35 18.64 ?  62  ARG A CG  1 
ATOM   499  C CD  A ARG A 1 62  ? 11.674  6.501   -4.443  0.65 24.20 ?  62  ARG A CD  1 
ATOM   500  C CD  B ARG A 1 62  ? 11.289  6.352   -4.464  0.35 22.96 ?  62  ARG A CD  1 
ATOM   501  N NE  A ARG A 1 62  ? 11.093  5.981   -5.680  0.65 12.10 ?  62  ARG A NE  1 
ATOM   502  N NE  B ARG A 1 62  ? 12.487  5.952   -5.197  0.35 16.63 ?  62  ARG A NE  1 
ATOM   503  C CZ  A ARG A 1 62  ? 11.765  5.242   -6.553  0.65 18.81 ?  62  ARG A CZ  1 
ATOM   504  C CZ  B ARG A 1 62  ? 12.462  5.262   -6.332  0.35 22.81 ?  62  ARG A CZ  1 
ATOM   505  N NH1 A ARG A 1 62  ? 13.040  4.945   -6.329  0.65 26.12 ?  62  ARG A NH1 1 
ATOM   506  N NH1 B ARG A 1 62  ? 13.597  4.924   -6.932  0.35 27.07 ?  62  ARG A NH1 1 
ATOM   507  N NH2 A ARG A 1 62  ? 11.166  4.791   -7.645  0.65 21.06 ?  62  ARG A NH2 1 
ATOM   508  N NH2 B ARG A 1 62  ? 11.299  4.916   -6.870  0.35 17.27 ?  62  ARG A NH2 1 
ATOM   509  N N   . PHE A 1 63  ? 10.267  3.285   -0.655  1.00 9.04  ?  63  PHE A N   1 
ATOM   510  C CA  . PHE A 1 63  ? 8.988   2.673   -0.298  1.00 8.57  ?  63  PHE A CA  1 
ATOM   511  C C   . PHE A 1 63  ? 9.089   2.134   1.122   1.00 6.91  ?  63  PHE A C   1 
ATOM   512  O O   . PHE A 1 63  ? 10.009  1.368   1.433   1.00 11.39 ?  63  PHE A O   1 
ATOM   513  C CB  . PHE A 1 63  ? 8.648   1.517   -1.246  1.00 8.34  ?  63  PHE A CB  1 
ATOM   514  C CG  . PHE A 1 63  ? 8.348   1.961   -2.642  1.00 9.48  ?  63  PHE A CG  1 
ATOM   515  C CD1 . PHE A 1 63  ? 7.048   2.245   -3.031  1.00 9.64  ?  63  PHE A CD1 1 
ATOM   516  C CD2 . PHE A 1 63  ? 9.377   2.129   -3.562  1.00 8.10  ?  63  PHE A CD2 1 
ATOM   517  C CE1 . PHE A 1 63  ? 6.775   2.682   -4.327  1.00 14.51 ?  63  PHE A CE1 1 
ATOM   518  C CE2 . PHE A 1 63  ? 9.111   2.563   -4.862  1.00 14.81 ?  63  PHE A CE2 1 
ATOM   519  C CZ  . PHE A 1 63  ? 7.815   2.837   -5.241  1.00 15.17 ?  63  PHE A CZ  1 
ATOM   520  N N   . SER A 1 64  ? 8.133   2.505   1.974   1.00 9.34  ?  64  SER A N   1 
ATOM   521  C CA  . SER A 1 64  ? 8.133   2.012   3.347   1.00 12.96 ?  64  SER A CA  1 
ATOM   522  C C   . SER A 1 64  ? 6.717   1.716   3.815   1.00 9.04  ?  64  SER A C   1 
ATOM   523  O O   . SER A 1 64  ? 5.783   2.475   3.530   1.00 10.88 ?  64  SER A O   1 
ATOM   524  C CB  . SER A 1 64  ? 8.818   2.977   4.330   1.00 15.51 ?  64  SER A CB  1 
ATOM   525  O OG  . SER A 1 64  ? 8.135   4.210   4.385   1.00 15.57 ?  64  SER A OG  1 
ATOM   526  N N   . GLY A 1 65  ? 6.576   0.614   4.552   1.00 9.65  ?  65  GLY A N   1 
ATOM   527  C CA  . GLY A 1 65  ? 5.305   0.209   5.128   1.00 8.67  ?  65  GLY A CA  1 
ATOM   528  C C   . GLY A 1 65  ? 5.291   0.409   6.633   1.00 13.14 ?  65  GLY A C   1 
ATOM   529  O O   . GLY A 1 65  ? 6.329   0.315   7.302   1.00 10.92 ?  65  GLY A O   1 
ATOM   530  N N   . SER A 1 66  ? 4.109   0.703   7.166   1.00 9.79  ?  66  SER A N   1 
ATOM   531  C CA  . SER A 1 66  ? 3.946   0.866   8.606   1.00 9.45  ?  66  SER A CA  1 
ATOM   532  C C   . SER A 1 66  ? 2.565   0.378   9.018   1.00 10.98 ?  66  SER A C   1 
ATOM   533  O O   . SER A 1 66  ? 1.676   0.181   8.188   1.00 10.93 ?  66  SER A O   1 
ATOM   534  C CB  . SER A 1 66  ? 4.128   2.320   9.031   1.00 12.78 ?  66  SER A CB  1 
ATOM   535  O OG  . SER A 1 66  ? 3.246   3.164   8.307   1.00 14.88 ?  66  SER A OG  1 
ATOM   536  N N   . ILE A 1 67  ? 2.395   0.200   10.324  1.00 12.40 ?  67  ILE A N   1 
ATOM   537  C CA  . ILE A 1 67  ? 1.132   -0.210  10.927  1.00 13.69 ?  67  ILE A CA  1 
ATOM   538  C C   . ILE A 1 67  ? 0.864   0.748   12.076  1.00 17.60 ?  67  ILE A C   1 
ATOM   539  O O   . ILE A 1 67  ? 1.769   1.019   12.875  1.00 12.41 ?  67  ILE A O   1 
ATOM   540  C CB  . ILE A 1 67  ? 1.218   -1.645  11.473  1.00 12.47 ?  67  ILE A CB  1 
ATOM   541  C CG1 . ILE A 1 67  ? 1.584   -2.636  10.364  1.00 15.69 ?  67  ILE A CG1 1 
ATOM   542  C CG2 . ILE A 1 67  ? -0.078  -2.026  12.211  1.00 13.85 ?  67  ILE A CG2 1 
ATOM   543  C CD1 . ILE A 1 67  ? 0.462   -2.916  9.409   1.00 14.66 ?  67  ILE A CD1 1 
ATOM   544  N N   . ASP A 1 68  ? -0.365  1.263   12.153  1.00 14.54 ?  68  ASP A N   1 
ATOM   545  C CA  . ASP A 1 68  ? -0.824  2.135   13.240  1.00 15.91 ?  68  ASP A CA  1 
ATOM   546  C C   . ASP A 1 68  ? -1.928  1.384   13.975  1.00 18.79 ?  68  ASP A C   1 
ATOM   547  O O   . ASP A 1 68  ? -3.089  1.421   13.557  1.00 17.18 ?  68  ASP A O   1 
ATOM   548  C CB  . ASP A 1 68  ? -1.349  3.452   12.670  1.00 17.68 ?  68  ASP A CB  1 
ATOM   549  C CG  . ASP A 1 68  ? -1.713  4.474   13.752  1.00 24.57 ?  68  ASP A CG  1 
ATOM   550  O OD1 . ASP A 1 68  ? -1.941  4.077   14.915  1.00 20.59 ?  68  ASP A OD1 1 
ATOM   551  O OD2 . ASP A 1 68  ? -1.775  5.684   13.423  1.00 25.24 -1 68  ASP A OD2 1 
ATOM   552  N N   . ASP A 1 69  ? -1.563  0.705   15.066  1.00 16.05 ?  69  ASP A N   1 
ATOM   553  C CA  . ASP A 1 69  ? -2.530  -0.084  15.829  1.00 26.55 ?  69  ASP A CA  1 
ATOM   554  C C   . ASP A 1 69  ? -3.714  0.758   16.279  1.00 22.22 ?  69  ASP A C   1 
ATOM   555  O O   . ASP A 1 69  ? -4.870  0.333   16.166  1.00 20.66 ?  69  ASP A O   1 
ATOM   556  C CB  . ASP A 1 69  ? -1.848  -0.696  17.048  1.00 35.95 ?  69  ASP A CB  1 
ATOM   557  C CG  . ASP A 1 69  ? -1.205  -2.013  16.741  1.00 40.76 ?  69  ASP A CG  1 
ATOM   558  O OD1 . ASP A 1 69  ? -1.900  -3.045  16.864  1.00 56.56 ?  69  ASP A OD1 1 
ATOM   559  O OD2 . ASP A 1 69  ? -0.010  -2.016  16.376  1.00 62.14 -1 69  ASP A OD2 1 
ATOM   560  N N   . SER A 1 70  ? -3.443  1.949   16.818  1.00 18.11 ?  70  SER A N   1 
ATOM   561  C CA  . SER A 1 70  ? -4.520  2.765   17.370  1.00 26.98 ?  70  SER A CA  1 
ATOM   562  C C   . SER A 1 70  ? -5.551  3.123   16.311  1.00 29.24 ?  70  SER A C   1 
ATOM   563  O O   . SER A 1 70  ? -6.748  3.221   16.616  1.00 19.97 ?  70  SER A O   1 
ATOM   564  C CB  . SER A 1 70  ? -3.955  4.037   18.014  1.00 28.89 ?  70  SER A CB  1 
ATOM   565  O OG  . SER A 1 70  ? -3.470  4.947   17.034  1.00 43.65 ?  70  SER A OG  1 
ATOM   566  N N   . ALA A 1 71  ? -5.111  3.324   15.071  1.00 18.09 ?  71  ALA A N   1 
ATOM   567  C CA  . ALA A 1 71  ? -6.015  3.653   13.979  1.00 16.86 ?  71  ALA A CA  1 
ATOM   568  C C   . ALA A 1 71  ? -6.530  2.420   13.251  1.00 13.74 ?  71  ALA A C   1 
ATOM   569  O O   . ALA A 1 71  ? -7.344  2.561   12.332  1.00 15.63 ?  71  ALA A O   1 
ATOM   570  C CB  . ALA A 1 71  ? -5.320  4.584   12.980  1.00 20.76 ?  71  ALA A CB  1 
ATOM   571  N N   . ASN A 1 72  ? -6.064  1.227   13.629  1.00 13.00 ?  72  ASN A N   1 
ATOM   572  C CA  . ASN A 1 72  ? -6.425  -0.009  12.938  1.00 15.01 ?  72  ASN A CA  1 
ATOM   573  C C   . ASN A 1 72  ? -6.057  0.049   11.459  1.00 13.29 ?  72  ASN A C   1 
ATOM   574  O O   . ASN A 1 72  ? -6.810  -0.422  10.600  1.00 11.36 ?  72  ASN A O   1 
ATOM   575  C CB  . ASN A 1 72  ? -7.911  -0.343  13.095  1.00 10.55 ?  72  ASN A CB  1 
ATOM   576  C CG  . ASN A 1 72  ? -8.181  -1.808  12.920  1.00 12.50 ?  72  ASN A CG  1 
ATOM   577  O OD1 . ASN A 1 72  ? -7.392  -2.638  13.366  1.00 15.12 ?  72  ASN A OD1 1 
ATOM   578  N ND2 . ASN A 1 72  ? -9.283  -2.147  12.259  1.00 11.19 ?  72  ASN A ND2 1 
ATOM   579  N N   . SER A 1 73  ? -4.894  0.616   11.149  1.00 11.42 ?  73  SER A N   1 
ATOM   580  C CA  . SER A 1 73  ? -4.561  0.874   9.756   1.00 11.95 ?  73  SER A CA  1 
ATOM   581  C C   . SER A 1 73  ? -3.134  0.459   9.430   1.00 14.73 ?  73  SER A C   1 
ATOM   582  O O   . SER A 1 73  ? -2.283  0.288   10.306  1.00 11.96 ?  73  SER A O   1 
ATOM   583  C CB  . SER A 1 73  ? -4.767  2.349   9.383   1.00 12.21 ?  73  SER A CB  1 
ATOM   584  O OG  . SER A 1 73  ? -3.815  3.172   10.040  1.00 15.46 ?  73  SER A OG  1 
ATOM   585  N N   . ALA A 1 74  ? -2.896  0.289   8.135   1.00 10.08 ?  74  ALA A N   1 
ATOM   586  C CA  . ALA A 1 74  ? -1.564  0.110   7.585   1.00 8.30  ?  74  ALA A CA  1 
ATOM   587  C C   . ALA A 1 74  ? -1.347  1.227   6.584   1.00 10.32 ?  74  ALA A C   1 
ATOM   588  O O   . ALA A 1 74  ? -2.304  1.715   5.978   1.00 11.80 ?  74  ALA A O   1 
ATOM   589  C CB  . ALA A 1 74  ? -1.467  -1.243  6.861   1.00 8.65  ?  74  ALA A CB  1 
ATOM   590  N N   . SER A 1 75  ? -0.097  1.652   6.414   1.00 6.03  ?  75  SER A N   1 
ATOM   591  C CA  . SER A 1 75  ? 0.198   2.728   5.481   1.00 8.37  ?  75  SER A CA  1 
ATOM   592  C C   . SER A 1 75  ? 1.368   2.363   4.588   1.00 11.40 ?  75  SER A C   1 
ATOM   593  O O   . SER A 1 75  ? 2.279   1.636   4.993   1.00 10.01 ?  75  SER A O   1 
ATOM   594  C CB  . SER A 1 75  ? 0.550   4.036   6.189   1.00 14.76 ?  75  SER A CB  1 
ATOM   595  O OG  . SER A 1 75  ? -0.561  4.516   6.915   1.00 18.22 ?  75  SER A OG  1 
ATOM   596  N N   . LEU A 1 76  ? 1.327   2.886   3.365   1.00 8.66  ?  76  LEU A N   1 
ATOM   597  C CA  . LEU A 1 76  ? 2.462   2.874   2.456   1.00 7.16  ?  76  LEU A CA  1 
ATOM   598  C C   . LEU A 1 76  ? 2.908   4.312   2.245   1.00 10.55 ?  76  LEU A C   1 
ATOM   599  O O   . LEU A 1 76  ? 2.080   5.192   1.972   1.00 10.70 ?  76  LEU A O   1 
ATOM   600  C CB  . LEU A 1 76  ? 2.071   2.270   1.109   1.00 9.47  ?  76  LEU A CB  1 
ATOM   601  C CG  . LEU A 1 76  ? 3.215   2.108   0.108   1.00 8.83  ?  76  LEU A CG  1 
ATOM   602  C CD1 . LEU A 1 76  ? 4.255   1.119   0.632   1.00 10.45 ?  76  LEU A CD1 1 
ATOM   603  C CD2 . LEU A 1 76  ? 2.674   1.661   -1.251  1.00 11.28 ?  76  LEU A CD2 1 
ATOM   604  N N   . THR A 1 77  ? 4.207   4.543   2.350   1.00 7.18  ?  77  THR A N   1 
ATOM   605  C CA  . THR A 1 77  ? 4.798   5.855   2.120   1.00 6.94  ?  77  THR A CA  1 
ATOM   606  C C   . THR A 1 77  ? 5.835   5.748   1.011   1.00 12.42 ?  77  THR A C   1 
ATOM   607  O O   . THR A 1 77  ? 6.634   4.802   0.981   1.00 12.64 ?  77  THR A O   1 
ATOM   608  C CB  . THR A 1 77  ? 5.466   6.377   3.404   1.00 11.30 ?  77  THR A CB  1 
ATOM   609  O OG1 . THR A 1 77  ? 4.473   6.499   4.432   1.00 13.09 ?  77  THR A OG1 1 
ATOM   610  C CG2 . THR A 1 77  ? 6.104   7.751   3.150   1.00 13.51 ?  77  THR A CG2 1 
ATOM   611  N N   . ILE A 1 78  ? 5.804   6.700   0.084   1.00 10.27 ?  78  ILE A N   1 
ATOM   612  C CA  . ILE A 1 78  ? 6.758   6.759   -1.010  1.00 11.11 ?  78  ILE A CA  1 
ATOM   613  C C   . ILE A 1 78  ? 7.446   8.105   -0.887  1.00 11.18 ?  78  ILE A C   1 
ATOM   614  O O   . ILE A 1 78  ? 6.812   9.145   -1.097  1.00 14.62 ?  78  ILE A O   1 
ATOM   615  C CB  . ILE A 1 78  ? 6.076   6.634   -2.377  1.00 10.03 ?  78  ILE A CB  1 
ATOM   616  C CG1 . ILE A 1 78  ? 5.135   5.433   -2.420  1.00 8.50  ?  78  ILE A CG1 1 
ATOM   617  C CG2 . ILE A 1 78  ? 7.133   6.514   -3.475  1.00 14.26 ?  78  ILE A CG2 1 
ATOM   618  C CD1 . ILE A 1 78  ? 4.395   5.322   -3.769  1.00 15.02 ?  78  ILE A CD1 1 
ATOM   619  N N   . SER A 1 79  ? 8.714   8.100   -0.502  1.00 12.81 ?  79  SER A N   1 
ATOM   620  C CA  A SER A 1 79  ? 9.481   9.335   -0.449  0.59 18.61 ?  79  SER A CA  1 
ATOM   621  C CA  B SER A 1 79  ? 9.475   9.338   -0.452  0.41 18.61 ?  79  SER A CA  1 
ATOM   622  C C   . SER A 1 79  ? 10.195  9.551   -1.777  1.00 27.61 ?  79  SER A C   1 
ATOM   623  O O   . SER A 1 79  ? 10.345  8.627   -2.581  1.00 23.44 ?  79  SER A O   1 
ATOM   624  C CB  A SER A 1 79  ? 10.499  9.288   0.687   0.59 21.37 ?  79  SER A CB  1 
ATOM   625  C CB  B SER A 1 79  ? 10.474  9.306   0.704   0.41 21.33 ?  79  SER A CB  1 
ATOM   626  O OG  A SER A 1 79  ? 11.402  8.212   0.512   0.59 19.48 ?  79  SER A OG  1 
ATOM   627  O OG  B SER A 1 79  ? 9.802   9.116   1.940   0.41 17.23 ?  79  SER A OG  1 
ATOM   628  N N   . GLY A 1 80  ? 10.624  10.792  -2.007  1.00 19.30 ?  80  GLY A N   1 
ATOM   629  C CA  . GLY A 1 80  ? 11.322  11.127  -3.236  1.00 21.35 ?  80  GLY A CA  1 
ATOM   630  C C   . GLY A 1 80  ? 10.638  10.599  -4.482  1.00 12.96 ?  80  GLY A C   1 
ATOM   631  O O   . GLY A 1 80  ? 11.256  9.882   -5.275  1.00 21.45 ?  80  GLY A O   1 
ATOM   632  N N   . LEU A 1 81  ? 9.355   10.933  -4.643  1.00 17.09 ?  81  LEU A N   1 
ATOM   633  C CA  . LEU A 1 81  ? 8.541   10.384  -5.720  1.00 17.72 ?  81  LEU A CA  1 
ATOM   634  C C   . LEU A 1 81  ? 9.233   10.544  -7.071  1.00 24.69 ?  81  LEU A C   1 
ATOM   635  O O   . LEU A 1 81  ? 9.844   11.577  -7.362  1.00 20.61 ?  81  LEU A O   1 
ATOM   636  C CB  . LEU A 1 81  ? 7.196   11.109  -5.731  1.00 18.19 ?  81  LEU A CB  1 
ATOM   637  C CG  . LEU A 1 81  ? 5.970   10.479  -6.381  1.00 25.29 ?  81  LEU A CG  1 
ATOM   638  C CD1 . LEU A 1 81  ? 5.641   9.090   -5.790  1.00 14.50 ?  81  LEU A CD1 1 
ATOM   639  C CD2 . LEU A 1 81  ? 4.797   11.441  -6.204  1.00 27.97 ?  81  LEU A CD2 1 
ATOM   640  N N   . LYS A 1 82  ? 9.161   9.495   -7.887  1.00 19.72 ?  82  LYS A N   1 
ATOM   641  C CA  . LYS A 1 82  ? 9.686   9.525   -9.243  1.00 19.56 ?  82  LYS A CA  1 
ATOM   642  C C   . LYS A 1 82  ? 8.548   9.350   -10.231 1.00 18.68 ?  82  LYS A C   1 
ATOM   643  O O   . LYS A 1 82  ? 7.501   8.785   -9.912  1.00 15.42 ?  82  LYS A O   1 
ATOM   644  C CB  . LYS A 1 82  ? 10.718  8.418   -9.474  1.00 18.25 ?  82  LYS A CB  1 
ATOM   645  C CG  . LYS A 1 82  ? 11.983  8.600   -8.694  1.00 22.13 ?  82  LYS A CG  1 
ATOM   646  C CD  . LYS A 1 82  ? 12.991  7.562   -9.090  1.00 25.34 ?  82  LYS A CD  1 
ATOM   647  C CE  . LYS A 1 82  ? 14.319  7.816   -8.416  1.00 28.82 ?  82  LYS A CE  1 
ATOM   648  N NZ  . LYS A 1 82  ? 15.349  6.861   -8.924  1.00 47.90 ?  82  LYS A NZ  1 
ATOM   649  N N   . THR A 1 83  ? 8.769   9.851   -11.450 1.00 18.90 ?  83  THR A N   1 
ATOM   650  C CA  A THR A 1 83  ? 7.752   9.704   -12.483 0.49 19.45 ?  83  THR A CA  1 
ATOM   651  C CA  B THR A 1 83  ? 7.782   9.700   -12.516 0.51 19.47 ?  83  THR A CA  1 
ATOM   652  C C   . THR A 1 83  ? 7.359   8.245   -12.676 1.00 11.89 ?  83  THR A C   1 
ATOM   653  O O   . THR A 1 83  ? 6.178   7.944   -12.884 1.00 14.77 ?  83  THR A O   1 
ATOM   654  C CB  A THR A 1 83  ? 8.216   10.338  -13.794 0.49 21.32 ?  83  THR A CB  1 
ATOM   655  C CB  B THR A 1 83  ? 8.382   10.217  -13.825 0.51 20.67 ?  83  THR A CB  1 
ATOM   656  O OG1 A THR A 1 83  ? 9.614   10.095  -13.975 0.49 21.43 ?  83  THR A OG1 1 
ATOM   657  O OG1 B THR A 1 83  ? 8.711   11.605  -13.680 0.51 27.97 ?  83  THR A OG1 1 
ATOM   658  C CG2 A THR A 1 83  ? 7.952   11.840  -13.765 0.49 23.25 ?  83  THR A CG2 1 
ATOM   659  C CG2 B THR A 1 83  ? 7.403   10.042  -14.972 0.51 20.46 ?  83  THR A CG2 1 
ATOM   660  N N   . GLU A 1 84  ? 8.318   7.323   -12.562 1.00 16.52 ?  84  GLU A N   1 
ATOM   661  C CA  . GLU A 1 84  ? 8.031   5.906   -12.756 1.00 13.38 ?  84  GLU A CA  1 
ATOM   662  C C   . GLU A 1 84  ? 7.175   5.314   -11.638 1.00 16.23 ?  84  GLU A C   1 
ATOM   663  O O   . GLU A 1 84  ? 6.636   4.215   -11.811 1.00 13.08 ?  84  GLU A O   1 
ATOM   664  C CB  . GLU A 1 84  ? 9.338   5.121   -12.911 1.00 13.63 ?  84  GLU A CB  1 
ATOM   665  C CG  . GLU A 1 84  ? 10.145  5.072   -11.635 1.00 18.07 ?  84  GLU A CG  1 
ATOM   666  C CD  . GLU A 1 84  ? 11.627  4.840   -11.876 1.00 33.69 ?  84  GLU A CD  1 
ATOM   667  O OE1 . GLU A 1 84  ? 12.083  3.685   -11.735 1.00 36.97 ?  84  GLU A OE1 1 
ATOM   668  O OE2 . GLU A 1 84  ? 12.333  5.817   -12.208 1.00 35.07 -1 84  GLU A OE2 1 
ATOM   669  N N   . ASP A 1 85  ? 7.015   6.021   -10.512 1.00 13.46 ?  85  ASP A N   1 
ATOM   670  C CA  . ASP A 1 85  ? 6.169   5.542   -9.421  1.00 12.47 ?  85  ASP A CA  1 
ATOM   671  C C   . ASP A 1 85  ? 4.686   5.702   -9.696  1.00 15.48 ?  85  ASP A C   1 
ATOM   672  O O   . ASP A 1 85  ? 3.863   5.168   -8.935  1.00 13.40 ?  85  ASP A O   1 
ATOM   673  C CB  . ASP A 1 85  ? 6.537   6.259   -8.116  1.00 12.49 ?  85  ASP A CB  1 
ATOM   674  C CG  . ASP A 1 85  ? 7.961   5.975   -7.684  1.00 17.69 ?  85  ASP A CG  1 
ATOM   675  O OD1 . ASP A 1 85  ? 8.479   4.897   -8.039  1.00 14.35 ?  85  ASP A OD1 1 
ATOM   676  O OD2 . ASP A 1 85  ? 8.563   6.830   -6.990  1.00 16.67 -1 85  ASP A OD2 1 
ATOM   677  N N   . GLU A 1 86  ? 4.319   6.416   -10.755 1.00 13.92 ?  86  GLU A N   1 
ATOM   678  C CA  . GLU A 1 86  ? 2.916   6.577   -11.092 1.00 12.79 ?  86  GLU A CA  1 
ATOM   679  C C   . GLU A 1 86  ? 2.336   5.229   -11.501 1.00 13.95 ?  86  GLU A C   1 
ATOM   680  O O   . GLU A 1 86  ? 2.755   4.634   -12.508 1.00 17.15 ?  86  GLU A O   1 
ATOM   681  C CB  . GLU A 1 86  ? 2.763   7.604   -12.212 1.00 12.63 ?  86  GLU A CB  1 
ATOM   682  C CG  . GLU A 1 86  ? 1.345   7.681   -12.710 1.00 13.72 ?  86  GLU A CG  1 
ATOM   683  C CD  . GLU A 1 86  ? 1.053   8.951   -13.495 1.00 23.09 ?  86  GLU A CD  1 
ATOM   684  O OE1 . GLU A 1 86  ? 1.541   10.036  -13.102 1.00 22.25 ?  86  GLU A OE1 1 
ATOM   685  O OE2 . GLU A 1 86  ? 0.328   8.853   -14.514 1.00 34.47 -1 86  GLU A OE2 1 
ATOM   686  N N   . ALA A 1 87  ? 1.392   4.738   -10.700 1.00 10.38 ?  87  ALA A N   1 
ATOM   687  C CA  . ALA A 1 87  ? 0.821   3.405   -10.834 1.00 9.33  ?  87  ALA A CA  1 
ATOM   688  C C   . ALA A 1 87  ? -0.244  3.241   -9.768  1.00 14.42 ?  87  ALA A C   1 
ATOM   689  O O   . ALA A 1 87  ? -0.435  4.145   -8.944  1.00 11.27 ?  87  ALA A O   1 
ATOM   690  C CB  . ALA A 1 87  ? 1.893   2.332   -10.605 1.00 12.58 ?  87  ALA A CB  1 
ATOM   691  N N   . ASP A 1 88  ? -0.911  2.089   -9.765  1.00 10.32 ?  88  ASP A N   1 
ATOM   692  C CA  . ASP A 1 88  ? -1.881  1.724   -8.744  1.00 9.87  ?  88  ASP A CA  1 
ATOM   693  C C   . ASP A 1 88  ? -1.195  0.905   -7.664  1.00 12.30 ?  88  ASP A C   1 
ATOM   694  O O   . ASP A 1 88  ? -0.296  0.110   -7.954  1.00 10.85 ?  88  ASP A O   1 
ATOM   695  C CB  . ASP A 1 88  ? -2.998  0.874   -9.354  1.00 12.55 ?  88  ASP A CB  1 
ATOM   696  C CG  . ASP A 1 88  ? -3.902  1.677   -10.267 1.00 21.23 ?  88  ASP A CG  1 
ATOM   697  O OD1 . ASP A 1 88  ? -4.190  2.835   -9.929  1.00 21.97 ?  88  ASP A OD1 1 
ATOM   698  O OD2 . ASP A 1 88  ? -4.302  1.166   -11.332 1.00 16.56 -1 88  ASP A OD2 1 
ATOM   699  N N   . TYR A 1 89  ? -1.616  1.115   -6.415  1.00 7.80  ?  89  TYR A N   1 
ATOM   700  C CA  . TYR A 1 89  ? -1.062  0.400   -5.273  1.00 8.18  ?  89  TYR A CA  1 
ATOM   701  C C   . TYR A 1 89  ? -2.205  -0.210  -4.479  1.00 8.84  ?  89  TYR A C   1 
ATOM   702  O O   . TYR A 1 89  ? -3.165  0.493   -4.141  1.00 11.62 ?  89  TYR A O   1 
ATOM   703  C CB  . TYR A 1 89  ? -0.237  1.349   -4.381  1.00 7.09  ?  89  TYR A CB  1 
ATOM   704  C CG  . TYR A 1 89  ? 0.996   1.863   -5.104  1.00 6.22  ?  89  TYR A CG  1 
ATOM   705  C CD1 . TYR A 1 89  ? 2.226   1.232   -4.962  1.00 6.76  ?  89  TYR A CD1 1 
ATOM   706  C CD2 . TYR A 1 89  ? 0.920   2.961   -5.951  1.00 7.69  ?  89  TYR A CD2 1 
ATOM   707  C CE1 . TYR A 1 89  ? 3.346   1.683   -5.650  1.00 5.76  ?  89  TYR A CE1 1 
ATOM   708  C CE2 . TYR A 1 89  ? 2.035   3.420   -6.635  1.00 9.53  ?  89  TYR A CE2 1 
ATOM   709  C CZ  . TYR A 1 89  ? 3.241   2.780   -6.476  1.00 6.43  ?  89  TYR A CZ  1 
ATOM   710  O OH  . TYR A 1 89  ? 4.343   3.243   -7.160  1.00 7.44  ?  89  TYR A OH  1 
ATOM   711  N N   . TYR A 1 90  ? -2.103  -1.504  -4.175  1.00 7.97  ?  90  TYR A N   1 
ATOM   712  C CA  . TYR A 1 90  ? -3.126  -2.222  -3.417  1.00 7.23  ?  90  TYR A CA  1 
ATOM   713  C C   . TYR A 1 90  ? -2.544  -2.773  -2.124  1.00 7.56  ?  90  TYR A C   1 
ATOM   714  O O   . TYR A 1 90  ? -1.493  -3.419  -2.141  1.00 9.06  ?  90  TYR A O   1 
ATOM   715  C CB  . TYR A 1 90  ? -3.696  -3.398  -4.242  1.00 8.73  ?  90  TYR A CB  1 
ATOM   716  C CG  . TYR A 1 90  ? -4.344  -2.912  -5.502  1.00 10.30 ?  90  TYR A CG  1 
ATOM   717  C CD1 . TYR A 1 90  ? -5.667  -2.493  -5.492  1.00 10.38 ?  90  TYR A CD1 1 
ATOM   718  C CD2 . TYR A 1 90  ? -3.633  -2.827  -6.698  1.00 8.38  ?  90  TYR A CD2 1 
ATOM   719  C CE1 . TYR A 1 90  ? -6.267  -1.999  -6.622  1.00 10.07 ?  90  TYR A CE1 1 
ATOM   720  C CE2 . TYR A 1 90  ? -4.237  -2.324  -7.850  1.00 11.70 ?  90  TYR A CE2 1 
ATOM   721  C CZ  . TYR A 1 90  ? -5.568  -1.916  -7.794  1.00 8.76  ?  90  TYR A CZ  1 
ATOM   722  O OH  . TYR A 1 90  ? -6.192  -1.420  -8.917  1.00 11.92 ?  90  TYR A OH  1 
ATOM   723  N N   . CYS A 1 91  ? -3.226  -2.532  -1.004  1.00 8.21  ?  91  CYS A N   1 
ATOM   724  C CA  A CYS A 1 91  ? -2.916  -3.292  0.193   0.34 8.27  ?  91  CYS A CA  1 
ATOM   725  C CA  B CYS A 1 91  ? -2.915  -3.294  0.194   0.66 8.26  ?  91  CYS A CA  1 
ATOM   726  C C   . CYS A 1 91  ? -3.671  -4.617  0.178   1.00 9.10  ?  91  CYS A C   1 
ATOM   727  O O   . CYS A 1 91  ? -4.690  -4.778  -0.508  1.00 9.94  ?  91  CYS A O   1 
ATOM   728  C CB  A CYS A 1 91  ? -3.238  -2.495  1.460   0.34 11.51 ?  91  CYS A CB  1 
ATOM   729  C CB  B CYS A 1 91  ? -3.288  -2.523  1.456   0.66 11.55 ?  91  CYS A CB  1 
ATOM   730  S SG  A CYS A 1 91  ? -4.956  -1.969  1.660   0.34 9.84  ?  91  CYS A SG  1 
ATOM   731  S SG  B CYS A 1 91  ? -5.056  -2.449  1.724   0.66 13.18 ?  91  CYS A SG  1 
ATOM   732  N N   . GLN A 1 92  ? -3.167  -5.571  0.952   1.00 8.14  ?  92  GLN A N   1 
ATOM   733  C CA  . GLN A 1 92  ? -3.731  -6.916  0.948   1.00 9.21  ?  92  GLN A CA  1 
ATOM   734  C C   . GLN A 1 92  ? -3.413  -7.590  2.270   1.00 9.81  ?  92  GLN A C   1 
ATOM   735  O O   . GLN A 1 92  ? -2.308  -7.441  2.796   1.00 8.67  ?  92  GLN A O   1 
ATOM   736  C CB  . GLN A 1 92  ? -3.137  -7.752  -0.197  1.00 7.98  ?  92  GLN A CB  1 
ATOM   737  C CG  . GLN A 1 92  ? -3.571  -9.228  -0.202  1.00 8.12  ?  92  GLN A CG  1 
ATOM   738  C CD  . GLN A 1 92  ? -2.546  -10.142 0.426   1.00 7.03  ?  92  GLN A CD  1 
ATOM   739  O OE1 . GLN A 1 92  ? -1.363  -10.014 0.154   1.00 9.49  ?  92  GLN A OE1 1 
ATOM   740  N NE2 . GLN A 1 92  ? -2.992  -11.053 1.293   1.00 9.17  ?  92  GLN A NE2 1 
ATOM   741  N N   . SER A 1 93  ? -4.385  -8.325  2.806   1.00 7.96  ?  93  SER A N   1 
ATOM   742  C CA  . SER A 1 93  ? -4.137  -9.110  4.002   1.00 6.97  ?  93  SER A CA  1 
ATOM   743  C C   . SER A 1 93  ? -5.064  -10.318 4.008   1.00 11.40 ?  93  SER A C   1 
ATOM   744  O O   . SER A 1 93  ? -5.453  -10.802 2.935   1.00 10.64 ?  93  SER A O   1 
ATOM   745  C CB  . SER A 1 93  ? -4.288  -8.243  5.258   1.00 10.05 ?  93  SER A CB  1 
ATOM   746  O OG  . SER A 1 93  ? -3.755  -8.907  6.385   1.00 10.03 ?  93  SER A OG  1 
ATOM   747  N N   . TYR A 1 94  ? -5.429  -10.812 5.192   1.00 8.66  ?  94  TYR A N   1 
ATOM   748  C CA  . TYR A 1 94  ? -6.182  -12.051 5.313   1.00 8.17  ?  94  TYR A CA  1 
ATOM   749  C C   . TYR A 1 94  ? -7.258  -11.889 6.369   1.00 16.26 ?  94  TYR A C   1 
ATOM   750  O O   . TYR A 1 94  ? -7.072  -11.177 7.361   1.00 12.61 ?  94  TYR A O   1 
ATOM   751  C CB  . TYR A 1 94  ? -5.298  -13.222 5.742   1.00 9.16  ?  94  TYR A CB  1 
ATOM   752  C CG  . TYR A 1 94  ? -4.124  -13.386 4.823   1.00 11.83 ?  94  TYR A CG  1 
ATOM   753  C CD1 . TYR A 1 94  ? -4.255  -14.063 3.618   1.00 13.87 ?  94  TYR A CD1 1 
ATOM   754  C CD2 . TYR A 1 94  ? -2.887  -12.832 5.146   1.00 11.97 ?  94  TYR A CD2 1 
ATOM   755  C CE1 . TYR A 1 94  ? -3.173  -14.201 2.749   1.00 11.71 ?  94  TYR A CE1 1 
ATOM   756  C CE2 . TYR A 1 94  ? -1.797  -12.952 4.270   1.00 14.45 ?  94  TYR A CE2 1 
ATOM   757  C CZ  . TYR A 1 94  ? -1.947  -13.640 3.086   1.00 14.75 ?  94  TYR A CZ  1 
ATOM   758  O OH  . TYR A 1 94  ? -0.868  -13.768 2.229   1.00 13.82 ?  94  TYR A OH  1 
ATOM   759  N N   . ASN A 1 95  ? -8.380  -12.565 6.140   1.00 13.07 ?  95  ASN A N   1 
ATOM   760  C CA  . ASN A 1 95  ? -9.439  -12.642 7.136   1.00 14.27 ?  95  ASN A CA  1 
ATOM   761  C C   . ASN A 1 95  ? -9.194  -13.819 8.084   1.00 15.27 ?  95  ASN A C   1 
ATOM   762  O O   . ASN A 1 95  ? -8.211  -14.558 7.961   1.00 16.23 ?  95  ASN A O   1 
ATOM   763  C CB  . ASN A 1 95  ? -10.815 -12.657 6.465   1.00 12.09 ?  95  ASN A CB  1 
ATOM   764  C CG  . ASN A 1 95  ? -11.112 -13.961 5.731   1.00 11.57 ?  95  ASN A CG  1 
ATOM   765  O OD1 . ASN A 1 95  ? -10.460 -14.983 5.943   1.00 14.55 ?  95  ASN A OD1 1 
ATOM   766  N ND2 . ASN A 1 95  ? -12.132 -13.930 4.882   1.00 18.08 ?  95  ASN A ND2 1 
ATOM   767  N N   . SER A 1 96  ? -10.114 -14.011 9.037   1.00 18.65 ?  96  SER A N   1 
ATOM   768  C CA  . SER A 1 96  ? -9.922  -15.028 10.069  1.00 18.82 ?  96  SER A CA  1 
ATOM   769  C C   . SER A 1 96  ? -9.908  -16.443 9.507   1.00 19.06 ?  96  SER A C   1 
ATOM   770  O O   . SER A 1 96  ? -9.434  -17.362 10.185  1.00 28.07 ?  96  SER A O   1 
ATOM   771  C CB  . SER A 1 96  ? -11.004 -14.909 11.148  1.00 22.09 ?  96  SER A CB  1 
ATOM   772  O OG  . SER A 1 96  ? -12.288 -15.151 10.604  1.00 34.68 ?  96  SER A OG  1 
ATOM   773  N N   . ASN A 1 97  ? -10.405 -16.640 8.288   1.00 20.55 ?  97  ASN A N   1 
ATOM   774  C CA  . ASN A 1 97  ? -10.350 -17.933 7.616   1.00 20.62 ?  97  ASN A CA  1 
ATOM   775  C C   . ASN A 1 97  ? -9.144  -18.079 6.688   1.00 21.92 ?  97  ASN A C   1 
ATOM   776  O O   . ASN A 1 97  ? -9.118  -19.002 5.864   1.00 18.64 ?  97  ASN A O   1 
ATOM   777  C CB  . ASN A 1 97  ? -11.647 -18.189 6.842   1.00 24.28 ?  97  ASN A CB  1 
ATOM   778  C CG  . ASN A 1 97  ? -12.845 -18.323 7.759   1.00 30.76 ?  97  ASN A CG  1 
ATOM   779  O OD1 . ASN A 1 97  ? -13.854 -17.641 7.582   1.00 31.70 ?  97  ASN A OD1 1 
ATOM   780  N ND2 . ASN A 1 97  ? -12.729 -19.191 8.764   1.00 29.86 ?  97  ASN A ND2 1 
ATOM   781  N N   . HIS A 1 98  ? -8.155  -17.192 6.811   1.00 18.30 ?  98  HIS A N   1 
ATOM   782  C CA  . HIS A 1 98  ? -6.928  -17.212 6.029   1.00 19.82 ?  98  HIS A CA  1 
ATOM   783  C C   . HIS A 1 98  ? -7.157  -16.899 4.555   1.00 17.93 ?  98  HIS A C   1 
ATOM   784  O O   . HIS A 1 98  ? -6.305  -17.202 3.719   1.00 13.94 ?  98  HIS A O   1 
ATOM   785  C CB  . HIS A 1 98  ? -6.135  -18.513 6.230   1.00 27.71 ?  98  HIS A CB  1 
ATOM   786  C CG  . HIS A 1 98  ? -6.140  -18.991 7.649   1.00 35.42 ?  98  HIS A CG  1 
ATOM   787  N ND1 . HIS A 1 98  ? -5.578  -18.266 8.679   1.00 38.54 ?  98  HIS A ND1 1 
ATOM   788  C CD2 . HIS A 1 98  ? -6.664  -20.104 8.216   1.00 36.35 ?  98  HIS A CD2 1 
ATOM   789  C CE1 . HIS A 1 98  ? -5.747  -18.916 9.818   1.00 35.87 ?  98  HIS A CE1 1 
ATOM   790  N NE2 . HIS A 1 98  ? -6.401  -20.036 9.563   1.00 44.31 ?  98  HIS A NE2 1 
ATOM   791  N N   . HIS A 1 99  ? -8.280  -16.274 4.218   1.00 13.13 ?  99  HIS A N   1 
ATOM   792  C CA  . HIS A 1 99  ? -8.578  -15.936 2.836   1.00 13.63 ?  99  HIS A CA  1 
ATOM   793  C C   . HIS A 1 99  ? -8.167  -14.503 2.535   1.00 15.36 ?  99  HIS A C   1 
ATOM   794  O O   . HIS A 1 99  ? -8.173  -13.642 3.415   1.00 14.25 ?  99  HIS A O   1 
ATOM   795  C CB  . HIS A 1 99  ? -10.059 -16.160 2.531   1.00 15.05 ?  99  HIS A CB  1 
ATOM   796  C CG  . HIS A 1 99  ? -10.454 -17.602 2.609   1.00 14.35 ?  99  HIS A CG  1 
ATOM   797  N ND1 . HIS A 1 99  ? -11.620 -18.031 3.201   1.00 19.20 ?  99  HIS A ND1 1 
ATOM   798  C CD2 . HIS A 1 99  ? -9.810  -18.717 2.187   1.00 17.97 ?  99  HIS A CD2 1 
ATOM   799  C CE1 . HIS A 1 99  ? -11.689 -19.350 3.126   1.00 20.18 ?  99  HIS A CE1 1 
ATOM   800  N NE2 . HIS A 1 99  ? -10.603 -19.791 2.515   1.00 17.11 ?  99  HIS A NE2 1 
ATOM   801  N N   . VAL A 1 100 ? -7.826  -14.256 1.268   1.00 10.31 ?  100 VAL A N   1 
ATOM   802  C CA  . VAL A 1 100 ? -7.196  -13.003 0.858   1.00 9.51  ?  100 VAL A CA  1 
ATOM   803  C C   . VAL A 1 100 ? -8.226  -11.884 0.820   1.00 15.96 ?  100 VAL A C   1 
ATOM   804  O O   . VAL A 1 100 ? -9.357  -12.074 0.354   1.00 14.97 ?  100 VAL A O   1 
ATOM   805  C CB  . VAL A 1 100 ? -6.526  -13.190 -0.518  1.00 9.32  ?  100 VAL A CB  1 
ATOM   806  C CG1 . VAL A 1 100 ? -6.043  -11.866 -1.096  1.00 8.36  ?  100 VAL A CG1 1 
ATOM   807  C CG2 . VAL A 1 100 ? -5.363  -14.185 -0.407  1.00 10.12 ?  100 VAL A CG2 1 
ATOM   808  N N   . VAL A 1 101 ? -7.830  -10.701 1.300   1.00 9.83  ?  101 VAL A N   1 
ATOM   809  C CA  . VAL A 1 101 ? -8.644  -9.491  1.235   1.00 9.22  ?  101 VAL A CA  1 
ATOM   810  C C   . VAL A 1 101 ? -7.791  -8.371  0.650   1.00 10.22 ?  101 VAL A C   1 
ATOM   811  O O   . VAL A 1 101 ? -6.653  -8.164  1.090   1.00 10.78 ?  101 VAL A O   1 
ATOM   812  C CB  . VAL A 1 101 ? -9.163  -9.098  2.630   1.00 14.02 ?  101 VAL A CB  1 
ATOM   813  C CG1 . VAL A 1 101 ? -9.916  -7.775  2.566   1.00 15.04 ?  101 VAL A CG1 1 
ATOM   814  C CG2 . VAL A 1 101 ? -10.043 -10.209 3.190   1.00 14.90 ?  101 VAL A CG2 1 
ATOM   815  N N   . PHE A 1 102 ? -8.326  -7.672  -0.347  1.00 9.89  ?  102 PHE A N   1 
ATOM   816  C CA  . PHE A 1 102 ? -7.652  -6.543  -0.979  1.00 9.24  ?  102 PHE A CA  1 
ATOM   817  C C   . PHE A 1 102 ? -8.297  -5.224  -0.584  1.00 12.76 ?  102 PHE A C   1 
ATOM   818  O O   . PHE A 1 102 ? -9.530  -5.106  -0.533  1.00 12.69 ?  102 PHE A O   1 
ATOM   819  C CB  . PHE A 1 102 ? -7.714  -6.625  -2.510  1.00 10.19 ?  102 PHE A CB  1 
ATOM   820  C CG  . PHE A 1 102 ? -6.742  -7.596  -3.106  1.00 10.44 ?  102 PHE A CG  1 
ATOM   821  C CD1 . PHE A 1 102 ? -5.398  -7.266  -3.223  1.00 8.92  ?  102 PHE A CD1 1 
ATOM   822  C CD2 . PHE A 1 102 ? -7.171  -8.820  -3.582  1.00 14.02 ?  102 PHE A CD2 1 
ATOM   823  C CE1 . PHE A 1 102 ? -4.499  -8.154  -3.792  1.00 9.57  ?  102 PHE A CE1 1 
ATOM   824  C CE2 . PHE A 1 102 ? -6.283  -9.721  -4.146  1.00 13.71 ?  102 PHE A CE2 1 
ATOM   825  C CZ  . PHE A 1 102 ? -4.938  -9.390  -4.243  1.00 11.60 ?  102 PHE A CZ  1 
ATOM   826  N N   . GLY A 1 103 ? -7.460  -4.220  -0.359  1.00 8.41  ?  103 GLY A N   1 
ATOM   827  C CA  . GLY A 1 103 ? -7.943  -2.858  -0.374  1.00 7.23  ?  103 GLY A CA  1 
ATOM   828  C C   . GLY A 1 103 ? -8.395  -2.446  -1.762  1.00 11.26 ?  103 GLY A C   1 
ATOM   829  O O   . GLY A 1 103 ? -8.054  -3.065  -2.772  1.00 12.05 ?  103 GLY A O   1 
ATOM   830  N N   . GLY A 1 104 ? -9.162  -1.355  -1.815  1.00 10.01 ?  104 GLY A N   1 
ATOM   831  C CA  . GLY A 1 104 ? -9.717  -0.918  -3.078  1.00 10.30 ?  104 GLY A CA  1 
ATOM   832  C C   . GLY A 1 104 ? -8.704  -0.337  -4.038  1.00 14.46 ?  104 GLY A C   1 
ATOM   833  O O   . GLY A 1 104 ? -9.017  -0.193  -5.216  1.00 11.50 ?  104 GLY A O   1 
ATOM   834  N N   . GLY A 1 105 ? -7.519  0.018   -3.562  1.00 10.54 ?  105 GLY A N   1 
ATOM   835  C CA  . GLY A 1 105 ? -6.448  0.531   -4.394  1.00 8.20  ?  105 GLY A CA  1 
ATOM   836  C C   . GLY A 1 105 ? -6.355  2.045   -4.400  1.00 13.72 ?  105 GLY A C   1 
ATOM   837  O O   . GLY A 1 105 ? -7.356  2.764   -4.309  1.00 14.39 ?  105 GLY A O   1 
ATOM   838  N N   . THR A 1 106 ? -5.123  2.543   -4.556  1.00 8.34  ?  106 THR A N   1 
ATOM   839  C CA  . THR A 1 106 ? -4.840  3.964   -4.681  1.00 8.83  ?  106 THR A CA  1 
ATOM   840  C C   . THR A 1 106 ? -4.017  4.209   -5.933  1.00 13.72 ?  106 THR A C   1 
ATOM   841  O O   . THR A 1 106 ? -2.980  3.563   -6.135  1.00 9.29  ?  106 THR A O   1 
ATOM   842  C CB  . THR A 1 106 ? -4.029  4.457   -3.479  1.00 6.42  ?  106 THR A CB  1 
ATOM   843  O OG1 . THR A 1 106 ? -4.732  4.126   -2.275  1.00 10.02 ?  106 THR A OG1 1 
ATOM   844  C CG2 . THR A 1 106 ? -3.800  5.951   -3.561  1.00 10.42 ?  106 THR A CG2 1 
ATOM   845  N N   . LYS A 1 107 ? -4.448  5.159   -6.751  1.00 13.49 ?  107 LYS A N   1 
ATOM   846  C CA  . LYS A 1 107 ? -3.639  5.586   -7.883  1.00 13.96 ?  107 LYS A CA  1 
ATOM   847  C C   . LYS A 1 107 ? -2.747  6.741   -7.449  1.00 14.93 ?  107 LYS A C   1 
ATOM   848  O O   . LYS A 1 107 ? -3.239  7.776   -6.983  1.00 17.92 ?  107 LYS A O   1 
ATOM   849  C CB  . LYS A 1 107 ? -4.511  5.990   -9.074  1.00 18.06 ?  107 LYS A CB  1 
ATOM   850  C CG  . LYS A 1 107 ? -3.720  6.553   -10.260 1.00 20.09 ?  107 LYS A CG  1 
ATOM   851  C CD  . LYS A 1 107 ? -2.753  5.518   -10.821 1.00 19.13 ?  107 LYS A CD  1 
ATOM   852  C CE  . LYS A 1 107 ? -2.572  5.679   -12.325 1.00 29.97 ?  107 LYS A CE  1 
ATOM   853  N NZ  . LYS A 1 107 ? -2.083  7.038   -12.685 1.00 30.55 ?  107 LYS A NZ  1 
ATOM   854  N N   . VAL A 1 108 ? -1.441  6.551   -7.572  1.00 9.94  ?  108 VAL A N   1 
ATOM   855  C CA  . VAL A 1 108 ? -0.475  7.621   -7.360  1.00 12.10 ?  108 VAL A CA  1 
ATOM   856  C C   . VAL A 1 108 ? -0.241  8.318   -8.692  1.00 21.88 ?  108 VAL A C   1 
ATOM   857  O O   . VAL A 1 108 ? 0.229   7.702   -9.656  1.00 14.59 ?  108 VAL A O   1 
ATOM   858  C CB  . VAL A 1 108 ? 0.840   7.076   -6.784  1.00 11.04 ?  108 VAL A CB  1 
ATOM   859  C CG1 . VAL A 1 108 ? 1.903   8.178   -6.726  1.00 15.81 ?  108 VAL A CG1 1 
ATOM   860  C CG2 . VAL A 1 108 ? 0.584   6.476   -5.399  1.00 10.93 ?  108 VAL A CG2 1 
ATOM   861  N N   . THR A 1 109 ? -0.573  9.602   -8.754  1.00 20.59 ?  109 THR A N   1 
ATOM   862  C CA  . THR A 1 109 ? -0.307  10.422  -9.925  1.00 21.37 ?  109 THR A CA  1 
ATOM   863  C C   . THR A 1 109 ? 0.870   11.335  -9.618  1.00 27.12 ?  109 THR A C   1 
ATOM   864  O O   . THR A 1 109 ? 0.876   12.030  -8.597  1.00 26.69 ?  109 THR A O   1 
ATOM   865  C CB  . THR A 1 109 ? -1.545  11.247  -10.297 1.00 17.69 ?  109 THR A CB  1 
ATOM   866  O OG1 . THR A 1 109 ? -2.626  10.374  -10.655 1.00 28.58 ?  109 THR A OG1 1 
ATOM   867  C CG2 . THR A 1 109 ? -1.234  12.176  -11.459 1.00 25.78 ?  109 THR A CG2 1 
ATOM   868  N N   . VAL A 1 110 ? 1.872   11.324  -10.491 1.00 19.56 ?  110 VAL A N   1 
ATOM   869  C CA  . VAL A 1 110 ? 3.056   12.155  -10.338 1.00 24.88 ?  110 VAL A CA  1 
ATOM   870  C C   . VAL A 1 110 ? 2.885   13.372  -11.235 1.00 38.52 ?  110 VAL A C   1 
ATOM   871  O O   . VAL A 1 110 ? 2.590   13.231  -12.428 1.00 28.93 ?  110 VAL A O   1 
ATOM   872  C CB  . VAL A 1 110 ? 4.329   11.361  -10.680 1.00 28.64 ?  110 VAL A CB  1 
ATOM   873  C CG1 . VAL A 1 110 ? 5.557   12.199  -10.456 1.00 23.16 ?  110 VAL A CG1 1 
ATOM   874  C CG2 . VAL A 1 110 ? 4.392   10.080  -9.831  1.00 22.39 ?  110 VAL A CG2 1 
ATOM   875  N N   . LEU A 1 111 ? 3.044   14.562  -10.658 1.00 34.04 ?  111 LEU A N   1 
ATOM   876  C CA  . LEU A 1 111 ? 2.712   15.818  -11.342 1.00 34.96 ?  111 LEU A CA  1 
ATOM   877  C C   . LEU A 1 111 ? 3.945   16.540  -11.865 1.00 30.46 ?  111 LEU A C   1 
ATOM   878  O O   . LEU A 1 111 ? 4.835   15.927  -12.459 1.00 42.70 ?  111 LEU A O   1 
ATOM   879  C CB  . LEU A 1 111 ? 1.951   16.743  -10.390 1.00 34.93 ?  111 LEU A CB  1 
ATOM   880  C CG  . LEU A 1 111 ? 0.647   16.207  -9.800  1.00 30.25 ?  111 LEU A CG  1 
ATOM   881  C CD1 . LEU A 1 111 ? 0.194   17.061  -8.626  1.00 41.37 ?  111 LEU A CD1 1 
ATOM   882  C CD2 . LEU A 1 111 ? -0.442  16.130  -10.864 1.00 35.70 ?  111 LEU A CD2 1 
HETATM 883  C C   . ACT B 2 .   ? -3.859  -15.239 8.266   1.00 36.00 ?  201 ACT A C   1 
HETATM 884  O O   . ACT B 2 .   ? -3.555  -16.066 7.363   1.00 39.66 ?  201 ACT A O   1 
HETATM 885  O OXT . ACT B 2 .   ? -2.954  -14.453 8.632   1.00 28.14 ?  201 ACT A OXT 1 
HETATM 886  C CH3 . ACT B 2 .   ? -5.227  -15.180 8.883   1.00 31.94 ?  201 ACT A CH3 1 
HETATM 887  O O   . HOH C 3 .   ? 15.182  3.677   -8.074  1.00 39.33 ?  301 HOH A O   1 
HETATM 888  O O   . HOH C 3 .   ? -6.768  -11.180 9.773   1.00 15.46 ?  302 HOH A O   1 
HETATM 889  O O   . HOH C 3 .   ? 11.173  7.858   -12.886 1.00 23.36 ?  303 HOH A O   1 
HETATM 890  O O   . HOH C 3 .   ? -6.675  -2.846  15.746  1.00 36.93 ?  304 HOH A O   1 
HETATM 891  O O   . HOH C 3 .   ? 13.664  9.917   -5.959  1.00 39.41 ?  305 HOH A O   1 
HETATM 892  O O   . HOH C 3 .   ? -0.735  7.275   5.579   1.00 32.54 ?  306 HOH A O   1 
HETATM 893  O O   . HOH C 3 .   ? 13.596  8.928   -0.504  1.00 39.05 ?  307 HOH A O   1 
HETATM 894  O O   . HOH C 3 .   ? 0.957   -4.220  15.593  1.00 40.47 ?  308 HOH A O   1 
HETATM 895  O O   . HOH C 3 .   ? 13.120  3.476   -9.427  1.00 37.29 ?  309 HOH A O   1 
HETATM 896  O O   . HOH C 3 .   ? 1.475   -13.760 3.232   1.00 24.40 ?  310 HOH A O   1 
HETATM 897  O O   . HOH C 3 .   ? -7.835  4.040   5.223   1.00 18.16 ?  311 HOH A O   1 
HETATM 898  O O   . HOH C 3 .   ? -1.017  6.829   -15.349 1.00 35.55 ?  312 HOH A O   1 
HETATM 899  O O   . HOH C 3 .   ? 14.006  1.095   5.489   1.00 25.36 ?  313 HOH A O   1 
HETATM 900  O O   . HOH C 3 .   ? -4.900  -1.492  -11.144 1.00 17.50 ?  314 HOH A O   1 
HETATM 901  O O   . HOH C 3 .   ? -16.545 -5.126  7.466   1.00 31.57 ?  315 HOH A O   1 
HETATM 902  O O   . HOH C 3 .   ? 11.757  12.637  -8.767  1.00 31.99 ?  316 HOH A O   1 
HETATM 903  O O   A HOH C 3 .   ? -13.490 -16.440 4.079   0.58 20.58 ?  317 HOH A O   1 
HETATM 904  O O   B HOH C 3 .   ? -14.866 -16.054 3.611   0.42 23.10 ?  317 HOH A O   1 
HETATM 905  O O   . HOH C 3 .   ? 5.085   -11.383 -2.418  1.00 25.92 ?  318 HOH A O   1 
HETATM 906  O O   . HOH C 3 .   ? 3.421   12.001  -14.587 1.00 33.89 ?  319 HOH A O   1 
HETATM 907  O O   . HOH C 3 .   ? -4.739  2.840   -13.305 1.00 65.84 ?  320 HOH A O   1 
HETATM 908  O O   . HOH C 3 .   ? 4.809   -5.805  12.259  1.00 41.38 ?  321 HOH A O   1 
HETATM 909  O O   . HOH C 3 .   ? 10.467  13.292  -0.485  1.00 25.93 ?  322 HOH A O   1 
HETATM 910  O O   . HOH C 3 .   ? 8.888   -6.866  -6.324  1.00 27.88 ?  323 HOH A O   1 
HETATM 911  O O   . HOH C 3 .   ? 9.487   -11.230 7.109   1.00 18.37 ?  324 HOH A O   1 
HETATM 912  O O   . HOH C 3 .   ? -4.319  9.546   -8.651  1.00 23.68 ?  325 HOH A O   1 
HETATM 913  O O   . HOH C 3 .   ? 19.113  0.659   1.239   1.00 18.04 ?  326 HOH A O   1 
HETATM 914  O O   . HOH C 3 .   ? -4.611  -7.298  8.757   1.00 15.77 ?  327 HOH A O   1 
HETATM 915  O O   . HOH C 3 .   ? 6.839   4.471   6.739   1.00 29.88 ?  328 HOH A O   1 
HETATM 916  O O   . HOH C 3 .   ? 13.422  -9.295  1.513   1.00 27.91 ?  329 HOH A O   1 
HETATM 917  O O   . HOH C 3 .   ? -9.809  2.715   -3.167  1.00 16.13 ?  330 HOH A O   1 
HETATM 918  O O   . HOH C 3 .   ? -0.586  -13.217 8.187   1.00 14.19 ?  331 HOH A O   1 
HETATM 919  O O   . HOH C 3 .   ? 15.140  -1.778  -0.228  1.00 20.11 ?  332 HOH A O   1 
HETATM 920  O O   . HOH C 3 .   ? -1.430  -12.432 14.631  1.00 47.76 ?  333 HOH A O   1 
HETATM 921  O O   . HOH C 3 .   ? -7.738  5.302   9.215   1.00 22.45 ?  334 HOH A O   1 
HETATM 922  O O   . HOH C 3 .   ? 8.434   1.904   7.958   1.00 33.44 ?  335 HOH A O   1 
HETATM 923  O O   . HOH C 3 .   ? 3.916   -13.991 5.771   1.00 27.08 ?  336 HOH A O   1 
HETATM 924  O O   . HOH C 3 .   ? 7.580   -4.303  -7.097  1.00 28.72 ?  337 HOH A O   1 
HETATM 925  O O   . HOH C 3 .   ? -0.687  3.134   17.156  1.00 42.82 ?  338 HOH A O   1 
HETATM 926  O O   . HOH C 3 .   ? -15.811 -9.424  10.206  1.00 33.32 ?  339 HOH A O   1 
HETATM 927  O O   . HOH C 3 .   ? 1.309   3.745   10.155  1.00 21.38 ?  340 HOH A O   1 
HETATM 928  O O   . HOH C 3 .   ? -8.360  -16.408 -0.345  1.00 22.13 ?  341 HOH A O   1 
HETATM 929  O O   . HOH C 3 .   ? 9.129   6.015   2.561   1.00 16.23 ?  342 HOH A O   1 
HETATM 930  O O   . HOH C 3 .   ? 3.300   -11.931 3.453   1.00 27.12 ?  343 HOH A O   1 
HETATM 931  O O   . HOH C 3 .   ? -7.256  -0.956  16.696  1.00 32.88 ?  344 HOH A O   1 
HETATM 932  O O   . HOH C 3 .   ? -1.143  3.157   9.256   1.00 20.66 ?  345 HOH A O   1 
HETATM 933  O O   . HOH C 3 .   ? -2.315  0.449   -13.129 1.00 28.09 ?  346 HOH A O   1 
HETATM 934  O O   . HOH C 3 .   ? -13.104 1.535   7.264   1.00 19.13 ?  347 HOH A O   1 
HETATM 935  O O   . HOH C 3 .   ? 8.829   -0.632  -11.725 1.00 19.19 ?  348 HOH A O   1 
HETATM 936  O O   . HOH C 3 .   ? 17.080  1.772   -2.440  1.00 23.32 ?  349 HOH A O   1 
HETATM 937  O O   . HOH C 3 .   ? 9.327   18.600  -8.386  1.00 39.43 ?  350 HOH A O   1 
HETATM 938  O O   . HOH C 3 .   ? 11.945  -10.191 5.573   1.00 16.82 ?  351 HOH A O   1 
HETATM 939  O O   . HOH C 3 .   ? 11.788  5.812   2.628   1.00 33.88 ?  352 HOH A O   1 
HETATM 940  O O   . HOH C 3 .   ? 4.345   4.056   5.894   1.00 12.07 ?  353 HOH A O   1 
HETATM 941  O O   . HOH C 3 .   ? 15.082  -4.976  -0.309  1.00 21.61 ?  354 HOH A O   1 
HETATM 942  O O   . HOH C 3 .   ? 1.957   -1.834  6.002   1.00 9.65  ?  355 HOH A O   1 
HETATM 943  O O   . HOH C 3 .   ? -6.017  -9.083  10.242  1.00 20.43 ?  356 HOH A O   1 
HETATM 944  O O   . HOH C 3 .   ? -9.289  -9.518  13.112  1.00 36.80 ?  357 HOH A O   1 
HETATM 945  O O   . HOH C 3 .   ? 9.727   12.112  3.567   1.00 44.41 ?  358 HOH A O   1 
HETATM 946  O O   . HOH C 3 .   ? 8.413   2.294   -9.134  1.00 15.65 ?  359 HOH A O   1 
HETATM 947  O O   . HOH C 3 .   ? 9.150   -0.447  5.186   1.00 9.74  ?  360 HOH A O   1 
HETATM 948  O O   . HOH C 3 .   ? -8.739  4.964   11.785  1.00 21.83 ?  361 HOH A O   1 
HETATM 949  O O   . HOH C 3 .   ? 6.519   -9.351  -6.873  1.00 22.90 ?  362 HOH A O   1 
HETATM 950  O O   . HOH C 3 .   ? 16.284  -0.734  -6.654  1.00 33.77 ?  363 HOH A O   1 
HETATM 951  O O   . HOH C 3 .   ? 2.568   -4.249  -12.581 1.00 10.99 ?  364 HOH A O   1 
HETATM 952  O O   . HOH C 3 .   ? 2.065   2.509   -14.256 1.00 23.70 ?  365 HOH A O   1 
HETATM 953  O O   . HOH C 3 .   ? 4.825   -3.146  -11.003 1.00 15.55 ?  366 HOH A O   1 
HETATM 954  O O   . HOH C 3 .   ? -11.150 -0.132  -0.082  1.00 16.95 ?  367 HOH A O   1 
HETATM 955  O O   . HOH C 3 .   ? 4.341   -10.355 -10.524 1.00 31.54 ?  368 HOH A O   1 
HETATM 956  O O   . HOH C 3 .   ? -11.714 -4.973  1.305   1.00 13.39 ?  369 HOH A O   1 
HETATM 957  O O   . HOH C 3 .   ? 11.863  11.768  -14.552 1.00 41.44 ?  370 HOH A O   1 
HETATM 958  O O   . HOH C 3 .   ? -13.804 -8.581  2.213   1.00 30.27 ?  371 HOH A O   1 
HETATM 959  O O   . HOH C 3 .   ? -3.924  -3.510  -14.003 1.00 31.15 ?  372 HOH A O   1 
HETATM 960  O O   . HOH C 3 .   ? -10.942 -8.309  -1.365  1.00 17.07 ?  373 HOH A O   1 
HETATM 961  O O   . HOH C 3 .   ? -4.780  7.650   3.622   1.00 17.94 ?  374 HOH A O   1 
HETATM 962  O O   . HOH C 3 .   ? -9.054  9.337   -2.520  1.00 21.55 ?  375 HOH A O   1 
HETATM 963  O O   . HOH C 3 .   ? 1.264   12.504  -14.891 1.00 42.74 ?  376 HOH A O   1 
HETATM 964  O O   . HOH C 3 .   ? -0.337  -6.109  10.594  1.00 16.42 ?  377 HOH A O   1 
HETATM 965  O O   . HOH C 3 .   ? 11.235  11.369  -11.638 1.00 34.14 ?  378 HOH A O   1 
HETATM 966  O O   . HOH C 3 .   ? -5.049  5.755   9.548   1.00 31.43 ?  379 HOH A O   1 
HETATM 967  O O   . HOH C 3 .   ? -13.012 -2.559  0.812   1.00 25.73 ?  380 HOH A O   1 
HETATM 968  O O   . HOH C 3 .   ? 4.948   0.088   11.722  1.00 20.32 ?  381 HOH A O   1 
HETATM 969  O O   . HOH C 3 .   ? -13.329 -11.097 4.308   1.00 26.77 ?  382 HOH A O   1 
HETATM 970  O O   . HOH C 3 .   ? 3.362   -10.016 -1.019  1.00 20.32 ?  383 HOH A O   1 
HETATM 971  O O   . HOH C 3 .   ? 4.606   5.444   -14.627 1.00 32.73 ?  384 HOH A O   1 
HETATM 972  O O   . HOH C 3 .   ? 13.334  -10.734 -1.986  1.00 34.16 ?  385 HOH A O   1 
HETATM 973  O O   . HOH C 3 .   ? -2.495  16.489  -4.235  1.00 47.60 ?  386 HOH A O   1 
HETATM 974  O O   . HOH C 3 .   ? 4.274   -8.115  -13.281 1.00 21.63 ?  387 HOH A O   1 
HETATM 975  O O   . HOH C 3 .   ? -14.176 -0.787  2.668   1.00 25.61 ?  388 HOH A O   1 
HETATM 976  O O   . HOH C 3 .   ? 1.910   -1.472  -18.559 1.00 38.79 ?  389 HOH A O   1 
HETATM 977  O O   . HOH C 3 .   ? 2.175   -9.030  -16.367 1.00 17.81 ?  390 HOH A O   1 
HETATM 978  O O   . HOH C 3 .   ? 8.256   -6.116  11.172  1.00 30.05 ?  391 HOH A O   1 
HETATM 979  O O   . HOH C 3 .   ? -2.856  8.314   5.513   1.00 29.32 ?  392 HOH A O   1 
HETATM 980  O O   . HOH C 3 .   ? 1.171   0.830   16.252  1.00 37.87 ?  393 HOH A O   1 
HETATM 981  O O   . HOH C 3 .   ? -12.055 -10.631 11.205  1.00 39.02 ?  394 HOH A O   1 
HETATM 982  O O   . HOH C 3 .   ? -7.770  -21.449 4.805   1.00 32.61 ?  395 HOH A O   1 
HETATM 983  O O   . HOH C 3 .   ? 15.256  -7.848  1.271   1.00 29.60 ?  396 HOH A O   1 
HETATM 984  O O   . HOH C 3 .   ? -14.449 -2.592  12.608  1.00 33.87 ?  397 HOH A O   1 
HETATM 985  O O   . HOH C 3 .   ? 12.678  -9.804  -5.466  1.00 38.20 ?  398 HOH A O   1 
HETATM 986  O O   . HOH C 3 .   ? 4.134   -11.038 -5.945  1.00 36.29 ?  399 HOH A O   1 
HETATM 987  O O   . HOH C 3 .   ? 6.542   16.025  0.645   1.00 27.53 ?  400 HOH A O   1 
HETATM 988  O O   . HOH C 3 .   ? -5.715  12.557  -1.505  1.00 44.58 ?  401 HOH A O   1 
HETATM 989  O O   . HOH C 3 .   ? -7.150  12.822  -3.833  1.00 32.71 ?  402 HOH A O   1 
HETATM 990  O O   . HOH C 3 .   ? -11.509 -4.283  -2.634  1.00 27.39 ?  403 HOH A O   1 
HETATM 991  O O   . HOH C 3 .   ? -5.456  -3.212  -16.054 1.00 32.67 ?  404 HOH A O   1 
HETATM 992  O O   . HOH C 3 .   ? 7.277   -0.241  10.098  1.00 19.76 ?  405 HOH A O   1 
HETATM 993  O O   . HOH C 3 .   ? 13.585  -7.364  4.020   0.50 16.15 ?  406 HOH A O   1 
HETATM 994  O O   . HOH C 3 .   ? -14.345 -12.218 7.452   1.00 40.17 ?  407 HOH A O   1 
HETATM 995  O O   . HOH C 3 .   ? 0.198   12.052  0.960   1.00 24.45 ?  408 HOH A O   1 
HETATM 996  O O   . HOH C 3 .   ? -3.769  9.933   1.682   1.00 38.39 ?  409 HOH A O   1 
HETATM 997  O O   . HOH C 3 .   ? 1.359   -7.993  14.233  1.00 34.31 ?  410 HOH A O   1 
HETATM 998  O O   . HOH C 3 .   ? 15.203  4.943   -2.974  1.00 26.90 ?  411 HOH A O   1 
HETATM 999  O O   . HOH C 3 .   ? -3.010  13.870  -2.825  1.00 26.47 ?  412 HOH A O   1 
HETATM 1000 O O   . HOH C 3 .   ? 8.419   -1.929  -8.363  1.00 33.68 ?  413 HOH A O   1 
HETATM 1001 O O   . HOH C 3 .   ? -5.518  10.579  -11.709 1.00 31.80 ?  414 HOH A O   1 
HETATM 1002 O O   . HOH C 3 .   ? 15.265  7.039   0.699   1.00 36.96 ?  415 HOH A O   1 
HETATM 1003 O O   . HOH C 3 .   ? -7.993  -8.898  17.668  1.00 46.18 ?  416 HOH A O   1 
HETATM 1004 O O   . HOH C 3 .   ? 1.240   -8.757  11.797  1.00 28.44 ?  417 HOH A O   1 
HETATM 1005 O O   . HOH C 3 .   ? -12.770 -12.299 9.277   1.00 26.95 ?  418 HOH A O   1 
HETATM 1006 O O   . HOH C 3 .   ? 15.348  7.794   -11.959 1.00 56.09 ?  419 HOH A O   1 
HETATM 1007 O O   . HOH C 3 .   ? -16.854 -2.192  10.970  1.00 39.61 ?  420 HOH A O   1 
HETATM 1008 O O   . HOH C 3 .   ? -5.995  4.552   -12.026 1.00 33.85 ?  421 HOH A O   1 
HETATM 1009 O O   . HOH C 3 .   ? -11.090 -4.112  15.243  1.00 45.77 ?  422 HOH A O   1 
HETATM 1010 O O   . HOH C 3 .   ? 2.966   4.088   12.479  1.00 37.61 ?  423 HOH A O   1 
HETATM 1011 O O   . HOH C 3 .   ? -7.210  10.660  -0.466  1.00 37.17 ?  424 HOH A O   1 
HETATM 1012 O O   . HOH C 3 .   ? -0.890  11.936  -15.191 1.00 38.64 ?  425 HOH A O   1 
HETATM 1013 O O   . HOH C 3 .   ? 0.859   -5.590  13.072  1.00 22.96 ?  426 HOH A O   1 
HETATM 1014 O O   . HOH C 3 .   ? -5.514  13.046  -5.603  1.00 31.51 ?  427 HOH A O   1 
HETATM 1015 O O   . HOH C 3 .   ? 8.931   9.857   5.201   1.00 37.75 ?  428 HOH A O   1 
HETATM 1016 O O   . HOH C 3 .   ? -2.675  -17.986 4.611   1.00 43.33 ?  429 HOH A O   1 
HETATM 1017 O O   . HOH C 3 .   ? 12.925  9.882   -12.934 1.00 38.87 ?  430 HOH A O   1 
HETATM 1018 O O   . HOH C 3 .   ? -8.877  -10.535 10.320  1.00 29.27 ?  431 HOH A O   1 
HETATM 1019 O O   . HOH C 3 .   ? -7.414  -12.738 11.245  1.00 31.81 ?  432 HOH A O   1 
HETATM 1020 O O   . HOH C 3 .   ? -9.037  -3.299  16.429  1.00 41.85 ?  433 HOH A O   1 
HETATM 1021 O O   . HOH C 3 .   ? -11.599 -7.168  15.847  1.00 49.01 ?  434 HOH A O   1 
HETATM 1022 O O   . HOH C 3 .   ? 1.383   -10.521 14.197  1.00 42.19 ?  435 HOH A O   1 
HETATM 1023 O O   . HOH C 3 .   ? 2.912   2.238   -16.449 1.00 34.88 ?  436 HOH A O   1 
HETATM 1024 O O   . HOH C 3 .   ? -5.759  -3.203  -19.640 1.00 45.08 ?  437 HOH A O   1 
HETATM 1025 O O   . HOH C 3 .   ? 1.130   -11.078 12.091  1.00 32.41 ?  438 HOH A O   1 
HETATM 1026 O O   . HOH C 3 .   ? -1.602  2.993   -13.688 1.00 32.53 ?  439 HOH A O   1 
HETATM 1027 O O   . HOH C 3 .   ? 9.959   -14.090 7.848   1.00 33.35 ?  440 HOH A O   1 
HETATM 1028 O O   . HOH C 3 .   ? 8.673   -10.238 -4.863  1.00 37.39 ?  441 HOH A O   1 
HETATM 1029 O O   . HOH C 3 .   ? -13.000 -7.074  0.396   1.00 23.50 ?  442 HOH A O   1 
HETATM 1030 O O   . HOH C 3 .   ? -13.787 -11.500 2.008   1.00 35.44 ?  443 HOH A O   1 
HETATM 1031 O O   . HOH C 3 .   ? 9.623   0.222   -8.326  1.00 37.76 ?  444 HOH A O   1 
HETATM 1032 O O   . HOH C 3 .   ? 9.581   16.657  0.590   1.00 48.34 ?  445 HOH A O   1 
HETATM 1033 O O   . HOH C 3 .   ? -1.853  17.344  -1.309  1.00 51.14 ?  446 HOH A O   1 
HETATM 1034 O O   . HOH C 3 .   ? -4.238  -20.534 2.334   1.00 22.51 ?  447 HOH A O   1 
HETATM 1035 O O   . HOH C 3 .   ? 4.903   -2.093  12.916  1.00 37.00 ?  448 HOH A O   1 
HETATM 1036 O O   . HOH C 3 .   ? 3.131   6.244   -16.513 1.00 42.13 ?  449 HOH A O   1 
HETATM 1037 O O   . HOH C 3 .   ? -13.308 -3.306  -1.718  1.00 43.44 ?  450 HOH A O   1 
HETATM 1038 O O   . HOH C 3 .   ? -13.263 -1.265  -5.021  1.00 36.48 ?  451 HOH A O   1 
HETATM 1039 O O   . HOH C 3 .   ? 6.750   -10.051 -9.344  1.00 40.34 ?  452 HOH A O   1 
HETATM 1040 O O   . HOH C 3 .   ? 8.147   -11.625 -1.845  1.00 41.10 ?  453 HOH A O   1 
HETATM 1041 O O   . HOH C 3 .   ? -5.311  8.183   12.002  1.00 46.95 ?  454 HOH A O   1 
HETATM 1042 O O   . HOH C 3 .   ? 4.174   -8.888  14.377  1.00 46.99 ?  455 HOH A O   1 
HETATM 1043 O O   . HOH C 3 .   ? -5.283  -22.257 4.981   1.00 43.48 ?  456 HOH A O   1 
# 
